data_2VLZ
# 
_entry.id   2VLZ 
# 
_audit_conform.dict_name       mmcif_pdbx.dic 
_audit_conform.dict_version    5.382 
_audit_conform.dict_location   http://mmcif.pdb.org/dictionaries/ascii/mmcif_pdbx.dic 
# 
loop_
_database_2.database_id 
_database_2.database_code 
_database_2.pdbx_database_accession 
_database_2.pdbx_DOI 
PDB   2VLZ         pdb_00002vlz 10.2210/pdb2vlz/pdb 
PDBE  EBI-35073    ?            ?                   
WWPDB D_1290035073 ?            ?                   
# 
loop_
_pdbx_database_related.db_name 
_pdbx_database_related.db_id 
_pdbx_database_related.content_type 
_pdbx_database_related.details 
PDB 1BJE unspecified 'H64T VARIANT OF MYOGLOBIN (HORSE HEART) RECOMBINANT WILD- TYPE COMPLEXED WITH AZIDE'                       
PDB 2IN4 unspecified 'CRYSTAL STRUCTURE OF MYOGLOBIN WITH CHARGE NEUTRALIZED HEME, ZNDMB-DME'                                    
PDB 1NZ3 unspecified 'K45E-K63E VARIANT OF HORSE HEART MYOGLOBIN'                                                                
PDB 2V1I unspecified 'CRYSTAL STRUCTURE OF RADIATION-INDUCED METMYOGLOBIN - AQUA FERROUS MYOGLOBIN AT PH 6.8'                    
PDB 2V1F unspecified 'CRYSTAL STRUCTURE OF RADIATION-INDUCED MYOGLOBIN COMPOUND II - INTERMEDIATE H AT PH 8.7'                   
PDB 1DWS unspecified 'MYOGLOBIN (HORSE HEART) WILD-TYPE COMPLEXED WITH CO'                                                       
PDB 1HSY unspecified 'MYOGLOBIN MUTANT WITH HIS 64 REPLACED BY THR (H64T)'                                                       
PDB 2V1G unspecified 'CRYSTAL STRUCTURE OF RADIATION-INDUCED MYOGLOBIN COMPOUND II - INTERMEDIATE H AT PH 5.2'                   
PDB 1NPG unspecified 'MYOGLOBIN (HORSE HEART) WILD-TYPE COMPLEXED WITHNITROSOETHANE'                                             
PDB 1RSE unspecified 'MYOGLOBIN (HORSE HEART) MUTANT WITH SER 92 REPLACED BY ASP (S92D)'                                         
PDB 1NZ5 unspecified 'THE HORSE HEART MYOGLOBIN VARIANT K45E/K63E COMPLEXED WITHMANGANESE'                                       
PDB 2V1K unspecified 'CRYSTAL STRUCTURE OF FERROUS DEOXYMYOGLOBIN AT PH 6.8'                                                     
PDB 1YMC unspecified 'CYANOMET-SULFMYOGLOBIN (HORSE HEART)'                                                                      
PDB 1WLA unspecified 'MYOGLOBIN (HORSE HEART) RECOMBINANT WILD-TYPE'                                                             
PDB 2FRJ unspecified 'NITROSYL HORSE HEART MYOGLOBIN, NITRITE/ DITHIONITE METHOD'                                                
PDB 1NPF unspecified 'MYOGLOBIN (HORSE HEART) WILD-TYPE COMPLEXED WITH NITRICOXIDE'                                              
PDB 1NZ4 unspecified 'THE HORSE HEART MYOGLOBIN VARIANT K45E/K63E COMPLEXED WITHCADMIUM'                                         
PDB 1DWR unspecified 'MYOGLOBIN (HORSE HEART) WILD-TYPE COMPLEXED WITH CO'                                                       
PDB 1NZ2 unspecified 'K45E VARIANT OF HORSE HEART MYOGLOBIN'                                                                     
PDB 1YMB unspecified 'METMYOGLOBIN (HORSE HEART)'                                                                                
PDB 2FRF unspecified 'HORSE HEART MYOGLOBIN, NITRITE ADDUCT, CRYSTAL SOAK'                                                       
PDB 1DWT unspecified 'PHOTORELAXED HORSE HEART MYOGLOBIN CO COMPLEX'                                                             
PDB 2FRK unspecified 'NITROSYL HORSE HEART MYOGLOBIN, NITRIC OXIDE GAS METHOD'                                                   
PDB 2V1H unspecified 'CRYSTAL STRUCTURE OF RADIATION-INDUCED METMYOGLOBIN - AQUA FERROUS MYOGLOBIN AT PH 5.2'                    
PDB 2FRI unspecified 'HORSE HEART MYOGLOBIN, NITRITE ADDUCT, CO- CRYSTALLIZED'                                                   
PDB 1XCH unspecified 'MYOGLOBIN (HORSE HEART) MUTANT WITH LEU 104 REPLACED BY ASN (L104N)'                                       
PDB 1YMA unspecified 'MYOGLOBIN (HORSE HEART) MUTANT WITH HIS 64 REPLACED BY TYR (H64Y)'                                         
PDB 1GJN unspecified 'HYDROGEN PEROXIDE DERIVED MYOGLOBIN COMPOUND II AT PH 5.2'                                                 
PDB 1HRM unspecified 'MYOGLOBIN MUTANT WITH HIS 93 REPLACED BY TYR (H93Y)'                                                       
PDB 2V1J unspecified 'CRYSTAL STRUCTURE OF RADIATION-INDUCED METMYOGLOBIN - AQUA FERROUS MYOGLOBIN AT PH 8.7'                    
PDB 2V1E unspecified 'CRYSTAL STRUCTURE OF RADIATION-INDUCED MYOGLOBIN COMPOUND II - INTERMEDIATE H AT PH 6.8'                   
PDB 1AZI unspecified 'MYOGLOBIN (HORSE HEART) RECOMBINANT WILD-TYPE COMPLEXED WITH AZIDE MT7 DIIODOTYR51 DERIVATIVE.'            
PDB 2VLY unspecified 'CRYSTAL STRUCTURE OF MYOGLOBIN COMPOUND III ( RADIATION- INDUCED)'                                         
PDB 2VM0 unspecified 'CRYSTAL STRUCTURE OF RADIATION-INDUCED MYOGLOBIN COMPOUND II GENERATED AFTER ANNEALING OF PEROXYMYOGLOBIN' 
# 
_pdbx_database_status.status_code                     REL 
_pdbx_database_status.entry_id                        2VLZ 
_pdbx_database_status.deposit_site                    PDBE 
_pdbx_database_status.process_site                    PDBE 
_pdbx_database_status.SG_entry                        . 
_pdbx_database_status.recvd_initial_deposition_date   2008-01-20 
_pdbx_database_status.pdb_format_compatible           Y 
_pdbx_database_status.status_code_sf                  REL 
_pdbx_database_status.status_code_mr                  ? 
_pdbx_database_status.status_code_cs                  ? 
_pdbx_database_status.methods_development_category    ? 
_pdbx_database_status.status_code_nmr_data            ? 
# 
loop_
_audit_author.name 
_audit_author.pdbx_ordinal 
'Hersleth, H.-P.' 1 
'Gorbitz, C.H.'   2 
'Andersson, K.K.' 3 
# 
loop_
_citation.id 
_citation.title 
_citation.journal_abbrev 
_citation.journal_volume 
_citation.page_first 
_citation.page_last 
_citation.year 
_citation.journal_id_ASTM 
_citation.country 
_citation.journal_id_ISSN 
_citation.journal_id_CSD 
_citation.book_publisher 
_citation.pdbx_database_id_PubMed 
_citation.pdbx_database_id_DOI 
primary 
;The Crystal Structure of Peroxymyoglobin Generated Through Cryoradiolytic Reduction of Myoglobin Compound III During Data Collection.
;
Biochem.J.         412 257 ? 2008 BIJOAK UK 0264-6021 0043 ? 18215120 10.1042/BJ20070921    
1       'An Iron Hydroxide Moiety in the 1.35 A Resolution Structure of Hydrogen Peroxide Derived Myoglobin Compound II at Ph 5.2' 
J.Biol.Inorg.Chem. 7   299 ? 2002 JJBCFA GW 0949-8257 2154 ? 11935353 10.1007/S007750100296 
# 
loop_
_citation_author.citation_id 
_citation_author.name 
_citation_author.ordinal 
_citation_author.identifier_ORCID 
primary 'Hersleth, H.-P.' 1 ? 
primary 'Hsiao, Y.'       2 ? 
primary 'Ryde, U.'        3 ? 
primary 'Gorbitz, C.H.'   4 ? 
primary 'Andersson, K.K.' 5 ? 
1       'Hersleth, H.-P.' 6 ? 
1       'Dalhus, B.'      7 ? 
1       'Gorbitz, C.H.'   8 ? 
1       'Andersson, K.K.' 9 ? 
# 
_cell.entry_id           2VLZ 
_cell.length_a           63.804 
_cell.length_b           28.714 
_cell.length_c           35.452 
_cell.angle_alpha        90.00 
_cell.angle_beta         105.82 
_cell.angle_gamma        90.00 
_cell.Z_PDB              2 
_cell.pdbx_unique_axis   ? 
# 
_symmetry.entry_id                         2VLZ 
_symmetry.space_group_name_H-M             'P 1 21 1' 
_symmetry.pdbx_full_space_group_name_H-M   ? 
_symmetry.cell_setting                     ? 
_symmetry.Int_Tables_number                4 
# 
loop_
_entity.id 
_entity.type 
_entity.src_method 
_entity.pdbx_description 
_entity.formula_weight 
_entity.pdbx_number_of_molecules 
_entity.pdbx_ec 
_entity.pdbx_mutation 
_entity.pdbx_fragment 
_entity.details 
1 polymer     nat MYOGLOBIN                         16983.514 1   ? ? 'RESIDUES 2-154' 'FE(III)OO2- / FE(II)OO-' 
2 non-polymer syn 'PROTOPORPHYRIN IX CONTAINING FE' 616.487   1   ? ? ?                ?                         
3 non-polymer syn 'PEROXIDE ION'                    31.999    1   ? ? ?                ?                         
4 non-polymer syn 'SULFATE ION'                     96.063    2   ? ? ?                ?                         
5 non-polymer syn GLYCEROL                          92.094    1   ? ? ?                ?                         
6 non-polymer syn 'HYDROGEN PEROXIDE'               34.015    5   ? ? ?                ?                         
7 water       nat water                             18.015    173 ? ? ?                ?                         
# 
_entity_poly.entity_id                      1 
_entity_poly.type                           'polypeptide(L)' 
_entity_poly.nstd_linkage                   no 
_entity_poly.nstd_monomer                   no 
_entity_poly.pdbx_seq_one_letter_code       
;GLSDGEWQQVLNVWGKVEADIAGHGQEVLIRLFTGHPETLEKFDKFKHLKTEAEMKASEDLKKHGTVVLTALGGILKKKG
HHEAELKPLAQSHATKHKIPIKYLEFISDAIIHVLHSKHPGDFGADAQGAMTKALELFRNDIAAKYKELGFQG
;
_entity_poly.pdbx_seq_one_letter_code_can   
;GLSDGEWQQVLNVWGKVEADIAGHGQEVLIRLFTGHPETLEKFDKFKHLKTEAEMKASEDLKKHGTVVLTALGGILKKKG
HHEAELKPLAQSHATKHKIPIKYLEFISDAIIHVLHSKHPGDFGADAQGAMTKALELFRNDIAAKYKELGFQG
;
_entity_poly.pdbx_strand_id                 A 
_entity_poly.pdbx_target_identifier         ? 
# 
loop_
_entity_poly_seq.entity_id 
_entity_poly_seq.num 
_entity_poly_seq.mon_id 
_entity_poly_seq.hetero 
1 1   GLY n 
1 2   LEU n 
1 3   SER n 
1 4   ASP n 
1 5   GLY n 
1 6   GLU n 
1 7   TRP n 
1 8   GLN n 
1 9   GLN n 
1 10  VAL n 
1 11  LEU n 
1 12  ASN n 
1 13  VAL n 
1 14  TRP n 
1 15  GLY n 
1 16  LYS n 
1 17  VAL n 
1 18  GLU n 
1 19  ALA n 
1 20  ASP n 
1 21  ILE n 
1 22  ALA n 
1 23  GLY n 
1 24  HIS n 
1 25  GLY n 
1 26  GLN n 
1 27  GLU n 
1 28  VAL n 
1 29  LEU n 
1 30  ILE n 
1 31  ARG n 
1 32  LEU n 
1 33  PHE n 
1 34  THR n 
1 35  GLY n 
1 36  HIS n 
1 37  PRO n 
1 38  GLU n 
1 39  THR n 
1 40  LEU n 
1 41  GLU n 
1 42  LYS n 
1 43  PHE n 
1 44  ASP n 
1 45  LYS n 
1 46  PHE n 
1 47  LYS n 
1 48  HIS n 
1 49  LEU n 
1 50  LYS n 
1 51  THR n 
1 52  GLU n 
1 53  ALA n 
1 54  GLU n 
1 55  MET n 
1 56  LYS n 
1 57  ALA n 
1 58  SER n 
1 59  GLU n 
1 60  ASP n 
1 61  LEU n 
1 62  LYS n 
1 63  LYS n 
1 64  HIS n 
1 65  GLY n 
1 66  THR n 
1 67  VAL n 
1 68  VAL n 
1 69  LEU n 
1 70  THR n 
1 71  ALA n 
1 72  LEU n 
1 73  GLY n 
1 74  GLY n 
1 75  ILE n 
1 76  LEU n 
1 77  LYS n 
1 78  LYS n 
1 79  LYS n 
1 80  GLY n 
1 81  HIS n 
1 82  HIS n 
1 83  GLU n 
1 84  ALA n 
1 85  GLU n 
1 86  LEU n 
1 87  LYS n 
1 88  PRO n 
1 89  LEU n 
1 90  ALA n 
1 91  GLN n 
1 92  SER n 
1 93  HIS n 
1 94  ALA n 
1 95  THR n 
1 96  LYS n 
1 97  HIS n 
1 98  LYS n 
1 99  ILE n 
1 100 PRO n 
1 101 ILE n 
1 102 LYS n 
1 103 TYR n 
1 104 LEU n 
1 105 GLU n 
1 106 PHE n 
1 107 ILE n 
1 108 SER n 
1 109 ASP n 
1 110 ALA n 
1 111 ILE n 
1 112 ILE n 
1 113 HIS n 
1 114 VAL n 
1 115 LEU n 
1 116 HIS n 
1 117 SER n 
1 118 LYS n 
1 119 HIS n 
1 120 PRO n 
1 121 GLY n 
1 122 ASP n 
1 123 PHE n 
1 124 GLY n 
1 125 ALA n 
1 126 ASP n 
1 127 ALA n 
1 128 GLN n 
1 129 GLY n 
1 130 ALA n 
1 131 MET n 
1 132 THR n 
1 133 LYS n 
1 134 ALA n 
1 135 LEU n 
1 136 GLU n 
1 137 LEU n 
1 138 PHE n 
1 139 ARG n 
1 140 ASN n 
1 141 ASP n 
1 142 ILE n 
1 143 ALA n 
1 144 ALA n 
1 145 LYS n 
1 146 TYR n 
1 147 LYS n 
1 148 GLU n 
1 149 LEU n 
1 150 GLY n 
1 151 PHE n 
1 152 GLN n 
1 153 GLY n 
# 
_entity_src_nat.entity_id                  1 
_entity_src_nat.pdbx_src_id                1 
_entity_src_nat.pdbx_alt_source_flag       sample 
_entity_src_nat.pdbx_beg_seq_num           ? 
_entity_src_nat.pdbx_end_seq_num           ? 
_entity_src_nat.common_name                HORSE 
_entity_src_nat.pdbx_organism_scientific   'EQUUS CABALLUS' 
_entity_src_nat.pdbx_ncbi_taxonomy_id      9796 
_entity_src_nat.genus                      ? 
_entity_src_nat.species                    ? 
_entity_src_nat.strain                     ? 
_entity_src_nat.tissue                     ? 
_entity_src_nat.tissue_fraction            ? 
_entity_src_nat.pdbx_secretion             ? 
_entity_src_nat.pdbx_fragment              ? 
_entity_src_nat.pdbx_variant               ? 
_entity_src_nat.pdbx_cell_line             ? 
_entity_src_nat.pdbx_atcc                  ? 
_entity_src_nat.pdbx_cellular_location     ? 
_entity_src_nat.pdbx_organ                 HEART 
_entity_src_nat.pdbx_organelle             ? 
_entity_src_nat.pdbx_cell                  ? 
_entity_src_nat.pdbx_plasmid_name          ? 
_entity_src_nat.pdbx_plasmid_details       ? 
_entity_src_nat.details                    ? 
# 
_struct_ref.id                         1 
_struct_ref.db_name                    UNP 
_struct_ref.db_code                    MYG_HORSE 
_struct_ref.entity_id                  1 
_struct_ref.pdbx_seq_one_letter_code   ? 
_struct_ref.pdbx_align_begin           ? 
_struct_ref.pdbx_db_accession          P68082 
_struct_ref.pdbx_db_isoform            ? 
# 
_struct_ref_seq.align_id                      1 
_struct_ref_seq.ref_id                        1 
_struct_ref_seq.pdbx_PDB_id_code              2VLZ 
_struct_ref_seq.pdbx_strand_id                A 
_struct_ref_seq.seq_align_beg                 1 
_struct_ref_seq.pdbx_seq_align_beg_ins_code   ? 
_struct_ref_seq.seq_align_end                 153 
_struct_ref_seq.pdbx_seq_align_end_ins_code   ? 
_struct_ref_seq.pdbx_db_accession             P68082 
_struct_ref_seq.db_align_beg                  2 
_struct_ref_seq.pdbx_db_align_beg_ins_code    ? 
_struct_ref_seq.db_align_end                  154 
_struct_ref_seq.pdbx_db_align_end_ins_code    ? 
_struct_ref_seq.pdbx_auth_seq_align_beg       1 
_struct_ref_seq.pdbx_auth_seq_align_end       153 
# 
loop_
_chem_comp.id 
_chem_comp.type 
_chem_comp.mon_nstd_flag 
_chem_comp.name 
_chem_comp.pdbx_synonyms 
_chem_comp.formula 
_chem_comp.formula_weight 
ALA 'L-peptide linking' y ALANINE                           ?                               'C3 H7 N O2'       89.093  
ARG 'L-peptide linking' y ARGININE                          ?                               'C6 H15 N4 O2 1'   175.209 
ASN 'L-peptide linking' y ASPARAGINE                        ?                               'C4 H8 N2 O3'      132.118 
ASP 'L-peptide linking' y 'ASPARTIC ACID'                   ?                               'C4 H7 N O4'       133.103 
GLN 'L-peptide linking' y GLUTAMINE                         ?                               'C5 H10 N2 O3'     146.144 
GLU 'L-peptide linking' y 'GLUTAMIC ACID'                   ?                               'C5 H9 N O4'       147.129 
GLY 'peptide linking'   y GLYCINE                           ?                               'C2 H5 N O2'       75.067  
GOL non-polymer         . GLYCEROL                          'GLYCERIN; PROPANE-1,2,3-TRIOL' 'C3 H8 O3'         92.094  
HEM non-polymer         . 'PROTOPORPHYRIN IX CONTAINING FE' HEME                            'C34 H32 Fe N4 O4' 616.487 
HIS 'L-peptide linking' y HISTIDINE                         ?                               'C6 H10 N3 O2 1'   156.162 
HOH non-polymer         . WATER                             ?                               'H2 O'             18.015  
ILE 'L-peptide linking' y ISOLEUCINE                        ?                               'C6 H13 N O2'      131.173 
LEU 'L-peptide linking' y LEUCINE                           ?                               'C6 H13 N O2'      131.173 
LYS 'L-peptide linking' y LYSINE                            ?                               'C6 H15 N2 O2 1'   147.195 
MET 'L-peptide linking' y METHIONINE                        ?                               'C5 H11 N O2 S'    149.211 
PEO non-polymer         . 'HYDROGEN PEROXIDE'               ?                               'H2 O2'            34.015  
PER non-polymer         . 'PEROXIDE ION'                    ?                               'O2 -2'            31.999  
PHE 'L-peptide linking' y PHENYLALANINE                     ?                               'C9 H11 N O2'      165.189 
PRO 'L-peptide linking' y PROLINE                           ?                               'C5 H9 N O2'       115.130 
SER 'L-peptide linking' y SERINE                            ?                               'C3 H7 N O3'       105.093 
SO4 non-polymer         . 'SULFATE ION'                     ?                               'O4 S -2'          96.063  
THR 'L-peptide linking' y THREONINE                         ?                               'C4 H9 N O3'       119.119 
TRP 'L-peptide linking' y TRYPTOPHAN                        ?                               'C11 H12 N2 O2'    204.225 
TYR 'L-peptide linking' y TYROSINE                          ?                               'C9 H11 N O3'      181.189 
VAL 'L-peptide linking' y VALINE                            ?                               'C5 H11 N O2'      117.146 
# 
_exptl.entry_id          2VLZ 
_exptl.method            'X-RAY DIFFRACTION' 
_exptl.crystals_number   1 
# 
_exptl_crystal.id                    1 
_exptl_crystal.density_meas          ? 
_exptl_crystal.density_Matthews      1.48 
_exptl_crystal.density_percent_sol   16.2 
_exptl_crystal.description           NONE 
# 
_exptl_crystal_grow.crystal_id      1 
_exptl_crystal_grow.method          ? 
_exptl_crystal_grow.temp            ? 
_exptl_crystal_grow.temp_details    ? 
_exptl_crystal_grow.pH              6.8 
_exptl_crystal_grow.pdbx_pH_range   ? 
_exptl_crystal_grow.pdbx_details    
;BATCH METHOD: 6-12 MG/ML MYOGLOBIN, 80-85% OF THE CRYSTALLIZATION STOCK-SOLUTION (3.9 M AMMONIUM SULPHATE, 0.1 M MOPS, 5-10% OF GLYCEROL PH 5.2)
;
# 
_diffrn.id                     1 
_diffrn.ambient_temp           100 
_diffrn.ambient_temp_details   ? 
_diffrn.crystal_id             1 
# 
_diffrn_detector.diffrn_id              1 
_diffrn_detector.detector               'IMAGE PLATE' 
_diffrn_detector.type                   MARRESEARCH 
_diffrn_detector.pdbx_collection_date   2007-11-17 
_diffrn_detector.details                ? 
# 
_diffrn_radiation.diffrn_id                        1 
_diffrn_radiation.wavelength_id                    1 
_diffrn_radiation.pdbx_monochromatic_or_laue_m_l   M 
_diffrn_radiation.monochromator                    ? 
_diffrn_radiation.pdbx_diffrn_protocol             'SINGLE WAVELENGTH' 
_diffrn_radiation.pdbx_scattering_type             x-ray 
# 
_diffrn_radiation_wavelength.id           1 
_diffrn_radiation_wavelength.wavelength   0.8000 
_diffrn_radiation_wavelength.wt           1.0 
# 
_diffrn_source.diffrn_id                   1 
_diffrn_source.source                      SYNCHROTRON 
_diffrn_source.type                        'ESRF BEAMLINE BM1A' 
_diffrn_source.pdbx_synchrotron_site       ESRF 
_diffrn_source.pdbx_synchrotron_beamline   BM1A 
_diffrn_source.pdbx_wavelength             0.8000 
_diffrn_source.pdbx_wavelength_list        ? 
# 
_reflns.pdbx_diffrn_id               1 
_reflns.pdbx_ordinal                 1 
_reflns.entry_id                     2VLZ 
_reflns.observed_criterion_sigma_I   0.0 
_reflns.observed_criterion_sigma_F   ? 
_reflns.d_resolution_low             34.16 
_reflns.d_resolution_high            1.38 
_reflns.number_obs                   20072 
_reflns.number_all                   ? 
_reflns.percent_possible_obs         99.5 
_reflns.pdbx_Rmerge_I_obs            0.06 
_reflns.pdbx_Rsym_value              ? 
_reflns.pdbx_netI_over_sigmaI        6.41 
_reflns.B_iso_Wilson_estimate        ? 
_reflns.pdbx_redundancy              3.59 
# 
_reflns_shell.pdbx_diffrn_id         1 
_reflns_shell.pdbx_ordinal           1 
_reflns_shell.d_res_high             1.50 
_reflns_shell.d_res_low              1.58 
_reflns_shell.percent_possible_all   100.0 
_reflns_shell.Rmerge_I_obs           0.44 
_reflns_shell.pdbx_Rsym_value        ? 
_reflns_shell.meanI_over_sigI_obs    1.45 
_reflns_shell.pdbx_redundancy        2.96 
# 
_refine.pdbx_refine_id                           'X-RAY DIFFRACTION' 
_refine.entry_id                                 2VLZ 
_refine.pdbx_diffrn_id                           1 
_refine.pdbx_TLS_residual_ADP_flag               ? 
_refine.ls_number_reflns_obs                     19043 
_refine.ls_number_reflns_all                     ? 
_refine.pdbx_ls_sigma_I                          ? 
_refine.pdbx_ls_sigma_F                          ? 
_refine.pdbx_data_cutoff_high_absF               ? 
_refine.pdbx_data_cutoff_low_absF                ? 
_refine.pdbx_data_cutoff_high_rms_absF           ? 
_refine.ls_d_res_low                             26.87 
_refine.ls_d_res_high                            1.50 
_refine.ls_percent_reflns_obs                    99.3 
_refine.ls_R_factor_obs                          0.164 
_refine.ls_R_factor_all                          ? 
_refine.ls_R_factor_R_work                       0.162 
_refine.ls_R_factor_R_free                       0.190 
_refine.ls_R_factor_R_free_error                 ? 
_refine.ls_R_factor_R_free_error_details         ? 
_refine.ls_percent_reflns_R_free                 4.900 
_refine.ls_number_reflns_R_free                  973 
_refine.ls_number_parameters                     ? 
_refine.ls_number_restraints                     ? 
_refine.occupancy_min                            ? 
_refine.occupancy_max                            ? 
_refine.correlation_coeff_Fo_to_Fc               0.971 
_refine.correlation_coeff_Fo_to_Fc_free          0.958 
_refine.B_iso_mean                               17.90 
_refine.aniso_B[1][1]                            -0.17000 
_refine.aniso_B[2][2]                            0.20000 
_refine.aniso_B[3][3]                            0.07000 
_refine.aniso_B[1][2]                            0.00000 
_refine.aniso_B[1][3]                            0.17000 
_refine.aniso_B[2][3]                            0.00000 
_refine.solvent_model_details                    MASK 
_refine.solvent_model_param_ksol                 ? 
_refine.solvent_model_param_bsol                 ? 
_refine.pdbx_solvent_vdw_probe_radii             1.40 
_refine.pdbx_solvent_ion_probe_radii             0.80 
_refine.pdbx_solvent_shrinkage_radii             0.80 
_refine.pdbx_ls_cross_valid_method               THROUGHOUT 
_refine.details                                  
;HYDROGENS HAVE BEEN ADDED IN THE RIDING POSITIONS. THIS STRUCTURE IS SECOND OF THREE DATASETS COLLECTED ON THE SAME CRYSTAL AS 2VLY AND 2VM0.
;
_refine.pdbx_starting_model                      'PDB ENTRY 1GJN' 
_refine.pdbx_method_to_determine_struct          'MOLECULAR REPLACEMENT' 
_refine.pdbx_isotropic_thermal_model             ? 
_refine.pdbx_stereochemistry_target_values       'MAXIMUM LIKELIHOOD' 
_refine.pdbx_stereochem_target_val_spec_case     ? 
_refine.pdbx_R_Free_selection_details            RANDOM 
_refine.pdbx_overall_ESU_R                       0.084 
_refine.pdbx_overall_ESU_R_Free                  0.082 
_refine.overall_SU_ML                            0.057 
_refine.pdbx_overall_phase_error                 ? 
_refine.overall_SU_B                             3.325 
_refine.overall_SU_R_Cruickshank_DPI             ? 
_refine.pdbx_overall_SU_R_free_Cruickshank_DPI   ? 
_refine.pdbx_overall_SU_R_Blow_DPI               ? 
_refine.pdbx_overall_SU_R_free_Blow_DPI          ? 
# 
_refine_hist.pdbx_refine_id                   'X-RAY DIFFRACTION' 
_refine_hist.cycle_id                         LAST 
_refine_hist.pdbx_number_atoms_protein        1199 
_refine_hist.pdbx_number_atoms_nucleic_acid   0 
_refine_hist.pdbx_number_atoms_ligand         71 
_refine_hist.number_atoms_solvent             173 
_refine_hist.number_atoms_total               1443 
_refine_hist.d_res_high                       1.50 
_refine_hist.d_res_low                        26.87 
# 
loop_
_refine_ls_restr.type 
_refine_ls_restr.dev_ideal 
_refine_ls_restr.dev_ideal_target 
_refine_ls_restr.weight 
_refine_ls_restr.number 
_refine_ls_restr.pdbx_refine_id 
_refine_ls_restr.pdbx_restraint_function 
r_bond_refined_d             0.055  0.053  ? 1383 'X-RAY DIFFRACTION' ? 
r_bond_other_d               ?      ?      ? ?    'X-RAY DIFFRACTION' ? 
r_angle_refined_deg          1.166  2.005  ? 1845 'X-RAY DIFFRACTION' ? 
r_angle_other_deg            ?      ?      ? ?    'X-RAY DIFFRACTION' ? 
r_dihedral_angle_1_deg       4.371  5.000  ? 168  'X-RAY DIFFRACTION' ? 
r_dihedral_angle_2_deg       36.193 25.273 ? 55   'X-RAY DIFFRACTION' ? 
r_dihedral_angle_3_deg       12.525 15.000 ? 244  'X-RAY DIFFRACTION' ? 
r_dihedral_angle_4_deg       15.603 15.000 ? 2    'X-RAY DIFFRACTION' ? 
r_chiral_restr               0.070  0.200  ? 192  'X-RAY DIFFRACTION' ? 
r_gen_planes_refined         0.005  0.020  ? 1021 'X-RAY DIFFRACTION' ? 
r_gen_planes_other           ?      ?      ? ?    'X-RAY DIFFRACTION' ? 
r_nbd_refined                0.198  0.200  ? 721  'X-RAY DIFFRACTION' ? 
r_nbd_other                  ?      ?      ? ?    'X-RAY DIFFRACTION' ? 
r_nbtor_refined              0.304  0.200  ? 938  'X-RAY DIFFRACTION' ? 
r_nbtor_other                ?      ?      ? ?    'X-RAY DIFFRACTION' ? 
r_xyhbond_nbd_refined        0.129  0.200  ? 130  'X-RAY DIFFRACTION' ? 
r_xyhbond_nbd_other          ?      ?      ? ?    'X-RAY DIFFRACTION' ? 
r_metal_ion_refined          ?      ?      ? ?    'X-RAY DIFFRACTION' ? 
r_metal_ion_other            ?      ?      ? ?    'X-RAY DIFFRACTION' ? 
r_symmetry_vdw_refined       0.169  0.200  ? 61   'X-RAY DIFFRACTION' ? 
r_symmetry_vdw_other         ?      ?      ? ?    'X-RAY DIFFRACTION' ? 
r_symmetry_hbond_refined     0.146  0.200  ? 35   'X-RAY DIFFRACTION' ? 
r_symmetry_hbond_other       ?      ?      ? ?    'X-RAY DIFFRACTION' ? 
r_symmetry_metal_ion_refined ?      ?      ? ?    'X-RAY DIFFRACTION' ? 
r_symmetry_metal_ion_other   ?      ?      ? ?    'X-RAY DIFFRACTION' ? 
r_mcbond_it                  0.668  1.500  ? 824  'X-RAY DIFFRACTION' ? 
r_mcbond_other               ?      ?      ? ?    'X-RAY DIFFRACTION' ? 
r_mcangle_it                 1.107  2.000  ? 1289 'X-RAY DIFFRACTION' ? 
r_mcangle_other              ?      ?      ? ?    'X-RAY DIFFRACTION' ? 
r_scbond_it                  1.878  3.000  ? 610  'X-RAY DIFFRACTION' ? 
r_scbond_other               ?      ?      ? ?    'X-RAY DIFFRACTION' ? 
r_scangle_it                 2.856  4.500  ? 556  'X-RAY DIFFRACTION' ? 
r_scangle_other              ?      ?      ? ?    'X-RAY DIFFRACTION' ? 
r_long_range_B_refined       ?      ?      ? ?    'X-RAY DIFFRACTION' ? 
r_long_range_B_other         ?      ?      ? ?    'X-RAY DIFFRACTION' ? 
r_rigid_bond_restr           ?      ?      ? ?    'X-RAY DIFFRACTION' ? 
r_sphericity_free            ?      ?      ? ?    'X-RAY DIFFRACTION' ? 
r_sphericity_bonded          ?      ?      ? ?    'X-RAY DIFFRACTION' ? 
# 
_refine_ls_shell.pdbx_refine_id                   'X-RAY DIFFRACTION' 
_refine_ls_shell.pdbx_total_number_of_bins_used   20 
_refine_ls_shell.d_res_high                       1.50 
_refine_ls_shell.d_res_low                        1.54 
_refine_ls_shell.number_reflns_R_work             1380 
_refine_ls_shell.R_factor_R_work                  0.2070 
_refine_ls_shell.percent_reflns_obs               ? 
_refine_ls_shell.R_factor_R_free                  0.2490 
_refine_ls_shell.R_factor_R_free_error            ? 
_refine_ls_shell.percent_reflns_R_free            ? 
_refine_ls_shell.number_reflns_R_free             80 
_refine_ls_shell.number_reflns_all                ? 
_refine_ls_shell.R_factor_all                     ? 
# 
_struct.entry_id                  2VLZ 
_struct.title                     
'Crystal structure of peroxymyoglobin generated by cryoradiolytic reduction of myoglobin compound III' 
_struct.pdbx_model_details        ? 
_struct.pdbx_CASP_flag            ? 
_struct.pdbx_model_type_details   ? 
# 
_struct_keywords.entry_id        2VLZ 
_struct_keywords.pdbx_keywords   'OXYGEN TRANSPORT' 
_struct_keywords.text            
;HAEM, IRON, HEME, FERRYL, TRANSPORT, PEROXIDASE, OXYGEN TRANSPORT, OXYGEN ACTIVATION, RADIOLYTIC- REDUCTION, REACTION INTERMEDIATE, MONOOXYGENASE, METAL-BINDING, MUSCLE PROTEIN, X-RAY-INDUCED-PHOTOREDUCTION
;
# 
loop_
_struct_asym.id 
_struct_asym.pdbx_blank_PDB_chainid_flag 
_struct_asym.pdbx_modified 
_struct_asym.entity_id 
_struct_asym.details 
A N N 1 ? 
B N N 2 ? 
C N N 3 ? 
D N N 4 ? 
E N N 4 ? 
F N N 5 ? 
G N N 6 ? 
H N N 6 ? 
I N N 6 ? 
J N N 6 ? 
K N N 6 ? 
L N N 7 ? 
# 
_struct_biol.id   1 
# 
loop_
_struct_conf.conf_type_id 
_struct_conf.id 
_struct_conf.pdbx_PDB_helix_id 
_struct_conf.beg_label_comp_id 
_struct_conf.beg_label_asym_id 
_struct_conf.beg_label_seq_id 
_struct_conf.pdbx_beg_PDB_ins_code 
_struct_conf.end_label_comp_id 
_struct_conf.end_label_asym_id 
_struct_conf.end_label_seq_id 
_struct_conf.pdbx_end_PDB_ins_code 
_struct_conf.beg_auth_comp_id 
_struct_conf.beg_auth_asym_id 
_struct_conf.beg_auth_seq_id 
_struct_conf.end_auth_comp_id 
_struct_conf.end_auth_asym_id 
_struct_conf.end_auth_seq_id 
_struct_conf.pdbx_PDB_helix_class 
_struct_conf.details 
_struct_conf.pdbx_PDB_helix_length 
HELX_P HELX_P1 1 SER A 3   ? ALA A 19  ? SER A 3   ALA A 19  1 ? 17 
HELX_P HELX_P2 2 ASP A 20  ? HIS A 36  ? ASP A 20  HIS A 36  1 ? 17 
HELX_P HELX_P3 3 PRO A 37  ? PHE A 43  ? PRO A 37  PHE A 43  5 ? 7  
HELX_P HELX_P4 4 THR A 51  ? SER A 58  ? THR A 51  SER A 58  1 ? 8  
HELX_P HELX_P5 5 SER A 58  ? LYS A 77  ? SER A 58  LYS A 77  1 ? 20 
HELX_P HELX_P6 6 HIS A 82  ? LYS A 96  ? HIS A 82  LYS A 96  1 ? 15 
HELX_P HELX_P7 7 PRO A 100 ? HIS A 119 ? PRO A 100 HIS A 119 1 ? 20 
HELX_P HELX_P8 8 GLY A 124 ? GLY A 150 ? GLY A 124 GLY A 150 1 ? 27 
# 
_struct_conf_type.id          HELX_P 
_struct_conf_type.criteria    ? 
_struct_conf_type.reference   ? 
# 
loop_
_struct_conn.id 
_struct_conn.conn_type_id 
_struct_conn.pdbx_leaving_atom_flag 
_struct_conn.pdbx_PDB_id 
_struct_conn.ptnr1_label_asym_id 
_struct_conn.ptnr1_label_comp_id 
_struct_conn.ptnr1_label_seq_id 
_struct_conn.ptnr1_label_atom_id 
_struct_conn.pdbx_ptnr1_label_alt_id 
_struct_conn.pdbx_ptnr1_PDB_ins_code 
_struct_conn.pdbx_ptnr1_standard_comp_id 
_struct_conn.ptnr1_symmetry 
_struct_conn.ptnr2_label_asym_id 
_struct_conn.ptnr2_label_comp_id 
_struct_conn.ptnr2_label_seq_id 
_struct_conn.ptnr2_label_atom_id 
_struct_conn.pdbx_ptnr2_label_alt_id 
_struct_conn.pdbx_ptnr2_PDB_ins_code 
_struct_conn.ptnr1_auth_asym_id 
_struct_conn.ptnr1_auth_comp_id 
_struct_conn.ptnr1_auth_seq_id 
_struct_conn.ptnr2_auth_asym_id 
_struct_conn.ptnr2_auth_comp_id 
_struct_conn.ptnr2_auth_seq_id 
_struct_conn.ptnr2_symmetry 
_struct_conn.pdbx_ptnr3_label_atom_id 
_struct_conn.pdbx_ptnr3_label_seq_id 
_struct_conn.pdbx_ptnr3_label_comp_id 
_struct_conn.pdbx_ptnr3_label_asym_id 
_struct_conn.pdbx_ptnr3_label_alt_id 
_struct_conn.pdbx_ptnr3_PDB_ins_code 
_struct_conn.details 
_struct_conn.pdbx_dist_value 
_struct_conn.pdbx_value_order 
_struct_conn.pdbx_role 
metalc1 metalc ? ? A HIS 93 NE2 ? ? ? 1_555 B HEM . FE ? ? A HIS 93   A HEM 1154 1_555 ? ? ? ? ? ? ? 2.102 ? ? 
metalc2 metalc ? ? B HEM .  FE  ? ? ? 1_555 C PER . O2 ? ? A HEM 1154 A PER 1155 1_555 ? ? ? ? ? ? ? 1.798 ? ? 
metalc3 metalc ? ? B HEM .  FE  ? ? ? 1_555 C PER . O1 ? ? A HEM 1154 A PER 1155 1_555 ? ? ? ? ? ? ? 2.653 ? ? 
# 
_struct_conn_type.id          metalc 
_struct_conn_type.criteria    ? 
_struct_conn_type.reference   ? 
# 
loop_
_struct_site.id 
_struct_site.pdbx_evidence_code 
_struct_site.pdbx_auth_asym_id 
_struct_site.pdbx_auth_comp_id 
_struct_site.pdbx_auth_seq_id 
_struct_site.pdbx_auth_ins_code 
_struct_site.pdbx_num_residues 
_struct_site.details 
AC1 Software A HEM 1154 ? 22 'BINDING SITE FOR RESIDUE HEM A 1154' 
AC2 Software A PER 1155 ? 4  'BINDING SITE FOR RESIDUE PER A 1155' 
AC3 Software A SO4 1156 ? 4  'BINDING SITE FOR RESIDUE SO4 A 1156' 
AC4 Software A SO4 1157 ? 4  'BINDING SITE FOR RESIDUE SO4 A 1157' 
AC5 Software A GOL 1158 ? 8  'BINDING SITE FOR RESIDUE GOL A 1158' 
AC6 Software A PEO 1159 ? 5  'BINDING SITE FOR RESIDUE PEO A 1159' 
AC7 Software A PEO 1160 ? 5  'BINDING SITE FOR RESIDUE PEO A 1160' 
AC8 Software A PEO 1161 ? 4  'BINDING SITE FOR RESIDUE PEO A 1161' 
AC9 Software A PEO 1162 ? 7  'BINDING SITE FOR RESIDUE PEO A 1162' 
BC1 Software A PEO 1163 ? 6  'BINDING SITE FOR RESIDUE PEO A 1163' 
# 
loop_
_struct_site_gen.id 
_struct_site_gen.site_id 
_struct_site_gen.pdbx_num_res 
_struct_site_gen.label_comp_id 
_struct_site_gen.label_asym_id 
_struct_site_gen.label_seq_id 
_struct_site_gen.pdbx_auth_ins_code 
_struct_site_gen.auth_comp_id 
_struct_site_gen.auth_asym_id 
_struct_site_gen.auth_seq_id 
_struct_site_gen.label_atom_id 
_struct_site_gen.label_alt_id 
_struct_site_gen.symmetry 
_struct_site_gen.details 
1  AC1 22 THR A 39  ? THR A 39   . ? 1_555 ? 
2  AC1 22 LYS A 42  ? LYS A 42   . ? 1_555 ? 
3  AC1 22 PHE A 43  ? PHE A 43   . ? 1_555 ? 
4  AC1 22 LYS A 45  ? LYS A 45   . ? 1_555 ? 
5  AC1 22 VAL A 68  ? VAL A 68   . ? 1_555 ? 
6  AC1 22 LEU A 89  ? LEU A 89   . ? 1_555 ? 
7  AC1 22 SER A 92  ? SER A 92   . ? 1_555 ? 
8  AC1 22 HIS A 93  ? HIS A 93   . ? 1_555 ? 
9  AC1 22 HIS A 97  ? HIS A 97   . ? 1_555 ? 
10 AC1 22 ILE A 99  ? ILE A 99   . ? 1_555 ? 
11 AC1 22 TYR A 103 ? TYR A 103  . ? 1_555 ? 
12 AC1 22 LEU A 104 ? LEU A 104  . ? 1_555 ? 
13 AC1 22 HIS A 113 ? HIS A 113  . ? 1_545 ? 
14 AC1 22 HIS A 116 ? HIS A 116  . ? 1_545 ? 
15 AC1 22 GLN A 128 ? GLN A 128  . ? 1_545 ? 
16 AC1 22 PER C .   ? PER A 1155 . ? 1_555 ? 
17 AC1 22 HOH L .   ? HOH A 2152 . ? 1_555 ? 
18 AC1 22 HOH L .   ? HOH A 2153 . ? 1_555 ? 
19 AC1 22 HOH L .   ? HOH A 2154 . ? 1_555 ? 
20 AC1 22 HOH L .   ? HOH A 2155 . ? 1_555 ? 
21 AC1 22 HOH L .   ? HOH A 2156 . ? 1_555 ? 
22 AC1 22 HOH L .   ? HOH A 2166 . ? 1_545 ? 
23 AC2 4  PHE A 43  ? PHE A 43   . ? 1_555 ? 
24 AC2 4  HIS A 64  ? HIS A 64   . ? 1_555 ? 
25 AC2 4  VAL A 68  ? VAL A 68   . ? 1_555 ? 
26 AC2 4  HEM B .   ? HEM A 1154 . ? 1_555 ? 
27 AC3 4  THR A 51  ? THR A 51   . ? 1_555 ? 
28 AC3 4  GLU A 52  ? GLU A 52   . ? 1_555 ? 
29 AC3 4  HOH L .   ? HOH A 2158 . ? 1_555 ? 
30 AC3 4  HOH L .   ? HOH A 2159 . ? 1_555 ? 
31 AC4 4  GLY A 1   ? GLY A 1    . ? 1_555 ? 
32 AC4 4  HOH L .   ? HOH A 2160 . ? 1_555 ? 
33 AC4 4  HOH L .   ? HOH A 2161 . ? 1_555 ? 
34 AC4 4  HOH L .   ? HOH A 2162 . ? 1_555 ? 
35 AC5 8  ARG A 31  ? ARG A 31   . ? 1_555 ? 
36 AC5 8  LYS A 45  ? LYS A 45   . ? 1_565 ? 
37 AC5 8  HIS A 113 ? HIS A 113  . ? 1_555 ? 
38 AC5 8  SER A 117 ? SER A 117  . ? 1_555 ? 
39 AC5 8  HOH L .   ? HOH A 2070 . ? 1_565 ? 
40 AC5 8  HOH L .   ? HOH A 2163 . ? 1_555 ? 
41 AC5 8  HOH L .   ? HOH A 2165 . ? 1_555 ? 
42 AC5 8  HOH L .   ? HOH A 2166 . ? 1_555 ? 
43 AC6 5  GLY A 1   ? GLY A 1    . ? 1_555 ? 
44 AC6 5  LEU A 2   ? LEU A 2    . ? 1_555 ? 
45 AC6 5  TRP A 7   ? TRP A 7    . ? 1_555 ? 
46 AC6 5  LEU A 137 ? LEU A 137  . ? 1_555 ? 
47 AC6 5  HOH L .   ? HOH A 2167 . ? 1_555 ? 
48 AC7 5  LEU A 40  ? LEU A 40   . ? 1_555 ? 
49 AC7 5  LEU A 49  ? LEU A 49   . ? 1_555 ? 
50 AC7 5  LYS A 50  ? LYS A 50   . ? 1_555 ? 
51 AC7 5  HOH L .   ? HOH A 2063 . ? 1_555 ? 
52 AC7 5  HOH L .   ? HOH A 2168 . ? 1_555 ? 
53 AC8 4  ARG A 31  ? ARG A 31   . ? 1_555 ? 
54 AC8 4  LYS A 96  ? LYS A 96   . ? 1_565 ? 
55 AC8 4  ALA A 110 ? ALA A 110  . ? 1_555 ? 
56 AC8 4  HOH L .   ? HOH A 2169 . ? 1_555 ? 
57 AC9 7  VAL A 67  ? VAL A 67   . ? 1_565 ? 
58 AC9 7  HIS A 116 ? HIS A 116  . ? 1_555 ? 
59 AC9 7  HIS A 119 ? HIS A 119  . ? 1_555 ? 
60 AC9 7  GLY A 121 ? GLY A 121  . ? 1_555 ? 
61 AC9 7  ASP A 122 ? ASP A 122  . ? 1_555 ? 
62 AC9 7  PHE A 123 ? PHE A 123  . ? 1_555 ? 
63 AC9 7  HOH L .   ? HOH A 2170 . ? 1_555 ? 
64 BC1 6  LYS A 16  ? LYS A 16   . ? 1_555 ? 
65 BC1 6  ALA A 19  ? ALA A 19   . ? 1_555 ? 
66 BC1 6  HIS A 24  ? HIS A 24   . ? 1_555 ? 
67 BC1 6  HIS A 119 ? HIS A 119  . ? 1_555 ? 
68 BC1 6  HOH L .   ? HOH A 2171 . ? 1_555 ? 
69 BC1 6  HOH L .   ? HOH A 2173 . ? 1_555 ? 
# 
_atom_sites.entry_id                    2VLZ 
_atom_sites.fract_transf_matrix[1][1]   0.00686061 
_atom_sites.fract_transf_matrix[1][2]   -0.01435360 
_atom_sites.fract_transf_matrix[1][3]   0.00350307 
_atom_sites.fract_transf_matrix[2][1]   0.00870807 
_atom_sites.fract_transf_matrix[2][2]   0.01186536 
_atom_sites.fract_transf_matrix[2][3]   0.03156316 
_atom_sites.fract_transf_matrix[3][1]   -0.02122629 
_atom_sites.fract_transf_matrix[3][2]   -0.01629253 
_atom_sites.fract_transf_matrix[3][3]   0.01198095 
_atom_sites.fract_transf_vector[1]      0.246325 
_atom_sites.fract_transf_vector[2]      -0.830590 
_atom_sites.fract_transf_vector[3]      -0.012092 
# 
loop_
_atom_type.symbol 
C  
FE 
N  
O  
S  
# 
loop_
_atom_site.group_PDB 
_atom_site.id 
_atom_site.type_symbol 
_atom_site.label_atom_id 
_atom_site.label_alt_id 
_atom_site.label_comp_id 
_atom_site.label_asym_id 
_atom_site.label_entity_id 
_atom_site.label_seq_id 
_atom_site.pdbx_PDB_ins_code 
_atom_site.Cartn_x 
_atom_site.Cartn_y 
_atom_site.Cartn_z 
_atom_site.occupancy 
_atom_site.B_iso_or_equiv 
_atom_site.pdbx_formal_charge 
_atom_site.auth_seq_id 
_atom_site.auth_comp_id 
_atom_site.auth_asym_id 
_atom_site.auth_atom_id 
_atom_site.pdbx_PDB_model_num 
ATOM   1    N  N   . GLY A 1 1   ? -1.896  -15.189 12.834  1.00 22.72 ? 1    GLY A N   1 
ATOM   2    C  CA  . GLY A 1 1   ? -3.018  -14.405 12.242  1.00 21.50 ? 1    GLY A CA  1 
ATOM   3    C  C   . GLY A 1 1   ? -3.510  -13.313 13.178  1.00 20.78 ? 1    GLY A C   1 
ATOM   4    O  O   . GLY A 1 1   ? -2.940  -13.094 14.249  1.00 22.07 ? 1    GLY A O   1 
ATOM   5    N  N   . LEU A 1 2   ? -4.571  -12.631 12.771  1.00 19.00 ? 2    LEU A N   1 
ATOM   6    C  CA  . LEU A 1 2   ? -5.174  -11.579 13.593  1.00 17.47 ? 2    LEU A CA  1 
ATOM   7    C  C   . LEU A 1 2   ? -6.388  -12.100 14.335  1.00 17.19 ? 2    LEU A C   1 
ATOM   8    O  O   . LEU A 1 2   ? -7.119  -12.946 13.821  1.00 18.00 ? 2    LEU A O   1 
ATOM   9    C  CB  . LEU A 1 2   ? -5.603  -10.401 12.712  1.00 16.95 ? 2    LEU A CB  1 
ATOM   10   C  CG  . LEU A 1 2   ? -4.532  -9.400  12.283  1.00 15.88 ? 2    LEU A CG  1 
ATOM   11   C  CD1 . LEU A 1 2   ? -3.569  -9.989  11.232  1.00 16.41 ? 2    LEU A CD1 1 
ATOM   12   C  CD2 . LEU A 1 2   ? -5.220  -8.159  11.741  1.00 14.96 ? 2    LEU A CD2 1 
ATOM   13   N  N   . SER A 1 3   ? -6.608  -11.596 15.543  1.00 16.41 ? 3    SER A N   1 
ATOM   14   C  CA  . SER A 1 3   ? -7.824  -11.912 16.275  1.00 17.12 ? 3    SER A CA  1 
ATOM   15   C  C   . SER A 1 3   ? -9.012  -11.188 15.661  1.00 16.93 ? 3    SER A C   1 
ATOM   16   O  O   . SER A 1 3   ? -8.846  -10.238 14.895  1.00 16.40 ? 3    SER A O   1 
ATOM   17   C  CB  . SER A 1 3   ? -7.675  -11.493 17.732  1.00 16.70 ? 3    SER A CB  1 
ATOM   18   O  OG  . SER A 1 3   ? -7.712  -10.079 17.855  1.00 17.64 ? 3    SER A OG  1 
ATOM   19   N  N   . ASP A 1 4   ? -10.217 -11.655 15.999  1.00 18.11 ? 4    ASP A N   1 
ATOM   20   C  CA  . ASP A 1 4   ? -11.456 -10.979 15.603  1.00 18.37 ? 4    ASP A CA  1 
ATOM   21   C  C   . ASP A 1 4   ? -11.443 -9.488  15.980  1.00 17.47 ? 4    ASP A C   1 
ATOM   22   O  O   . ASP A 1 4   ? -11.797 -8.636  15.160  1.00 17.70 ? 4    ASP A O   1 
ATOM   23   C  CB  . ASP A 1 4   ? -12.660 -11.694 16.226  1.00 19.76 ? 4    ASP A CB  1 
ATOM   24   C  CG  . ASP A 1 4   ? -12.887 -13.088 15.630  1.00 22.70 ? 4    ASP A CG  1 
ATOM   25   O  OD1 . ASP A 1 4   ? -12.759 -13.240 14.397  1.00 27.63 ? 4    ASP A OD1 1 
ATOM   26   O  OD2 . ASP A 1 4   ? -13.193 -14.038 16.387  1.00 27.71 ? 4    ASP A OD2 1 
ATOM   27   N  N   . GLY A 1 5   ? -11.003 -9.188  17.204  1.00 16.97 ? 5    GLY A N   1 
ATOM   28   C  CA  . GLY A 1 5   ? -10.882 -7.822  17.690  1.00 16.12 ? 5    GLY A CA  1 
ATOM   29   C  C   . GLY A 1 5   ? -9.914  -6.992  16.860  1.00 15.53 ? 5    GLY A C   1 
ATOM   30   O  O   . GLY A 1 5   ? -10.190 -5.821  16.534  1.00 15.69 ? 5    GLY A O   1 
ATOM   31   N  N   . GLU A 1 6   ? -8.779  -7.590  16.505  1.00 14.69 ? 6    GLU A N   1 
ATOM   32   C  CA  . GLU A 1 6   ? -7.807  -6.922  15.648  1.00 13.99 ? 6    GLU A CA  1 
ATOM   33   C  C   . GLU A 1 6   ? -8.371  -6.628  14.252  1.00 13.19 ? 6    GLU A C   1 
ATOM   34   O  O   . GLU A 1 6   ? -8.233  -5.497  13.756  1.00 13.26 ? 6    GLU A O   1 
ATOM   35   C  CB  . GLU A 1 6   ? -6.503  -7.726  15.586  1.00 13.55 ? 6    GLU A CB  1 
ATOM   36   C  CG  . GLU A 1 6   ? -5.704  -7.648  16.902  1.00 14.54 ? 6    GLU A CG  1 
ATOM   37   C  CD  . GLU A 1 6   ? -4.588  -8.681  17.026  1.00 14.19 ? 6    GLU A CD  1 
ATOM   38   O  OE1 . GLU A 1 6   ? -4.626  -9.733  16.355  1.00 15.50 ? 6    GLU A OE1 1 
ATOM   39   O  OE2 . GLU A 1 6   ? -3.665  -8.426  17.828  1.00 15.53 ? 6    GLU A OE2 1 
ATOM   40   N  N   . TRP A 1 7   ? -9.015  -7.619  13.623  1.00 13.55 ? 7    TRP A N   1 
ATOM   41   C  CA  . TRP A 1 7   ? -9.662  -7.367  12.319  1.00 12.35 ? 7    TRP A CA  1 
ATOM   42   C  C   . TRP A 1 7   ? -10.684 -6.227  12.426  1.00 12.72 ? 7    TRP A C   1 
ATOM   43   O  O   . TRP A 1 7   ? -10.779 -5.393  11.530  1.00 12.18 ? 7    TRP A O   1 
ATOM   44   C  CB  . TRP A 1 7   ? -10.325 -8.626  11.742  1.00 12.78 ? 7    TRP A CB  1 
ATOM   45   C  CG  . TRP A 1 7   ? -9.320  -9.554  11.115  1.00 13.04 ? 7    TRP A CG  1 
ATOM   46   C  CD1 . TRP A 1 7   ? -9.059  -10.853 11.478  1.00 12.42 ? 7    TRP A CD1 1 
ATOM   47   C  CD2 . TRP A 1 7   ? -8.436  -9.253  10.024  1.00 12.11 ? 7    TRP A CD2 1 
ATOM   48   N  NE1 . TRP A 1 7   ? -8.062  -11.382 10.667  1.00 13.18 ? 7    TRP A NE1 1 
ATOM   49   C  CE2 . TRP A 1 7   ? -7.664  -10.420 9.773   1.00 11.93 ? 7    TRP A CE2 1 
ATOM   50   C  CE3 . TRP A 1 7   ? -8.219  -8.116  9.234   1.00 11.81 ? 7    TRP A CE3 1 
ATOM   51   C  CZ2 . TRP A 1 7   ? -6.686  -10.470 8.766   1.00 12.96 ? 7    TRP A CZ2 1 
ATOM   52   C  CZ3 . TRP A 1 7   ? -7.250  -8.171  8.212   1.00 11.41 ? 7    TRP A CZ3 1 
ATOM   53   C  CH2 . TRP A 1 7   ? -6.492  -9.342  8.001   1.00 12.86 ? 7    TRP A CH2 1 
ATOM   54   N  N   . GLN A 1 8   ? -11.431 -6.174  13.524  1.00 12.85 ? 8    GLN A N   1 
ATOM   55   C  CA  . GLN A 1 8   ? -12.394 -5.090  13.697  1.00 14.12 ? 8    GLN A CA  1 
ATOM   56   C  C   . GLN A 1 8   ? -11.710 -3.720  13.726  1.00 13.36 ? 8    GLN A C   1 
ATOM   57   O  O   . GLN A 1 8   ? -12.199 -2.757  13.123  1.00 13.29 ? 8    GLN A O   1 
ATOM   58   C  CB  . GLN A 1 8   ? -13.254 -5.318  14.955  1.00 13.48 ? 8    GLN A CB  1 
ATOM   59   C  CG  . GLN A 1 8   ? -14.418 -4.338  15.098  1.00 16.46 ? 8    GLN A CG  1 
ATOM   60   C  CD  . GLN A 1 8   ? -15.337 -4.658  16.267  1.00 16.12 ? 8    GLN A CD  1 
ATOM   61   O  OE1 . GLN A 1 8   ? -14.887 -4.992  17.376  1.00 19.96 ? 8    GLN A OE1 1 
ATOM   62   N  NE2 . GLN A 1 8   ? -16.645 -4.544  16.032  1.00 18.31 ? 8    GLN A NE2 1 
ATOM   63   N  N   . GLN A 1 9   ? -10.577 -3.622  14.432  1.00 13.43 ? 9    GLN A N   1 
ATOM   64   C  CA  . GLN A 1 9   ? -9.787  -2.382  14.416  1.00 13.85 ? 9    GLN A CA  1 
ATOM   65   C  C   . GLN A 1 9   ? -9.284  -2.013  13.010  1.00 13.04 ? 9    GLN A C   1 
ATOM   66   O  O   . GLN A 1 9   ? -9.359  -0.850  12.587  1.00 12.75 ? 9    GLN A O   1 
ATOM   67   C  CB  . GLN A 1 9   ? -8.600  -2.481  15.375  1.00 14.47 ? 9    GLN A CB  1 
ATOM   68   C  CG  . GLN A 1 9   ? -8.932  -2.181  16.835  1.00 18.56 ? 9    GLN A CG  1 
ATOM   69   C  CD  . GLN A 1 9   ? -9.265  -0.705  17.039  1.00 22.02 ? 9    GLN A CD  1 
ATOM   70   O  OE1 . GLN A 1 9   ? -10.339 -0.232  16.651  1.00 27.76 ? 9    GLN A OE1 1 
ATOM   71   N  NE2 . GLN A 1 9   ? -8.342  0.030   17.629  1.00 25.22 ? 9    GLN A NE2 1 
ATOM   72   N  N   . VAL A 1 10  ? -8.785  -3.012  12.284  1.00 12.22 ? 10   VAL A N   1 
ATOM   73   C  CA  . VAL A 1 10  ? -8.313  -2.801  10.925  1.00 12.17 ? 10   VAL A CA  1 
ATOM   74   C  C   . VAL A 1 10  ? -9.407  -2.194  10.057  1.00 11.63 ? 10   VAL A C   1 
ATOM   75   O  O   . VAL A 1 10  ? -9.165  -1.199  9.350   1.00 11.91 ? 10   VAL A O   1 
ATOM   76   C  CB  . VAL A 1 10  ? -7.788  -4.109  10.289  1.00 12.16 ? 10   VAL A CB  1 
ATOM   77   C  CG1 . VAL A 1 10  ? -7.471  -3.884  8.792   1.00 12.53 ? 10   VAL A CG1 1 
ATOM   78   C  CG2 . VAL A 1 10  ? -6.566  -4.636  11.069  1.00 12.41 ? 10   VAL A CG2 1 
ATOM   79   N  N   . LEU A 1 11  ? -10.597 -2.785  10.114  1.00 12.19 ? 11   LEU A N   1 
ATOM   80   C  CA  . LEU A 1 11  ? -11.682 -2.359  9.236   1.00 11.73 ? 11   LEU A CA  1 
ATOM   81   C  C   . LEU A 1 11  ? -12.310 -1.024  9.688   1.00 11.99 ? 11   LEU A C   1 
ATOM   82   O  O   . LEU A 1 11  ? -12.820 -0.264  8.865   1.00 12.86 ? 11   LEU A O   1 
ATOM   83   C  CB  . LEU A 1 11  ? -12.708 -3.492  9.050   1.00 12.04 ? 11   LEU A CB  1 
ATOM   84   C  CG  . LEU A 1 11  ? -12.064 -4.692  8.334   1.00 12.64 ? 11   LEU A CG  1 
ATOM   85   C  CD1 . LEU A 1 11  ? -13.088 -5.792  8.087   1.00 14.85 ? 11   LEU A CD1 1 
ATOM   86   C  CD2 . LEU A 1 11  ? -11.422 -4.271  7.015   1.00 14.66 ? 11   LEU A CD2 1 
ATOM   87   N  N   . ASN A 1 12  ? -12.194 -0.718  10.982  1.00 11.87 ? 12   ASN A N   1 
ATOM   88   C  CA  . ASN A 1 12  ? -12.589 0.600   11.491  1.00 13.56 ? 12   ASN A CA  1 
ATOM   89   C  C   . ASN A 1 12  ? -11.650 1.689   10.941  1.00 14.03 ? 12   ASN A C   1 
ATOM   90   O  O   . ASN A 1 12  ? -12.095 2.718   10.442  1.00 14.62 ? 12   ASN A O   1 
ATOM   91   C  CB  . ASN A 1 12  ? -12.627 0.627   13.023  1.00 13.75 ? 12   ASN A CB  1 
ATOM   92   C  CG  . ASN A 1 12  ? -13.226 1.913   13.552  1.00 16.81 ? 12   ASN A CG  1 
ATOM   93   O  OD1 . ASN A 1 12  ? -14.419 2.162   13.386  1.00 21.09 ? 12   ASN A OD1 1 
ATOM   94   N  ND2 . ASN A 1 12  ? -12.404 2.734   14.184  1.00 18.79 ? 12   ASN A ND2 1 
ATOM   95   N  N   . VAL A 1 13  ? -10.346 1.440   11.034  1.00 13.63 ? 13   VAL A N   1 
ATOM   96   C  CA  . VAL A 1 13  ? -9.361  2.358   10.440  1.00 14.50 ? 13   VAL A CA  1 
ATOM   97   C  C   . VAL A 1 13  ? -9.649  2.514   8.943   1.00 14.00 ? 13   VAL A C   1 
ATOM   98   O  O   . VAL A 1 13  ? -9.630  3.622   8.376   1.00 14.85 ? 13   VAL A O   1 
ATOM   99   C  CB  . VAL A 1 13  ? -7.906  1.853   10.648  1.00 15.28 ? 13   VAL A CB  1 
ATOM   100  C  CG1 . VAL A 1 13  ? -6.922  2.675   9.831   1.00 16.17 ? 13   VAL A CG1 1 
ATOM   101  C  CG2 . VAL A 1 13  ? -7.529  1.898   12.107  1.00 16.98 ? 13   VAL A CG2 1 
ATOM   102  N  N   . TRP A 1 14  ? -9.943  1.409   8.282   1.00 13.67 ? 14   TRP A N   1 
ATOM   103  C  CA  . TRP A 1 14  ? -10.176 1.476   6.851   1.00 13.24 ? 14   TRP A CA  1 
ATOM   104  C  C   . TRP A 1 14  ? -11.376 2.374   6.482   1.00 13.65 ? 14   TRP A C   1 
ATOM   105  O  O   . TRP A 1 14  ? -11.395 3.007   5.426   1.00 13.91 ? 14   TRP A O   1 
ATOM   106  C  CB  . TRP A 1 14  ? -10.308 0.089   6.243   1.00 14.07 ? 14   TRP A CB  1 
ATOM   107  C  CG  . TRP A 1 14  ? -10.071 0.144   4.787   1.00 14.79 ? 14   TRP A CG  1 
ATOM   108  C  CD1 . TRP A 1 14  ? -11.010 0.071   3.802   1.00 16.67 ? 14   TRP A CD1 1 
ATOM   109  C  CD2 . TRP A 1 14  ? -8.824  0.371   4.146   1.00 15.68 ? 14   TRP A CD2 1 
ATOM   110  N  NE1 . TRP A 1 14  ? -10.415 0.206   2.568   1.00 15.19 ? 14   TRP A NE1 1 
ATOM   111  C  CE2 . TRP A 1 14  ? -9.069  0.391   2.753   1.00 15.27 ? 14   TRP A CE2 1 
ATOM   112  C  CE3 . TRP A 1 14  ? -7.514  0.528   4.607   1.00 15.40 ? 14   TRP A CE3 1 
ATOM   113  C  CZ2 . TRP A 1 14  ? -8.061  0.589   1.825   1.00 14.36 ? 14   TRP A CZ2 1 
ATOM   114  C  CZ3 . TRP A 1 14  ? -6.490  0.728   3.667   1.00 15.57 ? 14   TRP A CZ3 1 
ATOM   115  C  CH2 . TRP A 1 14  ? -6.781  0.748   2.295   1.00 14.79 ? 14   TRP A CH2 1 
ATOM   116  N  N   . GLY A 1 15  ? -12.366 2.469   7.359   1.00 13.70 ? 15   GLY A N   1 
ATOM   117  C  CA  . GLY A 1 15  ? -13.469 3.412   7.118   1.00 14.51 ? 15   GLY A CA  1 
ATOM   118  C  C   . GLY A 1 15  ? -12.984 4.858   6.986   1.00 14.57 ? 15   GLY A C   1 
ATOM   119  O  O   . GLY A 1 15  ? -13.557 5.669   6.230   1.00 15.72 ? 15   GLY A O   1 
ATOM   120  N  N   . LYS A 1 16  ? -11.923 5.197   7.716   1.00 14.51 ? 16   LYS A N   1 
ATOM   121  C  CA  . LYS A 1 16  ? -11.333 6.536   7.640   1.00 14.90 ? 16   LYS A CA  1 
ATOM   122  C  C   . LYS A 1 16  ? -10.745 6.763   6.248   1.00 14.01 ? 16   LYS A C   1 
ATOM   123  O  O   . LYS A 1 16  ? -10.948 7.812   5.622   1.00 14.42 ? 16   LYS A O   1 
ATOM   124  C  CB  . LYS A 1 16  ? -10.251 6.728   8.727   1.00 13.95 ? 16   LYS A CB  1 
ATOM   125  C  CG  . LYS A 1 16  ? -10.758 6.492   10.153  1.00 17.29 ? 16   LYS A CG  1 
ATOM   126  C  CD  . LYS A 1 16  ? -9.728  6.948   11.182  1.00 17.29 ? 16   LYS A CD  1 
ATOM   127  C  CE  . LYS A 1 16  ? -9.915  6.251   12.527  1.00 22.69 ? 16   LYS A CE  1 
ATOM   128  N  NZ  . LYS A 1 16  ? -11.122 6.692   13.272  1.00 24.46 ? 16   LYS A NZ  1 
ATOM   129  N  N   . VAL A 1 17  ? -10.030 5.759   5.749   1.00 12.82 ? 17   VAL A N   1 
ATOM   130  C  CA  . VAL A 1 17  ? -9.479  5.829   4.401   1.00 13.31 ? 17   VAL A CA  1 
ATOM   131  C  C   . VAL A 1 17  ? -10.568 5.993   3.335   1.00 13.75 ? 17   VAL A C   1 
ATOM   132  O  O   . VAL A 1 17  ? -10.422 6.827   2.419   1.00 13.63 ? 17   VAL A O   1 
ATOM   133  C  CB  . VAL A 1 17  ? -8.628  4.569   4.107   1.00 12.98 ? 17   VAL A CB  1 
ATOM   134  C  CG1 . VAL A 1 17  ? -8.116  4.548   2.683   1.00 13.53 ? 17   VAL A CG1 1 
ATOM   135  C  CG2 . VAL A 1 17  ? -7.466  4.441   5.138   1.00 13.77 ? 17   VAL A CG2 1 
ATOM   136  N  N   . GLU A 1 18  ? -11.655 5.233   3.466   1.00 13.62 ? 18   GLU A N   1 
ATOM   137  C  CA  . GLU A 1 18  ? -12.713 5.207   2.449   1.00 14.46 ? 18   GLU A CA  1 
ATOM   138  C  C   . GLU A 1 18  ? -13.472 6.531   2.314   1.00 14.70 ? 18   GLU A C   1 
ATOM   139  O  O   . GLU A 1 18  ? -14.128 6.769   1.283   1.00 15.32 ? 18   GLU A O   1 
ATOM   140  C  CB  . GLU A 1 18  ? -13.694 4.065   2.710   1.00 14.58 ? 18   GLU A CB  1 
ATOM   141  C  CG  . GLU A 1 18  ? -13.110 2.708   2.401   1.00 15.40 ? 18   GLU A CG  1 
ATOM   142  C  CD  . GLU A 1 18  ? -14.046 1.558   2.719   1.00 19.98 ? 18   GLU A CD  1 
ATOM   143  O  OE1 . GLU A 1 18  ? -15.010 1.746   3.482   1.00 23.95 ? 18   GLU A OE1 1 
ATOM   144  O  OE2 . GLU A 1 18  ? -13.793 0.458   2.203   1.00 20.22 ? 18   GLU A OE2 1 
ATOM   145  N  N   . ALA A 1 19  ? -13.405 7.380   3.343   1.00 14.69 ? 19   ALA A N   1 
ATOM   146  C  CA  . ALA A 1 19  ? -14.034 8.704   3.265   1.00 14.76 ? 19   ALA A CA  1 
ATOM   147  C  C   . ALA A 1 19  ? -13.336 9.604   2.239   1.00 14.93 ? 19   ALA A C   1 
ATOM   148  O  O   . ALA A 1 19  ? -13.955 10.546  1.730   1.00 15.72 ? 19   ALA A O   1 
ATOM   149  C  CB  . ALA A 1 19  ? -14.086 9.379   4.639   1.00 15.05 ? 19   ALA A CB  1 
ATOM   150  N  N   . ASP A 1 20  ? -12.051 9.333   1.966   1.00 14.53 ? 20   ASP A N   1 
ATOM   151  C  CA  . ASP A 1 20  ? -11.302 10.049  0.928   1.00 14.35 ? 20   ASP A CA  1 
ATOM   152  C  C   . ASP A 1 20  ? -10.202 9.140   0.383   1.00 13.75 ? 20   ASP A C   1 
ATOM   153  O  O   . ASP A 1 20  ? -9.012  9.317   0.689   1.00 13.88 ? 20   ASP A O   1 
ATOM   154  C  CB  . ASP A 1 20  ? -10.712 11.341  1.493   1.00 14.46 ? 20   ASP A CB  1 
ATOM   155  C  CG  . ASP A 1 20  ? -9.924  12.151  0.453   1.00 15.21 ? 20   ASP A CG  1 
ATOM   156  O  OD1 . ASP A 1 20  ? -10.034 11.893  -0.774  1.00 16.14 ? 20   ASP A OD1 1 
ATOM   157  O  OD2 . ASP A 1 20  ? -9.174  13.043  0.886   1.00 17.35 ? 20   ASP A OD2 1 
ATOM   158  N  N   A ILE A 1 21  ? -10.612 8.161   -0.422  0.50 13.94 ? 21   ILE A N   1 
ATOM   159  N  N   B ILE A 1 21  ? -10.594 8.169   -0.432  0.50 13.62 ? 21   ILE A N   1 
ATOM   160  C  CA  A ILE A 1 21  ? -9.696  7.148   -0.987  0.50 14.34 ? 21   ILE A CA  1 
ATOM   161  C  CA  B ILE A 1 21  ? -9.630  7.168   -0.912  0.50 13.63 ? 21   ILE A CA  1 
ATOM   162  C  C   A ILE A 1 21  ? -8.591  7.770   -1.843  0.50 14.40 ? 21   ILE A C   1 
ATOM   163  C  C   B ILE A 1 21  ? -8.574  7.743   -1.872  0.50 14.05 ? 21   ILE A C   1 
ATOM   164  O  O   A ILE A 1 21  ? -7.412  7.457   -1.672  0.50 13.86 ? 21   ILE A O   1 
ATOM   165  O  O   B ILE A 1 21  ? -7.400  7.377   -1.791  0.50 13.59 ? 21   ILE A O   1 
ATOM   166  C  CB  A ILE A 1 21  ? -10.484 6.051   -1.782  0.50 14.51 ? 21   ILE A CB  1 
ATOM   167  C  CB  B ILE A 1 21  ? -10.336 5.885   -1.456  0.50 13.61 ? 21   ILE A CB  1 
ATOM   168  C  CG1 A ILE A 1 21  ? -11.106 5.032   -0.823  0.50 15.36 ? 21   ILE A CG1 1 
ATOM   169  C  CG1 B ILE A 1 21  ? -9.349  4.707   -1.483  0.50 12.80 ? 21   ILE A CG1 1 
ATOM   170  C  CG2 A ILE A 1 21  ? -9.600  5.342   -2.817  0.50 15.30 ? 21   ILE A CG2 1 
ATOM   171  C  CG2 B ILE A 1 21  ? -11.035 6.154   -2.796  0.50 13.77 ? 21   ILE A CG2 1 
ATOM   172  C  CD1 A ILE A 1 21  ? -10.182 3.884   -0.418  0.50 18.28 ? 21   ILE A CD1 1 
ATOM   173  C  CD1 B ILE A 1 21  ? -10.004 3.344   -1.471  0.50 13.65 ? 21   ILE A CD1 1 
ATOM   174  N  N   . ALA A 1 22  ? -8.978  8.660   -2.750  1.00 14.31 ? 22   ALA A N   1 
ATOM   175  C  CA  . ALA A 1 22  ? -8.021  9.317   -3.650  1.00 14.59 ? 22   ALA A CA  1 
ATOM   176  C  C   . ALA A 1 22  ? -6.995  10.182  -2.906  1.00 14.51 ? 22   ALA A C   1 
ATOM   177  O  O   . ALA A 1 22  ? -5.815  10.167  -3.248  1.00 15.37 ? 22   ALA A O   1 
ATOM   178  C  CB  . ALA A 1 22  ? -8.754  10.135  -4.704  1.00 15.13 ? 22   ALA A CB  1 
ATOM   179  N  N   . GLY A 1 23  ? -7.446  10.919  -1.894  1.00 14.84 ? 23   GLY A N   1 
ATOM   180  C  CA  . GLY A 1 23  ? -6.574  11.748  -1.056  1.00 14.26 ? 23   GLY A CA  1 
ATOM   181  C  C   . GLY A 1 23  ? -5.578  10.911  -0.277  1.00 14.42 ? 23   GLY A C   1 
ATOM   182  O  O   . GLY A 1 23  ? -4.364  11.182  -0.284  1.00 14.27 ? 23   GLY A O   1 
ATOM   183  N  N   . HIS A 1 24  ? -6.069  9.871   0.391   1.00 13.82 ? 24   HIS A N   1 
ATOM   184  C  CA  . HIS A 1 24  ? -5.163  8.947   1.083   1.00 13.04 ? 24   HIS A CA  1 
ATOM   185  C  C   . HIS A 1 24  ? -4.183  8.271   0.104   1.00 13.25 ? 24   HIS A C   1 
ATOM   186  O  O   . HIS A 1 24  ? -2.991  8.135   0.394   1.00 13.99 ? 24   HIS A O   1 
ATOM   187  C  CB  . HIS A 1 24  ? -5.937  7.872   1.864   1.00 12.95 ? 24   HIS A CB  1 
ATOM   188  C  CG  . HIS A 1 24  ? -6.553  8.369   3.134   1.00 12.90 ? 24   HIS A CG  1 
ATOM   189  N  ND1 . HIS A 1 24  ? -7.713  9.117   3.151   1.00 14.07 ? 24   HIS A ND1 1 
ATOM   190  C  CD2 . HIS A 1 24  ? -6.184  8.215   4.430   1.00 13.48 ? 24   HIS A CD2 1 
ATOM   191  C  CE1 . HIS A 1 24  ? -8.020  9.423   4.401   1.00 14.03 ? 24   HIS A CE1 1 
ATOM   192  N  NE2 . HIS A 1 24  ? -7.120  8.873   5.197   1.00 12.79 ? 24   HIS A NE2 1 
ATOM   193  N  N   . GLY A 1 25  ? -4.693  7.849   -1.049  1.00 12.52 ? 25   GLY A N   1 
ATOM   194  C  CA  . GLY A 1 25  ? -3.882  7.117   -2.027  1.00 13.44 ? 25   GLY A CA  1 
ATOM   195  C  C   . GLY A 1 25  ? -2.787  8.005   -2.590  1.00 13.24 ? 25   GLY A C   1 
ATOM   196  O  O   . GLY A 1 25  ? -1.619  7.580   -2.707  1.00 14.62 ? 25   GLY A O   1 
ATOM   197  N  N   . GLN A 1 26  ? -3.165  9.226   -2.982  1.00 13.68 ? 26   GLN A N   1 
ATOM   198  C  CA  . GLN A 1 26  ? -2.196  10.247  -3.409  1.00 14.35 ? 26   GLN A CA  1 
ATOM   199  C  C   . GLN A 1 26  ? -1.084  10.437  -2.362  1.00 13.72 ? 26   GLN A C   1 
ATOM   200  O  O   . GLN A 1 26  ? 0.102   10.399  -2.704  1.00 14.17 ? 26   GLN A O   1 
ATOM   201  C  CB  . GLN A 1 26  ? -2.888  11.587  -3.679  1.00 14.64 ? 26   GLN A CB  1 
ATOM   202  C  CG  . GLN A 1 26  ? -1.929  12.748  -3.996  1.00 17.29 ? 26   GLN A CG  1 
ATOM   203  C  CD  . GLN A 1 26  ? -2.562  14.117  -3.783  1.00 16.92 ? 26   GLN A CD  1 
ATOM   204  O  OE1 . GLN A 1 26  ? -3.059  14.427  -2.696  1.00 23.27 ? 26   GLN A OE1 1 
ATOM   205  N  NE2 . GLN A 1 26  ? -2.539  14.943  -4.810  1.00 21.46 ? 26   GLN A NE2 1 
ATOM   206  N  N   . GLU A 1 27  ? -1.461  10.639  -1.097  1.00 13.31 ? 27   GLU A N   1 
ATOM   207  C  CA  . GLU A 1 27  ? -0.458  10.932  -0.054  1.00 14.00 ? 27   GLU A CA  1 
ATOM   208  C  C   . GLU A 1 27  ? 0.450   9.723   0.223   1.00 12.78 ? 27   GLU A C   1 
ATOM   209  O  O   . GLU A 1 27  ? 1.648   9.889   0.488   1.00 12.38 ? 27   GLU A O   1 
ATOM   210  C  CB  . GLU A 1 27  ? -1.108  11.435  1.236   1.00 14.14 ? 27   GLU A CB  1 
ATOM   211  C  CG  . GLU A 1 27  ? -1.695  12.839  1.139   1.00 14.63 ? 27   GLU A CG  1 
ATOM   212  C  CD  . GLU A 1 27  ? -2.056  13.433  2.508   1.00 16.84 ? 27   GLU A CD  1 
ATOM   213  O  OE1 . GLU A 1 27  ? -1.317  13.203  3.506   1.00 20.46 ? 27   GLU A OE1 1 
ATOM   214  O  OE2 . GLU A 1 27  ? -3.096  14.140  2.581   1.00 21.72 ? 27   GLU A OE2 1 
ATOM   215  N  N   . VAL A 1 28  ? -0.106  8.518   0.141   1.00 12.76 ? 28   VAL A N   1 
ATOM   216  C  CA  . VAL A 1 28  ? 0.712   7.312   0.292   1.00 11.95 ? 28   VAL A CA  1 
ATOM   217  C  C   . VAL A 1 28  ? 1.774   7.232   -0.815  1.00 11.63 ? 28   VAL A C   1 
ATOM   218  O  O   . VAL A 1 28  ? 2.959   6.993   -0.539  1.00 12.42 ? 28   VAL A O   1 
ATOM   219  C  CB  . VAL A 1 28  ? -0.175  6.027   0.311   1.00 11.24 ? 28   VAL A CB  1 
ATOM   220  C  CG1 . VAL A 1 28  ? 0.657   4.773   0.096   1.00 11.22 ? 28   VAL A CG1 1 
ATOM   221  C  CG2 . VAL A 1 28  ? -0.922  5.920   1.640   1.00 11.75 ? 28   VAL A CG2 1 
ATOM   222  N  N   . LEU A 1 29  ? 1.363   7.436   -2.074  1.00 11.23 ? 29   LEU A N   1 
ATOM   223  C  CA  . LEU A 1 29  ? 2.343   7.365   -3.170  1.00 11.21 ? 29   LEU A CA  1 
ATOM   224  C  C   . LEU A 1 29  ? 3.387   8.495   -3.104  1.00 11.49 ? 29   LEU A C   1 
ATOM   225  O  O   . LEU A 1 29  ? 4.582   8.254   -3.346  1.00 12.45 ? 29   LEU A O   1 
ATOM   226  C  CB  . LEU A 1 29  ? 1.630   7.358   -4.524  1.00 10.99 ? 29   LEU A CB  1 
ATOM   227  C  CG  . LEU A 1 29  ? 0.765   6.131   -4.836  1.00 11.22 ? 29   LEU A CG  1 
ATOM   228  C  CD1 . LEU A 1 29  ? 0.050   6.321   -6.164  1.00 13.11 ? 29   LEU A CD1 1 
ATOM   229  C  CD2 . LEU A 1 29  ? 1.626   4.848   -4.868  1.00 13.09 ? 29   LEU A CD2 1 
ATOM   230  N  N   . ILE A 1 30  ? 2.965   9.711   -2.773  1.00 12.12 ? 30   ILE A N   1 
ATOM   231  C  CA  . ILE A 1 30  ? 3.933   10.799  -2.605  1.00 12.79 ? 30   ILE A CA  1 
ATOM   232  C  C   . ILE A 1 30  ? 4.939   10.484  -1.489  1.00 13.11 ? 30   ILE A C   1 
ATOM   233  O  O   . ILE A 1 30  ? 6.146   10.714  -1.657  1.00 12.93 ? 30   ILE A O   1 
ATOM   234  C  CB  . ILE A 1 30  ? 3.248   12.165  -2.415  1.00 12.92 ? 30   ILE A CB  1 
ATOM   235  C  CG1 . ILE A 1 30  ? 2.531   12.539  -3.718  1.00 13.23 ? 30   ILE A CG1 1 
ATOM   236  C  CG2 . ILE A 1 30  ? 4.275   13.255  -2.054  1.00 12.81 ? 30   ILE A CG2 1 
ATOM   237  C  CD1 . ILE A 1 30  ? 1.724   13.842  -3.664  1.00 13.54 ? 30   ILE A CD1 1 
ATOM   238  N  N   . ARG A 1 31  ? 4.459   9.951   -0.367  1.00 13.81 ? 31   ARG A N   1 
ATOM   239  C  CA  . ARG A 1 31  ? 5.349   9.574   0.727   1.00 13.86 ? 31   ARG A CA  1 
ATOM   240  C  C   . ARG A 1 31  ? 6.350   8.515   0.238   1.00 13.71 ? 31   ARG A C   1 
ATOM   241  O  O   . ARG A 1 31  ? 7.557   8.591   0.516   1.00 14.34 ? 31   ARG A O   1 
ATOM   242  C  CB  . ARG A 1 31  ? 4.544   9.077   1.932   1.00 14.81 ? 31   ARG A CB  1 
ATOM   243  C  CG  . ARG A 1 31  ? 5.375   8.607   3.125   1.00 15.24 ? 31   ARG A CG  1 
ATOM   244  C  CD  . ARG A 1 31  ? 6.046   9.741   3.900   1.00 17.10 ? 31   ARG A CD  1 
ATOM   245  N  NE  . ARG A 1 31  ? 6.841   9.179   4.991   1.00 17.25 ? 31   ARG A NE  1 
ATOM   246  C  CZ  . ARG A 1 31  ? 7.466   9.900   5.921   1.00 21.29 ? 31   ARG A CZ  1 
ATOM   247  N  NH1 . ARG A 1 31  ? 7.396   11.222  5.904   1.00 24.12 ? 31   ARG A NH1 1 
ATOM   248  N  NH2 . ARG A 1 31  ? 8.174   9.292   6.863   1.00 21.00 ? 31   ARG A NH2 1 
ATOM   249  N  N   . LEU A 1 32  ? 5.844   7.535   -0.501  1.00 13.19 ? 32   LEU A N   1 
ATOM   250  C  CA  . LEU A 1 32  ? 6.711   6.509   -1.083  1.00 12.58 ? 32   LEU A CA  1 
ATOM   251  C  C   . LEU A 1 32  ? 7.775   7.076   -2.044  1.00 12.55 ? 32   LEU A C   1 
ATOM   252  O  O   . LEU A 1 32  ? 8.976   6.754   -1.931  1.00 12.32 ? 32   LEU A O   1 
ATOM   253  C  CB  . LEU A 1 32  ? 5.849   5.485   -1.821  1.00 12.43 ? 32   LEU A CB  1 
ATOM   254  C  CG  . LEU A 1 32  ? 6.560   4.345   -2.533  1.00 12.68 ? 32   LEU A CG  1 
ATOM   255  C  CD1 . LEU A 1 32  ? 7.132   3.376   -1.519  1.00 13.93 ? 32   LEU A CD1 1 
ATOM   256  C  CD2 . LEU A 1 32  ? 5.565   3.618   -3.427  1.00 13.11 ? 32   LEU A CD2 1 
ATOM   257  N  N   . PHE A 1 33  ? 7.336   7.897   -2.997  1.00 12.45 ? 33   PHE A N   1 
ATOM   258  C  CA  . PHE A 1 33  ? 8.228   8.409   -4.040  1.00 12.81 ? 33   PHE A CA  1 
ATOM   259  C  C   . PHE A 1 33  ? 9.279   9.405   -3.519  1.00 13.53 ? 33   PHE A C   1 
ATOM   260  O  O   . PHE A 1 33  ? 10.417  9.443   -4.011  1.00 14.64 ? 33   PHE A O   1 
ATOM   261  C  CB  . PHE A 1 33  ? 7.437   9.098   -5.166  1.00 12.52 ? 33   PHE A CB  1 
ATOM   262  C  CG  . PHE A 1 33  ? 6.541   8.194   -5.947  1.00 11.87 ? 33   PHE A CG  1 
ATOM   263  C  CD1 . PHE A 1 33  ? 6.781   6.811   -6.042  1.00 10.58 ? 33   PHE A CD1 1 
ATOM   264  C  CD2 . PHE A 1 33  ? 5.462   8.739   -6.631  1.00 12.52 ? 33   PHE A CD2 1 
ATOM   265  C  CE1 . PHE A 1 33  ? 5.927   6.000   -6.802  1.00 12.46 ? 33   PHE A CE1 1 
ATOM   266  C  CE2 . PHE A 1 33  ? 4.619   7.935   -7.390  1.00 12.80 ? 33   PHE A CE2 1 
ATOM   267  C  CZ  . PHE A 1 33  ? 4.844   6.563   -7.474  1.00 13.07 ? 33   PHE A CZ  1 
ATOM   268  N  N   . THR A 1 34  ? 8.890   10.227  -2.544  1.00 13.72 ? 34   THR A N   1 
ATOM   269  C  CA  . THR A 1 34  ? 9.793   11.232  -1.984  1.00 14.38 ? 34   THR A CA  1 
ATOM   270  C  C   . THR A 1 34  ? 10.769  10.583  -0.999  1.00 14.33 ? 34   THR A C   1 
ATOM   271  O  O   . THR A 1 34  ? 11.955  10.945  -0.965  1.00 15.14 ? 34   THR A O   1 
ATOM   272  C  CB  . THR A 1 34  ? 9.012   12.425  -1.361  1.00 14.36 ? 34   THR A CB  1 
ATOM   273  O  OG1 . THR A 1 34  ? 8.175   11.978  -0.284  1.00 15.65 ? 34   THR A OG1 1 
ATOM   274  C  CG2 . THR A 1 34  ? 8.143   13.098  -2.409  1.00 14.17 ? 34   THR A CG2 1 
ATOM   275  N  N   . GLY A 1 35  ? 10.295  9.608   -0.219  1.00 14.53 ? 35   GLY A N   1 
ATOM   276  C  CA  . GLY A 1 35  ? 11.167  8.908   0.721   1.00 14.68 ? 35   GLY A CA  1 
ATOM   277  C  C   . GLY A 1 35  ? 12.123  7.936   0.044   1.00 14.72 ? 35   GLY A C   1 
ATOM   278  O  O   . GLY A 1 35  ? 13.247  7.704   0.520   1.00 14.70 ? 35   GLY A O   1 
ATOM   279  N  N   . HIS A 1 36  ? 11.681  7.374   -1.083  1.00 14.62 ? 36   HIS A N   1 
ATOM   280  C  CA  . HIS A 1 36  ? 12.427  6.325   -1.782  1.00 15.03 ? 36   HIS A CA  1 
ATOM   281  C  C   . HIS A 1 36  ? 12.360  6.554   -3.289  1.00 14.89 ? 36   HIS A C   1 
ATOM   282  O  O   . HIS A 1 36  ? 11.617  5.870   -3.985  1.00 14.27 ? 36   HIS A O   1 
ATOM   283  C  CB  . HIS A 1 36  ? 11.856  4.942   -1.406  1.00 15.11 ? 36   HIS A CB  1 
ATOM   284  C  CG  . HIS A 1 36  ? 11.711  4.735   0.075   1.00 17.34 ? 36   HIS A CG  1 
ATOM   285  N  ND1 . HIS A 1 36  ? 12.762  4.341   0.878   1.00 18.09 ? 36   HIS A ND1 1 
ATOM   286  C  CD2 . HIS A 1 36  ? 10.657  4.928   0.904   1.00 17.77 ? 36   HIS A CD2 1 
ATOM   287  C  CE1 . HIS A 1 36  ? 12.350  4.267   2.132   1.00 17.89 ? 36   HIS A CE1 1 
ATOM   288  N  NE2 . HIS A 1 36  ? 11.074  4.612   2.173   1.00 18.50 ? 36   HIS A NE2 1 
ATOM   289  N  N   . PRO A 1 37  ? 13.146  7.519   -3.813  1.00 15.01 ? 37   PRO A N   1 
ATOM   290  C  CA  . PRO A 1 37  ? 13.031  7.885   -5.228  1.00 14.77 ? 37   PRO A CA  1 
ATOM   291  C  C   . PRO A 1 37  ? 13.265  6.773   -6.228  1.00 14.66 ? 37   PRO A C   1 
ATOM   292  O  O   . PRO A 1 37  ? 12.810  6.880   -7.370  1.00 15.40 ? 37   PRO A O   1 
ATOM   293  C  CB  . PRO A 1 37  ? 14.127  8.945   -5.399  1.00 14.09 ? 37   PRO A CB  1 
ATOM   294  C  CG  . PRO A 1 37  ? 14.267  9.537   -4.050  1.00 15.23 ? 37   PRO A CG  1 
ATOM   295  C  CD  . PRO A 1 37  ? 14.165  8.349   -3.142  1.00 14.90 ? 37   PRO A CD  1 
ATOM   296  N  N   . GLU A 1 38  ? 13.970  5.717   -5.823  1.00 14.99 ? 38   GLU A N   1 
ATOM   297  C  CA  . GLU A 1 38  ? 14.158  4.570   -6.709  1.00 15.14 ? 38   GLU A CA  1 
ATOM   298  C  C   . GLU A 1 38  ? 12.809  3.947   -7.111  1.00 15.46 ? 38   GLU A C   1 
ATOM   299  O  O   . GLU A 1 38  ? 12.697  3.372   -8.190  1.00 16.12 ? 38   GLU A O   1 
ATOM   300  C  CB  . GLU A 1 38  ? 15.074  3.515   -6.075  1.00 15.17 ? 38   GLU A CB  1 
ATOM   301  C  CG  . GLU A 1 38  ? 14.503  2.784   -4.847  1.00 14.76 ? 38   GLU A CG  1 
ATOM   302  C  CD  . GLU A 1 38  ? 14.802  3.460   -3.527  1.00 12.53 ? 38   GLU A CD  1 
ATOM   303  O  OE1 . GLU A 1 38  ? 14.874  4.717   -3.478  1.00 14.81 ? 38   GLU A OE1 1 
ATOM   304  O  OE2 . GLU A 1 38  ? 14.954  2.731   -2.526  1.00 13.06 ? 38   GLU A OE2 1 
ATOM   305  N  N   . THR A 1 39  ? 11.793  4.088   -6.249  1.00 14.89 ? 39   THR A N   1 
ATOM   306  C  CA  . THR A 1 39  ? 10.474  3.480   -6.487  1.00 15.06 ? 39   THR A CA  1 
ATOM   307  C  C   . THR A 1 39  ? 9.774   4.179   -7.644  1.00 15.41 ? 39   THR A C   1 
ATOM   308  O  O   . THR A 1 39  ? 9.011   3.547   -8.399  1.00 16.08 ? 39   THR A O   1 
ATOM   309  C  CB  . THR A 1 39  ? 9.585   3.467   -5.203  1.00 14.38 ? 39   THR A CB  1 
ATOM   310  O  OG1 . THR A 1 39  ? 9.303   4.806   -4.772  1.00 14.72 ? 39   THR A OG1 1 
ATOM   311  C  CG2 . THR A 1 39  ? 10.283  2.692   -4.067  1.00 14.16 ? 39   THR A CG2 1 
ATOM   312  N  N   . LEU A 1 40  ? 10.033  5.481   -7.790  1.00 16.25 ? 40   LEU A N   1 
ATOM   313  C  CA  . LEU A 1 40  ? 9.434   6.252   -8.874  1.00 16.91 ? 40   LEU A CA  1 
ATOM   314  C  C   . LEU A 1 40  ? 9.882   5.670   -10.214 1.00 16.61 ? 40   LEU A C   1 
ATOM   315  O  O   . LEU A 1 40  ? 9.123   5.662   -11.188 1.00 16.68 ? 40   LEU A O   1 
ATOM   316  C  CB  . LEU A 1 40  ? 9.798   7.739   -8.758  1.00 16.49 ? 40   LEU A CB  1 
ATOM   317  C  CG  . LEU A 1 40  ? 9.097   8.665   -9.746  1.00 18.05 ? 40   LEU A CG  1 
ATOM   318  C  CD1 . LEU A 1 40  ? 7.613   8.701   -9.469  1.00 18.64 ? 40   LEU A CD1 1 
ATOM   319  C  CD2 . LEU A 1 40  ? 9.660   10.064  -9.696  1.00 17.77 ? 40   LEU A CD2 1 
ATOM   320  N  N   . GLU A 1 41  ? 11.106  5.153   -10.251 1.00 17.29 ? 41   GLU A N   1 
ATOM   321  C  CA  . GLU A 1 41  ? 11.659  4.601   -11.486 1.00 18.34 ? 41   GLU A CA  1 
ATOM   322  C  C   . GLU A 1 41  ? 10.937  3.352   -11.990 1.00 18.20 ? 41   GLU A C   1 
ATOM   323  O  O   . GLU A 1 41  ? 11.065  2.991   -13.162 1.00 18.92 ? 41   GLU A O   1 
ATOM   324  C  CB  . GLU A 1 41  ? 13.157  4.329   -11.331 1.00 18.69 ? 41   GLU A CB  1 
ATOM   325  C  CG  . GLU A 1 41  ? 13.966  5.584   -11.057 1.00 20.16 ? 41   GLU A CG  1 
ATOM   326  C  CD  . GLU A 1 41  ? 13.716  6.705   -12.070 1.00 23.67 ? 41   GLU A CD  1 
ATOM   327  O  OE1 . GLU A 1 41  ? 13.900  6.471   -13.282 1.00 21.45 ? 41   GLU A OE1 1 
ATOM   328  O  OE2 . GLU A 1 41  ? 13.341  7.829   -11.649 1.00 26.58 ? 41   GLU A OE2 1 
ATOM   329  N  N   . LYS A 1 42  ? 10.166  2.712   -11.113 1.00 18.29 ? 42   LYS A N   1 
ATOM   330  C  CA  . LYS A 1 42  ? 9.361   1.559   -11.506 1.00 17.96 ? 42   LYS A CA  1 
ATOM   331  C  C   . LYS A 1 42  ? 8.102   1.956   -12.269 1.00 18.01 ? 42   LYS A C   1 
ATOM   332  O  O   . LYS A 1 42  ? 7.451   1.090   -12.856 1.00 17.13 ? 42   LYS A O   1 
ATOM   333  C  CB  . LYS A 1 42  ? 8.976   0.697   -10.294 1.00 17.67 ? 42   LYS A CB  1 
ATOM   334  C  CG  . LYS A 1 42  ? 10.159  0.025   -9.602  1.00 17.70 ? 42   LYS A CG  1 
ATOM   335  C  CD  . LYS A 1 42  ? 10.793  -1.040  -10.518 1.00 18.08 ? 42   LYS A CD  1 
ATOM   336  C  CE  . LYS A 1 42  ? 11.928  -1.780  -9.832  1.00 19.88 ? 42   LYS A CE  1 
ATOM   337  N  NZ  . LYS A 1 42  ? 12.501  -2.875  -10.705 1.00 20.95 ? 42   LYS A NZ  1 
ATOM   338  N  N   . PHE A 1 43  ? 7.772   3.254   -12.261 1.00 17.52 ? 43   PHE A N   1 
ATOM   339  C  CA  . PHE A 1 43  ? 6.580   3.771   -12.932 1.00 18.24 ? 43   PHE A CA  1 
ATOM   340  C  C   . PHE A 1 43  ? 6.964   4.645   -14.121 1.00 19.22 ? 43   PHE A C   1 
ATOM   341  O  O   . PHE A 1 43  ? 7.176   5.846   -13.958 1.00 19.34 ? 43   PHE A O   1 
ATOM   342  C  CB  . PHE A 1 43  ? 5.750   4.635   -11.982 1.00 17.52 ? 43   PHE A CB  1 
ATOM   343  C  CG  . PHE A 1 43  ? 5.144   3.891   -10.821 1.00 16.46 ? 43   PHE A CG  1 
ATOM   344  C  CD1 . PHE A 1 43  ? 5.886   3.642   -9.669  1.00 16.59 ? 43   PHE A CD1 1 
ATOM   345  C  CD2 . PHE A 1 43  ? 3.809   3.474   -10.868 1.00 15.46 ? 43   PHE A CD2 1 
ATOM   346  C  CE1 . PHE A 1 43  ? 5.316   2.976   -8.581  1.00 17.78 ? 43   PHE A CE1 1 
ATOM   347  C  CE2 . PHE A 1 43  ? 3.237   2.808   -9.773  1.00 16.20 ? 43   PHE A CE2 1 
ATOM   348  C  CZ  . PHE A 1 43  ? 3.995   2.567   -8.637  1.00 15.84 ? 43   PHE A CZ  1 
ATOM   349  N  N   . ASP A 1 44  ? 7.017   4.072   -15.322 1.00 20.84 ? 44   ASP A N   1 
ATOM   350  C  CA  . ASP A 1 44  ? 7.272   4.891   -16.510 1.00 22.11 ? 44   ASP A CA  1 
ATOM   351  C  C   . ASP A 1 44  ? 6.330   6.097   -16.575 1.00 21.75 ? 44   ASP A C   1 
ATOM   352  O  O   . ASP A 1 44  ? 6.750   7.193   -16.949 1.00 22.27 ? 44   ASP A O   1 
ATOM   353  C  CB  . ASP A 1 44  ? 7.174   4.067   -17.793 1.00 23.33 ? 44   ASP A CB  1 
ATOM   354  C  CG  . ASP A 1 44  ? 8.277   3.032   -17.908 1.00 25.95 ? 44   ASP A CG  1 
ATOM   355  O  OD1 . ASP A 1 44  ? 9.396   3.277   -17.397 1.00 28.15 ? 44   ASP A OD1 1 
ATOM   356  O  OD2 . ASP A 1 44  ? 8.022   1.976   -18.521 1.00 29.50 ? 44   ASP A OD2 1 
ATOM   357  N  N   . LYS A 1 45  ? 5.075   5.906   -16.163 1.00 20.77 ? 45   LYS A N   1 
ATOM   358  C  CA  . LYS A 1 45  ? 4.086   6.986   -16.256 1.00 20.43 ? 45   LYS A CA  1 
ATOM   359  C  C   . LYS A 1 45  ? 4.172   8.056   -15.144 1.00 19.54 ? 45   LYS A C   1 
ATOM   360  O  O   . LYS A 1 45  ? 3.393   9.023   -15.142 1.00 18.92 ? 45   LYS A O   1 
ATOM   361  C  CB  . LYS A 1 45  ? 2.669   6.420   -16.375 1.00 20.79 ? 45   LYS A CB  1 
ATOM   362  C  CG  . LYS A 1 45  ? 2.086   5.887   -15.081 1.00 22.42 ? 45   LYS A CG  1 
ATOM   363  C  CD  . LYS A 1 45  ? 0.632   5.518   -15.305 1.00 25.03 ? 45   LYS A CD  1 
ATOM   364  C  CE  . LYS A 1 45  ? 0.026   4.914   -14.068 1.00 27.38 ? 45   LYS A CE  1 
ATOM   365  N  NZ  . LYS A 1 45  ? -1.424  4.744   -14.297 1.00 28.84 ? 45   LYS A NZ  1 
ATOM   366  N  N   . PHE A 1 46  ? 5.082   7.876   -14.191 1.00 18.01 ? 46   PHE A N   1 
ATOM   367  C  CA  . PHE A 1 46  ? 5.289   8.905   -13.166 1.00 17.95 ? 46   PHE A CA  1 
ATOM   368  C  C   . PHE A 1 46  ? 6.708   9.461   -13.131 1.00 18.33 ? 46   PHE A C   1 
ATOM   369  O  O   . PHE A 1 46  ? 6.977   10.390  -12.382 1.00 17.54 ? 46   PHE A O   1 
ATOM   370  C  CB  . PHE A 1 46  ? 4.866   8.430   -11.755 1.00 18.04 ? 46   PHE A CB  1 
ATOM   371  C  CG  . PHE A 1 46  ? 3.398   8.098   -11.630 1.00 18.83 ? 46   PHE A CG  1 
ATOM   372  C  CD1 . PHE A 1 46  ? 2.427   8.983   -12.077 1.00 19.02 ? 46   PHE A CD1 1 
ATOM   373  C  CD2 . PHE A 1 46  ? 2.985   6.884   -11.072 1.00 19.00 ? 46   PHE A CD2 1 
ATOM   374  C  CE1 . PHE A 1 46  ? 1.059   8.670   -11.967 1.00 19.39 ? 46   PHE A CE1 1 
ATOM   375  C  CE2 . PHE A 1 46  ? 1.636   6.568   -10.960 1.00 19.48 ? 46   PHE A CE2 1 
ATOM   376  C  CZ  . PHE A 1 46  ? 0.669   7.453   -11.413 1.00 19.57 ? 46   PHE A CZ  1 
ATOM   377  N  N   . LYS A 1 47  ? 7.598   8.906   -13.955 1.00 19.15 ? 47   LYS A N   1 
ATOM   378  C  CA  . LYS A 1 47  ? 8.995   9.375   -14.057 1.00 21.26 ? 47   LYS A CA  1 
ATOM   379  C  C   . LYS A 1 47  ? 9.165   10.855  -14.381 1.00 22.28 ? 47   LYS A C   1 
ATOM   380  O  O   . LYS A 1 47  ? 10.187  11.450  -14.025 1.00 23.65 ? 47   LYS A O   1 
ATOM   381  C  CB  . LYS A 1 47  ? 9.757   8.567   -15.103 1.00 21.21 ? 47   LYS A CB  1 
ATOM   382  C  CG  . LYS A 1 47  ? 10.236  7.226   -14.631 1.00 22.63 ? 47   LYS A CG  1 
ATOM   383  C  CD  . LYS A 1 47  ? 11.012  6.560   -15.750 1.00 24.08 ? 47   LYS A CD  1 
ATOM   384  C  CE  . LYS A 1 47  ? 11.414  5.150   -15.380 1.00 27.17 ? 47   LYS A CE  1 
ATOM   385  N  NZ  . LYS A 1 47  ? 12.215  4.488   -16.451 1.00 28.04 ? 47   LYS A NZ  1 
ATOM   386  N  N   . HIS A 1 48  ? 8.193   11.441  -15.075 1.00 22.86 ? 48   HIS A N   1 
ATOM   387  C  CA  . HIS A 1 48  ? 8.237   12.861  -15.435 1.00 23.69 ? 48   HIS A CA  1 
ATOM   388  C  C   . HIS A 1 48  ? 7.976   13.771  -14.241 1.00 24.17 ? 48   HIS A C   1 
ATOM   389  O  O   . HIS A 1 48  ? 8.102   14.991  -14.356 1.00 25.41 ? 48   HIS A O   1 
ATOM   390  C  CB  . HIS A 1 48  ? 7.175   13.173  -16.486 1.00 23.77 ? 48   HIS A CB  1 
ATOM   391  C  CG  . HIS A 1 48  ? 5.783   13.151  -15.936 1.00 22.86 ? 48   HIS A CG  1 
ATOM   392  N  ND1 . HIS A 1 48  ? 5.063   11.985  -15.777 1.00 21.22 ? 48   HIS A ND1 1 
ATOM   393  C  CD2 . HIS A 1 48  ? 5.000   14.147  -15.459 1.00 21.25 ? 48   HIS A CD2 1 
ATOM   394  C  CE1 . HIS A 1 48  ? 3.885   12.272  -15.253 1.00 20.36 ? 48   HIS A CE1 1 
ATOM   395  N  NE2 . HIS A 1 48  ? 3.823   13.575  -15.049 1.00 21.16 ? 48   HIS A NE2 1 
ATOM   396  N  N   . LEU A 1 49  ? 7.551   13.196  -13.116 1.00 23.84 ? 49   LEU A N   1 
ATOM   397  C  CA  . LEU A 1 49  ? 7.224   13.979  -11.932 1.00 23.92 ? 49   LEU A CA  1 
ATOM   398  C  C   . LEU A 1 49  ? 8.509   14.291  -11.198 1.00 24.40 ? 49   LEU A C   1 
ATOM   399  O  O   . LEU A 1 49  ? 9.017   13.486  -10.418 1.00 25.00 ? 49   LEU A O   1 
ATOM   400  C  CB  . LEU A 1 49  ? 6.220   13.247  -11.030 1.00 23.44 ? 49   LEU A CB  1 
ATOM   401  C  CG  . LEU A 1 49  ? 4.798   13.089  -11.579 1.00 22.52 ? 49   LEU A CG  1 
ATOM   402  C  CD1 . LEU A 1 49  ? 3.959   12.296  -10.609 1.00 20.35 ? 49   LEU A CD1 1 
ATOM   403  C  CD2 . LEU A 1 49  ? 4.149   14.440  -11.831 1.00 22.25 ? 49   LEU A CD2 1 
ATOM   404  N  N   . LYS A 1 50  ? 9.030   15.481  -11.466 1.00 24.28 ? 50   LYS A N   1 
ATOM   405  C  CA  . LYS A 1 50  ? 10.348  15.870  -10.976 1.00 24.37 ? 50   LYS A CA  1 
ATOM   406  C  C   . LYS A 1 50  ? 10.304  16.577  -9.621  1.00 23.47 ? 50   LYS A C   1 
ATOM   407  O  O   . LYS A 1 50  ? 11.330  16.679  -8.945  1.00 24.34 ? 50   LYS A O   1 
ATOM   408  C  CB  . LYS A 1 50  ? 11.049  16.758  -12.011 1.00 25.02 ? 50   LYS A CB  1 
ATOM   409  C  CG  . LYS A 1 50  ? 11.347  16.062  -13.347 1.00 27.41 ? 50   LYS A CG  1 
ATOM   410  C  CD  . LYS A 1 50  ? 12.209  14.813  -13.164 1.00 30.44 ? 50   LYS A CD  1 
ATOM   411  C  CE  . LYS A 1 50  ? 12.760  14.310  -14.491 1.00 32.14 ? 50   LYS A CE  1 
ATOM   412  N  NZ  . LYS A 1 50  ? 13.732  13.202  -14.275 1.00 34.04 ? 50   LYS A NZ  1 
ATOM   413  N  N   A THR A 1 51  ? 9.135   17.101  -9.244  0.50 22.22 ? 51   THR A N   1 
ATOM   414  N  N   B THR A 1 51  ? 9.121   17.041  -9.234  0.50 22.76 ? 51   THR A N   1 
ATOM   415  C  CA  A THR A 1 51  ? 8.964   17.791  -7.959  0.50 20.82 ? 51   THR A CA  1 
ATOM   416  C  CA  B THR A 1 51  ? 8.942   17.731  -7.968  0.50 22.01 ? 51   THR A CA  1 
ATOM   417  C  C   A THR A 1 51  ? 7.713   17.304  -7.237  0.50 21.08 ? 51   THR A C   1 
ATOM   418  C  C   B THR A 1 51  ? 7.741   17.185  -7.210  0.50 21.73 ? 51   THR A C   1 
ATOM   419  O  O   A THR A 1 51  ? 6.787   16.788  -7.873  0.50 20.82 ? 51   THR A O   1 
ATOM   420  O  O   B THR A 1 51  ? 6.885   16.511  -7.788  0.50 21.41 ? 51   THR A O   1 
ATOM   421  C  CB  A THR A 1 51  ? 8.856   19.336  -8.113  0.50 20.75 ? 51   THR A CB  1 
ATOM   422  C  CB  B THR A 1 51  ? 8.767   19.247  -8.177  0.50 22.11 ? 51   THR A CB  1 
ATOM   423  O  OG1 A THR A 1 51  ? 7.610   19.680  -8.731  0.50 19.06 ? 51   THR A OG1 1 
ATOM   424  O  OG1 B THR A 1 51  ? 8.798   19.903  -6.908  0.50 23.30 ? 51   THR A OG1 1 
ATOM   425  C  CG2 A THR A 1 51  ? 10.026  19.915  -8.927  0.50 18.80 ? 51   THR A CG2 1 
ATOM   426  C  CG2 B THR A 1 51  ? 7.449   19.553  -8.872  0.50 21.55 ? 51   THR A CG2 1 
ATOM   427  N  N   . GLU A 1 52  ? 7.682   17.475  -5.914  1.00 21.17 ? 52   GLU A N   1 
ATOM   428  C  CA  . GLU A 1 52  ? 6.492   17.161  -5.123  1.00 20.93 ? 52   GLU A CA  1 
ATOM   429  C  C   . GLU A 1 52  ? 5.260   17.992  -5.530  1.00 20.60 ? 52   GLU A C   1 
ATOM   430  O  O   . GLU A 1 52  ? 4.133   17.497  -5.481  1.00 19.96 ? 52   GLU A O   1 
ATOM   431  C  CB  . GLU A 1 52  ? 6.753   17.311  -3.630  1.00 21.09 ? 52   GLU A CB  1 
ATOM   432  C  CG  . GLU A 1 52  ? 5.542   16.901  -2.798  1.00 21.45 ? 52   GLU A CG  1 
ATOM   433  C  CD  . GLU A 1 52  ? 5.828   16.820  -1.322  1.00 22.75 ? 52   GLU A CD  1 
ATOM   434  O  OE1 . GLU A 1 52  ? 7.017   16.725  -0.940  1.00 21.84 ? 52   GLU A OE1 1 
ATOM   435  O  OE2 . GLU A 1 52  ? 4.847   16.851  -0.550  1.00 25.12 ? 52   GLU A OE2 1 
ATOM   436  N  N   . ALA A 1 53  ? 5.470   19.244  -5.943  1.00 20.34 ? 53   ALA A N   1 
ATOM   437  C  CA  . ALA A 1 53  ? 4.368   20.056  -6.460  1.00 19.85 ? 53   ALA A CA  1 
ATOM   438  C  C   . ALA A 1 53  ? 3.755   19.405  -7.684  1.00 19.55 ? 53   ALA A C   1 
ATOM   439  O  O   . ALA A 1 53  ? 2.528   19.364  -7.810  1.00 20.57 ? 53   ALA A O   1 
ATOM   440  C  CB  . ALA A 1 53  ? 4.823   21.482  -6.799  1.00 20.02 ? 53   ALA A CB  1 
ATOM   441  N  N   A GLU A 1 54  ? 4.603   18.914  -8.585  0.50 19.20 ? 54   GLU A N   1 
ATOM   442  N  N   B GLU A 1 54  ? 4.614   18.903  -8.576  0.50 19.70 ? 54   GLU A N   1 
ATOM   443  C  CA  A GLU A 1 54  ? 4.134   18.194  -9.763  0.50 18.80 ? 54   GLU A CA  1 
ATOM   444  C  CA  B GLU A 1 54  ? 4.169   18.191  -9.770  0.50 19.92 ? 54   GLU A CA  1 
ATOM   445  C  C   A GLU A 1 54  ? 3.379   16.940  -9.340  0.50 18.64 ? 54   GLU A C   1 
ATOM   446  C  C   B GLU A 1 54  ? 3.403   16.933  -9.359  0.50 19.23 ? 54   GLU A C   1 
ATOM   447  O  O   A GLU A 1 54  ? 2.324   16.631  -9.902  0.50 18.97 ? 54   GLU A O   1 
ATOM   448  O  O   B GLU A 1 54  ? 2.368   16.615  -9.950  0.50 19.59 ? 54   GLU A O   1 
ATOM   449  C  CB  A GLU A 1 54  ? 5.300   17.845  -10.685 0.50 18.45 ? 54   GLU A CB  1 
ATOM   450  C  CB  B GLU A 1 54  ? 5.352   17.836  -10.683 0.50 19.70 ? 54   GLU A CB  1 
ATOM   451  C  CG  A GLU A 1 54  ? 5.849   19.049  -11.444 0.50 17.44 ? 54   GLU A CG  1 
ATOM   452  C  CG  B GLU A 1 54  ? 5.071   18.098  -12.168 0.50 21.46 ? 54   GLU A CG  1 
ATOM   453  C  CD  A GLU A 1 54  ? 7.220   18.806  -12.031 0.50 18.37 ? 54   GLU A CD  1 
ATOM   454  C  CD  B GLU A 1 54  ? 6.174   17.616  -13.114 0.50 20.89 ? 54   GLU A CD  1 
ATOM   455  O  OE1 A GLU A 1 54  ? 7.947   17.927  -11.514 0.50 18.42 ? 54   GLU A OE1 1 
ATOM   456  O  OE1 B GLU A 1 54  ? 7.375   17.808  -12.821 0.50 21.35 ? 54   GLU A OE1 1 
ATOM   457  O  OE2 A GLU A 1 54  ? 7.581   19.519  -12.999 0.50 19.18 ? 54   GLU A OE2 1 
ATOM   458  O  OE2 B GLU A 1 54  ? 5.828   17.064  -14.182 0.50 23.15 ? 54   GLU A OE2 1 
ATOM   459  N  N   . MET A 1 55  ? 3.906   16.234  -8.340  1.00 18.70 ? 55   MET A N   1 
ATOM   460  C  CA  . MET A 1 55  ? 3.231   15.036  -7.807  1.00 18.23 ? 55   MET A CA  1 
ATOM   461  C  C   . MET A 1 55  ? 1.836   15.378  -7.281  1.00 18.20 ? 55   MET A C   1 
ATOM   462  O  O   . MET A 1 55  ? 0.866   14.697  -7.606  1.00 18.07 ? 55   MET A O   1 
ATOM   463  C  CB  . MET A 1 55  ? 4.055   14.351  -6.711  1.00 17.52 ? 55   MET A CB  1 
ATOM   464  C  CG  . MET A 1 55  ? 5.338   13.715  -7.208  1.00 18.85 ? 55   MET A CG  1 
ATOM   465  S  SD  . MET A 1 55  ? 6.206   13.038  -5.792  1.00 18.56 ? 55   MET A SD  1 
ATOM   466  C  CE  . MET A 1 55  ? 7.800   12.689  -6.537  1.00 18.18 ? 55   MET A CE  1 
ATOM   467  N  N   . LYS A 1 56  ? 1.742   16.461  -6.506  1.00 18.34 ? 56   LYS A N   1 
ATOM   468  C  CA  . LYS A 1 56  ? 0.459   16.888  -5.915  1.00 18.40 ? 56   LYS A CA  1 
ATOM   469  C  C   . LYS A 1 56  ? -0.550  17.309  -6.981  1.00 18.39 ? 56   LYS A C   1 
ATOM   470  O  O   . LYS A 1 56  ? -1.759  17.115  -6.801  1.00 18.18 ? 56   LYS A O   1 
ATOM   471  C  CB  . LYS A 1 56  ? 0.665   18.044  -4.929  1.00 19.42 ? 56   LYS A CB  1 
ATOM   472  C  CG  . LYS A 1 56  ? 1.393   17.676  -3.633  1.00 21.87 ? 56   LYS A CG  1 
ATOM   473  C  CD  . LYS A 1 56  ? 0.489   17.070  -2.569  1.00 24.33 ? 56   LYS A CD  1 
ATOM   474  C  CE  . LYS A 1 56  ? 1.309   16.757  -1.294  1.00 24.25 ? 56   LYS A CE  1 
ATOM   475  N  NZ  . LYS A 1 56  ? 0.955   15.439  -0.659  1.00 28.75 ? 56   LYS A NZ  1 
ATOM   476  N  N   . ALA A 1 57  ? -0.048  17.901  -8.066  1.00 18.17 ? 57   ALA A N   1 
ATOM   477  C  CA  . ALA A 1 57  ? -0.870  18.381  -9.188  1.00 17.65 ? 57   ALA A CA  1 
ATOM   478  C  C   . ALA A 1 57  ? -1.275  17.292  -10.184 1.00 17.44 ? 57   ALA A C   1 
ATOM   479  O  O   . ALA A 1 57  ? -2.118  17.525  -11.055 1.00 18.36 ? 57   ALA A O   1 
ATOM   480  C  CB  . ALA A 1 57  ? -0.163  19.533  -9.924  1.00 17.45 ? 57   ALA A CB  1 
ATOM   481  N  N   . SER A 1 58  ? -0.705  16.096  -10.052 1.00 16.67 ? 58   SER A N   1 
ATOM   482  C  CA  . SER A 1 58  ? -1.006  15.025  -10.987 1.00 16.33 ? 58   SER A CA  1 
ATOM   483  C  C   . SER A 1 58  ? -2.331  14.335  -10.674 1.00 15.59 ? 58   SER A C   1 
ATOM   484  O  O   . SER A 1 58  ? -2.464  13.630  -9.665  1.00 15.97 ? 58   SER A O   1 
ATOM   485  C  CB  . SER A 1 58  ? 0.117   13.989  -10.987 1.00 15.67 ? 58   SER A CB  1 
ATOM   486  O  OG  . SER A 1 58  ? -0.232  12.889  -11.792 1.00 16.26 ? 58   SER A OG  1 
ATOM   487  N  N   . GLU A 1 59  ? -3.312  14.507  -11.552 1.00 15.75 ? 59   GLU A N   1 
ATOM   488  C  CA  . GLU A 1 59  ? -4.588  13.814  -11.387 1.00 14.98 ? 59   GLU A CA  1 
ATOM   489  C  C   . GLU A 1 59  ? -4.439  12.314  -11.663 1.00 14.81 ? 59   GLU A C   1 
ATOM   490  O  O   . GLU A 1 59  ? -5.162  11.488  -11.090 1.00 15.22 ? 59   GLU A O   1 
ATOM   491  C  CB  . GLU A 1 59  ? -5.679  14.440  -12.273 1.00 15.07 ? 59   GLU A CB  1 
ATOM   492  C  CG  . GLU A 1 59  ? -6.017  15.891  -11.919 1.00 17.23 ? 59   GLU A CG  1 
ATOM   493  C  CD  . GLU A 1 59  ? -6.379  16.079  -10.452 1.00 17.99 ? 59   GLU A CD  1 
ATOM   494  O  OE1 . GLU A 1 59  ? -7.139  15.267  -9.897  1.00 20.52 ? 59   GLU A OE1 1 
ATOM   495  O  OE2 . GLU A 1 59  ? -5.897  17.061  -9.847  1.00 24.63 ? 59   GLU A OE2 1 
ATOM   496  N  N   . ASP A 1 60  ? -3.497  11.951  -12.535 1.00 14.49 ? 60   ASP A N   1 
ATOM   497  C  CA  . ASP A 1 60  ? -3.271  10.534  -12.807 1.00 14.41 ? 60   ASP A CA  1 
ATOM   498  C  C   . ASP A 1 60  ? -2.662  9.818   -11.607 1.00 14.40 ? 60   ASP A C   1 
ATOM   499  O  O   . ASP A 1 60  ? -2.933  8.616   -11.410 1.00 14.20 ? 60   ASP A O   1 
ATOM   500  C  CB  . ASP A 1 60  ? -2.410  10.318  -14.059 1.00 15.64 ? 60   ASP A CB  1 
ATOM   501  C  CG  . ASP A 1 60  ? -2.533  8.917   -14.587 1.00 17.94 ? 60   ASP A CG  1 
ATOM   502  O  OD1 . ASP A 1 60  ? -3.678  8.483   -14.839 1.00 19.51 ? 60   ASP A OD1 1 
ATOM   503  O  OD2 . ASP A 1 60  ? -1.496  8.235   -14.718 1.00 21.08 ? 60   ASP A OD2 1 
ATOM   504  N  N   A LEU A 1 61  ? -1.855  10.536  -10.820 0.50 13.89 ? 61   LEU A N   1 
ATOM   505  N  N   B LEU A 1 61  ? -1.853  10.531  -10.814 0.50 13.70 ? 61   LEU A N   1 
ATOM   506  C  CA  A LEU A 1 61  ? -1.279  9.973   -9.592  0.50 13.77 ? 61   LEU A CA  1 
ATOM   507  C  CA  B LEU A 1 61  ? -1.287  9.947   -9.588  0.50 13.34 ? 61   LEU A CA  1 
ATOM   508  C  C   A LEU A 1 61  ? -2.373  9.647   -8.581  0.50 13.54 ? 61   LEU A C   1 
ATOM   509  C  C   B LEU A 1 61  ? -2.374  9.645   -8.564  0.50 13.33 ? 61   LEU A C   1 
ATOM   510  O  O   A LEU A 1 61  ? -2.321  8.602   -7.921  0.50 13.64 ? 61   LEU A O   1 
ATOM   511  O  O   B LEU A 1 61  ? -2.323  8.614   -7.880  0.50 13.46 ? 61   LEU A O   1 
ATOM   512  C  CB  A LEU A 1 61  ? -0.227  10.916  -8.982  0.50 13.53 ? 61   LEU A CB  1 
ATOM   513  C  CB  B LEU A 1 61  ? -0.193  10.837  -8.968  0.50 12.99 ? 61   LEU A CB  1 
ATOM   514  C  CG  A LEU A 1 61  ? 0.637   10.350  -7.844  0.50 13.71 ? 61   LEU A CG  1 
ATOM   515  C  CG  B LEU A 1 61  ? 0.515   10.207  -7.753  0.50 12.37 ? 61   LEU A CG  1 
ATOM   516  C  CD1 A LEU A 1 61  ? 2.031   10.941  -7.860  0.50 13.30 ? 61   LEU A CD1 1 
ATOM   517  C  CD1 B LEU A 1 61  ? 1.240   8.930   -8.147  0.50 10.95 ? 61   LEU A CD1 1 
ATOM   518  C  CD2 A LEU A 1 61  ? -0.005  10.562  -6.486  0.50 15.08 ? 61   LEU A CD2 1 
ATOM   519  C  CD2 B LEU A 1 61  ? 1.476   11.159  -7.079  0.50 12.97 ? 61   LEU A CD2 1 
ATOM   520  N  N   . LYS A 1 62  ? -3.364  10.533  -8.469  1.00 13.21 ? 62   LYS A N   1 
ATOM   521  C  CA  . LYS A 1 62  ? -4.519  10.318  -7.578  1.00 13.90 ? 62   LYS A CA  1 
ATOM   522  C  C   . LYS A 1 62  ? -5.332  9.127   -8.065  1.00 13.35 ? 62   LYS A C   1 
ATOM   523  O  O   . LYS A 1 62  ? -5.751  8.303   -7.252  1.00 13.02 ? 62   LYS A O   1 
ATOM   524  C  CB  . LYS A 1 62  ? -5.405  11.562  -7.462  1.00 15.04 ? 62   LYS A CB  1 
ATOM   525  C  CG  . LYS A 1 62  ? -4.756  12.756  -6.805  1.00 17.57 ? 62   LYS A CG  1 
ATOM   526  C  CD  . LYS A 1 62  ? -5.657  13.988  -6.952  1.00 21.24 ? 62   LYS A CD  1 
ATOM   527  C  CE  . LYS A 1 62  ? -4.841  15.286  -6.854  1.00 25.37 ? 62   LYS A CE  1 
ATOM   528  N  NZ  . LYS A 1 62  ? -5.643  16.516  -7.126  1.00 28.22 ? 62   LYS A NZ  1 
ATOM   529  N  N   . LYS A 1 63  ? -5.539  9.036   -9.384  1.00 13.01 ? 63   LYS A N   1 
ATOM   530  C  CA  . LYS A 1 63  ? -6.238  7.905   -9.986  1.00 12.63 ? 63   LYS A CA  1 
ATOM   531  C  C   . LYS A 1 63  ? -5.526  6.597   -9.618  1.00 12.50 ? 63   LYS A C   1 
ATOM   532  O  O   . LYS A 1 63  ? -6.166  5.641   -9.175  1.00 11.58 ? 63   LYS A O   1 
ATOM   533  C  CB  . LYS A 1 63  ? -6.322  8.062   -11.516 1.00 12.36 ? 63   LYS A CB  1 
ATOM   534  C  CG  . LYS A 1 63  ? -7.093  6.964   -12.242 1.00 13.21 ? 63   LYS A CG  1 
ATOM   535  C  CD  . LYS A 1 63  ? -7.036  7.246   -13.748 1.00 12.54 ? 63   LYS A CD  1 
ATOM   536  C  CE  . LYS A 1 63  ? -7.654  6.156   -14.563 1.00 13.75 ? 63   LYS A CE  1 
ATOM   537  N  NZ  . LYS A 1 63  ? -7.604  6.538   -16.006 1.00 16.53 ? 63   LYS A NZ  1 
ATOM   538  N  N   . HIS A 1 64  ? -4.200  6.551   -9.776  1.00 12.55 ? 64   HIS A N   1 
ATOM   539  C  CA  . HIS A 1 64  ? -3.471  5.338   -9.416  1.00 12.44 ? 64   HIS A CA  1 
ATOM   540  C  C   . HIS A 1 64  ? -3.557  5.047   -7.910  1.00 12.42 ? 64   HIS A C   1 
ATOM   541  O  O   . HIS A 1 64  ? -3.662  3.893   -7.500  1.00 12.20 ? 64   HIS A O   1 
ATOM   542  C  CB  . HIS A 1 64  ? -2.018  5.395   -9.871  1.00 13.17 ? 64   HIS A CB  1 
ATOM   543  C  CG  . HIS A 1 64  ? -1.320  4.090   -9.705  1.00 13.18 ? 64   HIS A CG  1 
ATOM   544  N  ND1 . HIS A 1 64  ? -1.605  3.000   -10.497 1.00 15.60 ? 64   HIS A ND1 1 
ATOM   545  C  CD2 . HIS A 1 64  ? -0.396  3.674   -8.807  1.00 15.68 ? 64   HIS A CD2 1 
ATOM   546  C  CE1 . HIS A 1 64  ? -0.873  1.972   -10.107 1.00 16.61 ? 64   HIS A CE1 1 
ATOM   547  N  NE2 . HIS A 1 64  ? -0.138  2.353   -9.079  1.00 15.67 ? 64   HIS A NE2 1 
ATOM   548  N  N   . GLY A 1 65  ? -3.528  6.088   -7.083  1.00 12.55 ? 65   GLY A N   1 
ATOM   549  C  CA  . GLY A 1 65  ? -3.658  5.884   -5.630  1.00 12.51 ? 65   GLY A CA  1 
ATOM   550  C  C   . GLY A 1 65  ? -5.018  5.246   -5.306  1.00 12.00 ? 65   GLY A C   1 
ATOM   551  O  O   . GLY A 1 65  ? -5.122  4.371   -4.438  1.00 12.24 ? 65   GLY A O   1 
ATOM   552  N  N   . THR A 1 66  ? -6.059  5.677   -6.006  1.00 12.03 ? 66   THR A N   1 
ATOM   553  C  CA  . THR A 1 66  ? -7.371  5.044   -5.884  1.00 11.62 ? 66   THR A CA  1 
ATOM   554  C  C   . THR A 1 66  ? -7.352  3.561   -6.232  1.00 11.94 ? 66   THR A C   1 
ATOM   555  O  O   . THR A 1 66  ? -7.927  2.742   -5.506  1.00 11.89 ? 66   THR A O   1 
ATOM   556  C  CB  . THR A 1 66  ? -8.425  5.789   -6.727  1.00 12.58 ? 66   THR A CB  1 
ATOM   557  O  OG1 . THR A 1 66  ? -8.553  7.118   -6.207  1.00 16.15 ? 66   THR A OG1 1 
ATOM   558  C  CG2 . THR A 1 66  ? -9.785  5.076   -6.660  1.00 13.00 ? 66   THR A CG2 1 
ATOM   559  N  N   . VAL A 1 67  ? -6.711  3.218   -7.346  1.00 9.64  ? 67   VAL A N   1 
ATOM   560  C  CA  . VAL A 1 67  ? -6.600  1.828   -7.781  1.00 10.85 ? 67   VAL A CA  1 
ATOM   561  C  C   . VAL A 1 67  ? -5.865  0.998   -6.703  1.00 10.72 ? 67   VAL A C   1 
ATOM   562  O  O   . VAL A 1 67  ? -6.296  -0.113  -6.323  1.00 11.25 ? 67   VAL A O   1 
ATOM   563  C  CB  . VAL A 1 67  ? -5.892  1.751   -9.167  1.00 10.29 ? 67   VAL A CB  1 
ATOM   564  C  CG1 . VAL A 1 67  ? -5.484  0.303   -9.523  1.00 10.83 ? 67   VAL A CG1 1 
ATOM   565  C  CG2 . VAL A 1 67  ? -6.825  2.333   -10.274 1.00 11.34 ? 67   VAL A CG2 1 
ATOM   566  N  N   . VAL A 1 68  ? -4.744  1.525   -6.222  1.00 10.59 ? 68   VAL A N   1 
ATOM   567  C  CA  . VAL A 1 68  ? -3.931  0.787   -5.258  1.00 10.55 ? 68   VAL A CA  1 
ATOM   568  C  C   . VAL A 1 68  ? -4.698  0.573   -3.948  1.00 10.28 ? 68   VAL A C   1 
ATOM   569  O  O   . VAL A 1 68  ? -4.802  -0.555  -3.436  1.00 10.33 ? 68   VAL A O   1 
ATOM   570  C  CB  . VAL A 1 68  ? -2.621  1.532   -4.971  1.00 11.03 ? 68   VAL A CB  1 
ATOM   571  C  CG1 . VAL A 1 68  ? -1.884  0.905   -3.795  1.00 11.68 ? 68   VAL A CG1 1 
ATOM   572  C  CG2 . VAL A 1 68  ? -1.758  1.589   -6.236  1.00 10.54 ? 68   VAL A CG2 1 
ATOM   573  N  N   . LEU A 1 69  ? -5.240  1.643   -3.377  1.00 11.07 ? 69   LEU A N   1 
ATOM   574  C  CA  . LEU A 1 69  ? -5.938  1.466   -2.100  1.00 11.13 ? 69   LEU A CA  1 
ATOM   575  C  C   . LEU A 1 69  ? -7.261  0.695   -2.216  1.00 10.59 ? 69   LEU A C   1 
ATOM   576  O  O   . LEU A 1 69  ? -7.670  0.027   -1.266  1.00 11.55 ? 69   LEU A O   1 
ATOM   577  C  CB  . LEU A 1 69  ? -6.148  2.798   -1.384  1.00 11.12 ? 69   LEU A CB  1 
ATOM   578  C  CG  . LEU A 1 69  ? -4.866  3.469   -0.872  1.00 12.32 ? 69   LEU A CG  1 
ATOM   579  C  CD1 . LEU A 1 69  ? -5.233  4.587   0.103   1.00 11.62 ? 69   LEU A CD1 1 
ATOM   580  C  CD2 . LEU A 1 69  ? -3.918  2.459   -0.202  1.00 12.28 ? 69   LEU A CD2 1 
ATOM   581  N  N   . THR A 1 70  ? -7.921  0.746   -3.373  1.00 11.50 ? 70   THR A N   1 
ATOM   582  C  CA  . THR A 1 70  ? -9.133  -0.066  -3.582  1.00 11.27 ? 70   THR A CA  1 
ATOM   583  C  C   . THR A 1 70  ? -8.780  -1.556  -3.568  1.00 10.77 ? 70   THR A C   1 
ATOM   584  O  O   . THR A 1 70  ? -9.484  -2.379  -2.978  1.00 10.96 ? 70   THR A O   1 
ATOM   585  C  CB  . THR A 1 70  ? -9.836  0.308   -4.910  1.00 11.54 ? 70   THR A CB  1 
ATOM   586  O  OG1 . THR A 1 70  ? -10.288 1.669   -4.831  1.00 12.84 ? 70   THR A OG1 1 
ATOM   587  C  CG2 . THR A 1 70  ? -11.002 -0.643  -5.227  1.00 13.02 ? 70   THR A CG2 1 
ATOM   588  N  N   . ALA A 1 71  ? -7.668  -1.902  -4.208  1.00 10.58 ? 71   ALA A N   1 
ATOM   589  C  CA  . ALA A 1 71  ? -7.211  -3.294  -4.220  1.00 10.86 ? 71   ALA A CA  1 
ATOM   590  C  C   . ALA A 1 71  ? -6.872  -3.754  -2.783  1.00 10.64 ? 71   ALA A C   1 
ATOM   591  O  O   . ALA A 1 71  ? -7.288  -4.836  -2.321  1.00 11.36 ? 71   ALA A O   1 
ATOM   592  C  CB  . ALA A 1 71  ? -6.008  -3.435  -5.155  1.00 10.78 ? 71   ALA A CB  1 
ATOM   593  N  N   . LEU A 1 72  ? -6.113  -2.927  -2.072  1.00 10.87 ? 72   LEU A N   1 
ATOM   594  C  CA  . LEU A 1 72  ? -5.725  -3.274  -0.719  1.00 10.60 ? 72   LEU A CA  1 
ATOM   595  C  C   . LEU A 1 72  ? -6.960  -3.416  0.190   1.00 10.91 ? 72   LEU A C   1 
ATOM   596  O  O   . LEU A 1 72  ? -7.041  -4.346  1.006   1.00 10.73 ? 72   LEU A O   1 
ATOM   597  C  CB  . LEU A 1 72  ? -4.747  -2.228  -0.159  1.00 9.80  ? 72   LEU A CB  1 
ATOM   598  C  CG  . LEU A 1 72  ? -4.330  -2.487  1.292   1.00 10.85 ? 72   LEU A CG  1 
ATOM   599  C  CD1 . LEU A 1 72  ? -3.625  -3.853  1.463   1.00 11.21 ? 72   LEU A CD1 1 
ATOM   600  C  CD2 . LEU A 1 72  ? -3.426  -1.362  1.782   1.00 11.06 ? 72   LEU A CD2 1 
ATOM   601  N  N   . GLY A 1 73  ? -7.919  -2.495  0.062   1.00 11.19 ? 73   GLY A N   1 
ATOM   602  C  CA  . GLY A 1 73  ? -9.173  -2.546  0.827   1.00 12.09 ? 73   GLY A CA  1 
ATOM   603  C  C   . GLY A 1 73  ? -9.958  -3.828  0.616   1.00 12.12 ? 73   GLY A C   1 
ATOM   604  O  O   . GLY A 1 73  ? -10.479 -4.421  1.567   1.00 12.78 ? 73   GLY A O   1 
ATOM   605  N  N   . GLY A 1 74  ? -10.035 -4.266  -0.644  1.00 12.78 ? 74   GLY A N   1 
ATOM   606  C  CA  . GLY A 1 74  ? -10.680 -5.543  -0.971  1.00 13.00 ? 74   GLY A CA  1 
ATOM   607  C  C   . GLY A 1 74  ? -10.019 -6.707  -0.268  1.00 12.77 ? 74   GLY A C   1 
ATOM   608  O  O   . GLY A 1 74  ? -10.688 -7.606  0.243   1.00 14.04 ? 74   GLY A O   1 
ATOM   609  N  N   . ILE A 1 75  ? -8.691  -6.688  -0.248  1.00 12.11 ? 75   ILE A N   1 
ATOM   610  C  CA  . ILE A 1 75  ? -7.918  -7.722  0.407   1.00 11.65 ? 75   ILE A CA  1 
ATOM   611  C  C   . ILE A 1 75  ? -8.147  -7.706  1.924   1.00 11.44 ? 75   ILE A C   1 
ATOM   612  O  O   . ILE A 1 75  ? -8.426  -8.752  2.526   1.00 10.63 ? 75   ILE A O   1 
ATOM   613  C  CB  . ILE A 1 75  ? -6.426  -7.588  0.010   1.00 11.80 ? 75   ILE A CB  1 
ATOM   614  C  CG1 . ILE A 1 75  ? -6.243  -8.020  -1.456  1.00 12.46 ? 75   ILE A CG1 1 
ATOM   615  C  CG2 . ILE A 1 75  ? -5.520  -8.381  0.934   1.00 12.55 ? 75   ILE A CG2 1 
ATOM   616  C  CD1 . ILE A 1 75  ? -4.910  -7.577  -2.063  1.00 15.26 ? 75   ILE A CD1 1 
ATOM   617  N  N   . LEU A 1 76  ? -8.077  -6.520  2.535   1.00 11.35 ? 76   LEU A N   1 
ATOM   618  C  CA  . LEU A 1 76  ? -8.246  -6.412  3.981   1.00 11.98 ? 76   LEU A CA  1 
ATOM   619  C  C   . LEU A 1 76  ? -9.616  -6.895  4.444   1.00 12.14 ? 76   LEU A C   1 
ATOM   620  O  O   . LEU A 1 76  ? -9.726  -7.509  5.495   1.00 11.89 ? 76   LEU A O   1 
ATOM   621  C  CB  . LEU A 1 76  ? -8.007  -4.977  4.469   1.00 12.20 ? 76   LEU A CB  1 
ATOM   622  C  CG  . LEU A 1 76  ? -6.581  -4.429  4.331   1.00 13.27 ? 76   LEU A CG  1 
ATOM   623  C  CD1 . LEU A 1 76  ? -6.567  -2.967  4.747   1.00 12.08 ? 76   LEU A CD1 1 
ATOM   624  C  CD2 . LEU A 1 76  ? -5.568  -5.245  5.143   1.00 13.06 ? 76   LEU A CD2 1 
ATOM   625  N  N   . LYS A 1 77  ? -10.656 -6.622  3.658   1.00 12.29 ? 77   LYS A N   1 
ATOM   626  C  CA  . LYS A 1 77  ? -12.008 -7.057  4.030   1.00 12.82 ? 77   LYS A CA  1 
ATOM   627  C  C   . LYS A 1 77  ? -12.181 -8.579  4.007   1.00 12.30 ? 77   LYS A C   1 
ATOM   628  O  O   . LYS A 1 77  ? -13.136 -9.113  4.543   1.00 13.02 ? 77   LYS A O   1 
ATOM   629  C  CB  . LYS A 1 77  ? -13.057 -6.335  3.183   1.00 13.03 ? 77   LYS A CB  1 
ATOM   630  C  CG  . LYS A 1 77  ? -13.093 -4.840  3.501   1.00 15.38 ? 77   LYS A CG  1 
ATOM   631  C  CD  . LYS A 1 77  ? -14.113 -4.078  2.713   1.00 17.93 ? 77   LYS A CD  1 
ATOM   632  C  CE  . LYS A 1 77  ? -14.107 -2.625  3.157   1.00 17.52 ? 77   LYS A CE  1 
ATOM   633  N  NZ  . LYS A 1 77  ? -15.051 -1.832  2.338   1.00 17.39 ? 77   LYS A NZ  1 
ATOM   634  N  N   . LYS A 1 78  ? -11.227 -9.284  3.404   1.00 12.46 ? 78   LYS A N   1 
ATOM   635  C  CA  . LYS A 1 78  ? -11.211 -10.755 3.462   1.00 13.11 ? 78   LYS A CA  1 
ATOM   636  C  C   . LYS A 1 78  ? -10.652 -11.335 4.761   1.00 13.61 ? 78   LYS A C   1 
ATOM   637  O  O   . LYS A 1 78  ? -10.692 -12.558 4.979   1.00 13.93 ? 78   LYS A O   1 
ATOM   638  C  CB  . LYS A 1 78  ? -10.441 -11.336 2.268   1.00 14.22 ? 78   LYS A CB  1 
ATOM   639  C  CG  . LYS A 1 78  ? -11.026 -11.012 0.915   1.00 16.96 ? 78   LYS A CG  1 
ATOM   640  C  CD  . LYS A 1 78  ? -12.405 -11.585 0.712   1.00 22.83 ? 78   LYS A CD  1 
ATOM   641  C  CE  . LYS A 1 78  ? -12.968 -11.096 -0.621  1.00 26.93 ? 78   LYS A CE  1 
ATOM   642  N  NZ  . LYS A 1 78  ? -13.741 -12.136 -1.346  1.00 29.81 ? 78   LYS A NZ  1 
ATOM   643  N  N   . LYS A 1 79  ? -10.106 -10.469 5.608   1.00 13.42 ? 79   LYS A N   1 
ATOM   644  C  CA  . LYS A 1 79  ? -9.618  -10.883 6.923   1.00 14.44 ? 79   LYS A CA  1 
ATOM   645  C  C   . LYS A 1 79  ? -8.707  -12.109 6.837   1.00 14.62 ? 79   LYS A C   1 
ATOM   646  O  O   . LYS A 1 79  ? -8.887  -13.095 7.570   1.00 14.24 ? 79   LYS A O   1 
ATOM   647  C  CB  . LYS A 1 79  ? -10.789 -11.121 7.880   1.00 14.08 ? 79   LYS A CB  1 
ATOM   648  C  CG  . LYS A 1 79  ? -11.609 -9.843  8.146   1.00 13.85 ? 79   LYS A CG  1 
ATOM   649  C  CD  . LYS A 1 79  ? -12.974 -10.127 8.799   1.00 16.02 ? 79   LYS A CD  1 
ATOM   650  C  CE  . LYS A 1 79  ? -12.872 -10.866 10.087  1.00 18.04 ? 79   LYS A CE  1 
ATOM   651  N  NZ  . LYS A 1 79  ? -14.266 -11.288 10.526  1.00 15.59 ? 79   LYS A NZ  1 
ATOM   652  N  N   . GLY A 1 80  ? -7.724  -12.033 5.938   1.00 14.70 ? 80   GLY A N   1 
ATOM   653  C  CA  . GLY A 1 80  ? -6.733  -13.103 5.799   1.00 16.00 ? 80   GLY A CA  1 
ATOM   654  C  C   . GLY A 1 80  ? -7.109  -14.221 4.834   1.00 16.36 ? 80   GLY A C   1 
ATOM   655  O  O   . GLY A 1 80  ? -6.244  -14.995 4.413   1.00 17.15 ? 80   GLY A O   1 
ATOM   656  N  N   . HIS A 1 81  ? -8.391  -14.324 4.477   1.00 15.60 ? 81   HIS A N   1 
ATOM   657  C  CA  . HIS A 1 81  ? -8.834  -15.331 3.503   1.00 16.05 ? 81   HIS A CA  1 
ATOM   658  C  C   . HIS A 1 81  ? -8.751  -14.764 2.093   1.00 15.08 ? 81   HIS A C   1 
ATOM   659  O  O   . HIS A 1 81  ? -9.762  -14.633 1.401   1.00 15.49 ? 81   HIS A O   1 
ATOM   660  C  CB  . HIS A 1 81  ? -10.260 -15.768 3.814   1.00 17.19 ? 81   HIS A CB  1 
ATOM   661  C  CG  . HIS A 1 81  ? -10.415 -16.362 5.174   1.00 20.91 ? 81   HIS A CG  1 
ATOM   662  N  ND1 . HIS A 1 81  ? -10.279 -17.712 5.412   1.00 24.49 ? 81   HIS A ND1 1 
ATOM   663  C  CD2 . HIS A 1 81  ? -10.682 -15.788 6.372   1.00 23.86 ? 81   HIS A CD2 1 
ATOM   664  C  CE1 . HIS A 1 81  ? -10.469 -17.948 6.700   1.00 25.51 ? 81   HIS A CE1 1 
ATOM   665  N  NE2 . HIS A 1 81  ? -10.711 -16.798 7.303   1.00 25.55 ? 81   HIS A NE2 1 
ATOM   666  N  N   . HIS A 1 82  ? -7.534  -14.433 1.675   1.00 14.18 ? 82   HIS A N   1 
ATOM   667  C  CA  . HIS A 1 82  ? -7.324  -13.586 0.499   1.00 13.35 ? 82   HIS A CA  1 
ATOM   668  C  C   . HIS A 1 82  ? -6.454  -14.214 -0.599  1.00 13.68 ? 82   HIS A C   1 
ATOM   669  O  O   . HIS A 1 82  ? -5.905  -13.496 -1.450  1.00 13.58 ? 82   HIS A O   1 
ATOM   670  C  CB  . HIS A 1 82  ? -6.725  -12.242 0.936   1.00 14.01 ? 82   HIS A CB  1 
ATOM   671  C  CG  . HIS A 1 82  ? -5.441  -12.373 1.707   1.00 12.15 ? 82   HIS A CG  1 
ATOM   672  N  ND1 . HIS A 1 82  ? -5.129  -11.567 2.778   1.00 13.73 ? 82   HIS A ND1 1 
ATOM   673  C  CD2 . HIS A 1 82  ? -4.411  -13.250 1.590   1.00 11.36 ? 82   HIS A CD2 1 
ATOM   674  C  CE1 . HIS A 1 82  ? -3.949  -11.913 3.268   1.00 12.28 ? 82   HIS A CE1 1 
ATOM   675  N  NE2 . HIS A 1 82  ? -3.502  -12.948 2.576   1.00 11.74 ? 82   HIS A NE2 1 
ATOM   676  N  N   . GLU A 1 83  ? -6.345  -15.541 -0.603  1.00 14.04 ? 83   GLU A N   1 
ATOM   677  C  CA  . GLU A 1 83  ? -5.506  -16.215 -1.599  1.00 14.60 ? 83   GLU A CA  1 
ATOM   678  C  C   . GLU A 1 83  ? -5.848  -15.801 -3.039  1.00 14.87 ? 83   GLU A C   1 
ATOM   679  O  O   . GLU A 1 83  ? -4.945  -15.430 -3.800  1.00 15.26 ? 83   GLU A O   1 
ATOM   680  C  CB  . GLU A 1 83  ? -5.538  -17.743 -1.408  1.00 14.78 ? 83   GLU A CB  1 
ATOM   681  C  CG  . GLU A 1 83  ? -4.962  -18.547 -2.581  1.00 18.04 ? 83   GLU A CG  1 
ATOM   682  C  CD  . GLU A 1 83  ? -3.448  -18.508 -2.686  1.00 21.00 ? 83   GLU A CD  1 
ATOM   683  O  OE1 . GLU A 1 83  ? -2.765  -18.145 -1.700  1.00 23.03 ? 83   GLU A OE1 1 
ATOM   684  O  OE2 . GLU A 1 83  ? -2.928  -18.870 -3.773  1.00 20.97 ? 83   GLU A OE2 1 
ATOM   685  N  N   . ALA A 1 84  ? -7.134  -15.820 -3.409  1.00 15.21 ? 84   ALA A N   1 
ATOM   686  C  CA  . ALA A 1 84  ? -7.552  -15.503 -4.790  1.00 15.49 ? 84   ALA A CA  1 
ATOM   687  C  C   . ALA A 1 84  ? -7.276  -14.042 -5.196  1.00 15.57 ? 84   ALA A C   1 
ATOM   688  O  O   . ALA A 1 84  ? -6.945  -13.744 -6.366  1.00 16.00 ? 84   ALA A O   1 
ATOM   689  C  CB  . ALA A 1 84  ? -9.036  -15.853 -4.988  1.00 16.29 ? 84   ALA A CB  1 
ATOM   690  N  N   . GLU A 1 85  ? -7.404  -13.133 -4.234  1.00 16.28 ? 85   GLU A N   1 
ATOM   691  C  CA  . GLU A 1 85  ? -7.165  -11.705 -4.462  1.00 16.87 ? 85   GLU A CA  1 
ATOM   692  C  C   . GLU A 1 85  ? -5.673  -11.392 -4.498  1.00 17.36 ? 85   GLU A C   1 
ATOM   693  O  O   . GLU A 1 85  ? -5.215  -10.547 -5.272  1.00 17.69 ? 85   GLU A O   1 
ATOM   694  C  CB  . GLU A 1 85  ? -7.830  -10.853 -3.367  1.00 17.13 ? 85   GLU A CB  1 
ATOM   695  C  CG  . GLU A 1 85  ? -9.358  -10.876 -3.340  1.00 18.58 ? 85   GLU A CG  1 
ATOM   696  C  CD  . GLU A 1 85  ? -9.960  -12.123 -2.684  1.00 20.75 ? 85   GLU A CD  1 
ATOM   697  O  OE1 . GLU A 1 85  ? -9.218  -12.900 -2.052  1.00 19.11 ? 85   GLU A OE1 1 
ATOM   698  O  OE2 . GLU A 1 85  ? -11.187 -12.323 -2.791  1.00 21.58 ? 85   GLU A OE2 1 
ATOM   699  N  N   . LEU A 1 86  ? -4.915  -12.078 -3.656  1.00 17.32 ? 86   LEU A N   1 
ATOM   700  C  CA  . LEU A 1 86  ? -3.524  -11.741 -3.457  1.00 18.17 ? 86   LEU A CA  1 
ATOM   701  C  C   . LEU A 1 86  ? -2.633  -12.380 -4.526  1.00 18.91 ? 86   LEU A C   1 
ATOM   702  O  O   . LEU A 1 86  ? -1.718  -11.724 -5.043  1.00 18.68 ? 86   LEU A O   1 
ATOM   703  C  CB  . LEU A 1 86  ? -3.104  -12.117 -2.023  1.00 18.99 ? 86   LEU A CB  1 
ATOM   704  C  CG  . LEU A 1 86  ? -1.696  -11.723 -1.597  1.00 19.42 ? 86   LEU A CG  1 
ATOM   705  C  CD1 . LEU A 1 86  ? -1.732  -11.239 -0.159  1.00 22.46 ? 86   LEU A CD1 1 
ATOM   706  C  CD2 . LEU A 1 86  ? -0.724  -12.902 -1.784  1.00 21.34 ? 86   LEU A CD2 1 
ATOM   707  N  N   . LYS A 1 87  ? -2.893  -13.640 -4.870  1.00 18.89 ? 87   LYS A N   1 
ATOM   708  C  CA  . LYS A 1 87  ? -2.052  -14.345 -5.841  1.00 18.93 ? 87   LYS A CA  1 
ATOM   709  C  C   . LYS A 1 87  ? -1.740  -13.553 -7.137  1.00 18.94 ? 87   LYS A C   1 
ATOM   710  O  O   . LYS A 1 87  ? -0.559  -13.358 -7.453  1.00 19.24 ? 87   LYS A O   1 
ATOM   711  C  CB  . LYS A 1 87  ? -2.595  -15.749 -6.143  1.00 19.39 ? 87   LYS A CB  1 
ATOM   712  C  CG  . LYS A 1 87  ? -1.645  -16.567 -7.005  1.00 20.39 ? 87   LYS A CG  1 
ATOM   713  C  CD  . LYS A 1 87  ? -2.256  -17.876 -7.387  1.00 22.10 ? 87   LYS A CD  1 
ATOM   714  C  CE  . LYS A 1 87  ? -1.412  -18.558 -8.435  1.00 22.76 ? 87   LYS A CE  1 
ATOM   715  N  NZ  . LYS A 1 87  ? -1.998  -19.871 -8.809  1.00 22.98 ? 87   LYS A NZ  1 
ATOM   716  N  N   . PRO A 1 88  ? -2.770  -13.071 -7.871  1.00 17.76 ? 88   PRO A N   1 
ATOM   717  C  CA  . PRO A 1 88  ? -2.526  -12.296 -9.108  1.00 17.08 ? 88   PRO A CA  1 
ATOM   718  C  C   . PRO A 1 88  ? -1.723  -10.995 -8.896  1.00 16.74 ? 88   PRO A C   1 
ATOM   719  O  O   . PRO A 1 88  ? -0.932  -10.609 -9.763  1.00 16.91 ? 88   PRO A O   1 
ATOM   720  C  CB  . PRO A 1 88  ? -3.947  -11.978 -9.619  1.00 17.84 ? 88   PRO A CB  1 
ATOM   721  C  CG  . PRO A 1 88  ? -4.802  -12.075 -8.392  1.00 17.30 ? 88   PRO A CG  1 
ATOM   722  C  CD  . PRO A 1 88  ? -4.217  -13.212 -7.607  1.00 18.71 ? 88   PRO A CD  1 
ATOM   723  N  N   A LEU A 1 89  ? -1.945  -10.355 -7.750  0.50 16.10 ? 89   LEU A N   1 
ATOM   724  N  N   B LEU A 1 89  ? -1.921  -10.322 -7.764  0.50 15.87 ? 89   LEU A N   1 
ATOM   725  C  CA  A LEU A 1 89  ? -1.230  -9.148  -7.370  0.50 16.17 ? 89   LEU A CA  1 
ATOM   726  C  CA  B LEU A 1 89  ? -1.147  -9.114  -7.479  0.50 15.64 ? 89   LEU A CA  1 
ATOM   727  C  C   A LEU A 1 89  ? 0.244   -9.459  -7.173  0.50 16.08 ? 89   LEU A C   1 
ATOM   728  C  C   B LEU A 1 89  ? 0.300   -9.458  -7.190  0.50 15.81 ? 89   LEU A C   1 
ATOM   729  O  O   A LEU A 1 89  ? 1.111   -8.739  -7.660  0.50 16.17 ? 89   LEU A O   1 
ATOM   730  O  O   B LEU A 1 89  ? 1.210   -8.752  -7.621  0.50 15.82 ? 89   LEU A O   1 
ATOM   731  C  CB  A LEU A 1 89  ? -1.826  -8.579  -6.073  0.50 16.43 ? 89   LEU A CB  1 
ATOM   732  C  CB  B LEU A 1 89  ? -1.742  -8.315  -6.318  0.50 15.95 ? 89   LEU A CB  1 
ATOM   733  C  CG  A LEU A 1 89  ? -1.529  -7.117  -5.745  0.50 16.35 ? 89   LEU A CG  1 
ATOM   734  C  CG  B LEU A 1 89  ? -3.026  -7.557  -6.634  0.50 15.26 ? 89   LEU A CG  1 
ATOM   735  C  CD1 A LEU A 1 89  ? -2.096  -6.199  -6.834  0.50 16.80 ? 89   LEU A CD1 1 
ATOM   736  C  CD1 B LEU A 1 89  ? -3.476  -6.849  -5.375  0.50 13.48 ? 89   LEU A CD1 1 
ATOM   737  C  CD2 A LEU A 1 89  ? -2.119  -6.759  -4.404  0.50 16.77 ? 89   LEU A CD2 1 
ATOM   738  C  CD2 B LEU A 1 89  ? -2.847  -6.553  -7.786  0.50 16.50 ? 89   LEU A CD2 1 
ATOM   739  N  N   . ALA A 1 90  ? 0.520   -10.540 -6.446  1.00 15.53 ? 90   ALA A N   1 
ATOM   740  C  CA  . ALA A 1 90  ? 1.883   -10.990 -6.205  1.00 16.61 ? 90   ALA A CA  1 
ATOM   741  C  C   . ALA A 1 90  ? 2.559   -11.320 -7.518  1.00 16.43 ? 90   ALA A C   1 
ATOM   742  O  O   . ALA A 1 90  ? 3.703   -10.927 -7.752  1.00 17.58 ? 90   ALA A O   1 
ATOM   743  C  CB  . ALA A 1 90  ? 1.889   -12.197 -5.277  1.00 16.54 ? 90   ALA A CB  1 
ATOM   744  N  N   . GLN A 1 91  ? 1.851   -12.019 -8.400  1.00 16.54 ? 91   GLN A N   1 
ATOM   745  C  CA  . GLN A 1 91  ? 2.443   -12.450 -9.652  1.00 16.96 ? 91   GLN A CA  1 
ATOM   746  C  C   . GLN A 1 91  ? 2.662   -11.260 -10.605 1.00 16.48 ? 91   GLN A C   1 
ATOM   747  O  O   . GLN A 1 91  ? 3.699   -11.189 -11.275 1.00 17.38 ? 91   GLN A O   1 
ATOM   748  C  CB  . GLN A 1 91  ? 1.646   -13.618 -10.253 1.00 16.59 ? 91   GLN A CB  1 
ATOM   749  C  CG  . GLN A 1 91  ? 1.659   -14.843 -9.295  1.00 18.70 ? 91   GLN A CG  1 
ATOM   750  C  CD  . GLN A 1 91  ? 1.215   -16.159 -9.923  1.00 19.97 ? 91   GLN A CD  1 
ATOM   751  O  OE1 . GLN A 1 91  ? 0.361   -16.193 -10.810 1.00 22.44 ? 91   GLN A OE1 1 
ATOM   752  N  NE2 . GLN A 1 91  ? 1.797   -17.269 -9.445  1.00 22.44 ? 91   GLN A NE2 1 
ATOM   753  N  N   . SER A 1 92  ? 1.743   -10.280 -10.619 1.00 15.47 ? 92   SER A N   1 
ATOM   754  C  CA  . SER A 1 92  ? 1.956   -9.122  -11.505 1.00 15.47 ? 92   SER A CA  1 
ATOM   755  C  C   . SER A 1 92  ? 3.110   -8.259  -10.996 1.00 14.71 ? 92   SER A C   1 
ATOM   756  O  O   . SER A 1 92  ? 3.919   -7.762  -11.772 1.00 14.32 ? 92   SER A O   1 
ATOM   757  C  CB  . SER A 1 92  ? 0.669   -8.299  -11.693 1.00 16.64 ? 92   SER A CB  1 
ATOM   758  O  OG  . SER A 1 92  ? 0.400   -7.497  -10.565 1.00 18.95 ? 92   SER A OG  1 
ATOM   759  N  N   . HIS A 1 93  ? 3.203   -8.105  -9.681  1.00 13.89 ? 93   HIS A N   1 
ATOM   760  C  CA  . HIS A 1 93  ? 4.248   -7.244  -9.135  1.00 13.01 ? 93   HIS A CA  1 
ATOM   761  C  C   . HIS A 1 93  ? 5.646   -7.878  -9.214  1.00 13.87 ? 93   HIS A C   1 
ATOM   762  O  O   . HIS A 1 93  ? 6.643   -7.163  -9.406  1.00 14.34 ? 93   HIS A O   1 
ATOM   763  C  CB  . HIS A 1 93  ? 3.866   -6.747  -7.743  1.00 13.36 ? 93   HIS A CB  1 
ATOM   764  C  CG  . HIS A 1 93  ? 2.847   -5.650  -7.779  1.00 13.16 ? 93   HIS A CG  1 
ATOM   765  N  ND1 . HIS A 1 93  ? 1.556   -5.846  -8.234  1.00 14.32 ? 93   HIS A ND1 1 
ATOM   766  C  CD2 . HIS A 1 93  ? 2.938   -4.334  -7.468  1.00 12.80 ? 93   HIS A CD2 1 
ATOM   767  C  CE1 . HIS A 1 93  ? 0.895   -4.701  -8.179  1.00 14.08 ? 93   HIS A CE1 1 
ATOM   768  N  NE2 . HIS A 1 93  ? 1.710   -3.769  -7.706  1.00 11.56 ? 93   HIS A NE2 1 
ATOM   769  N  N   . ALA A 1 94  ? 5.718   -9.206  -9.130  1.00 14.25 ? 94   ALA A N   1 
ATOM   770  C  CA  . ALA A 1 94  ? 6.994   -9.892  -9.353  1.00 15.65 ? 94   ALA A CA  1 
ATOM   771  C  C   . ALA A 1 94  ? 7.360   -9.955  -10.833 1.00 16.56 ? 94   ALA A C   1 
ATOM   772  O  O   . ALA A 1 94  ? 8.442   -9.515  -11.217 1.00 17.64 ? 94   ALA A O   1 
ATOM   773  C  CB  . ALA A 1 94  ? 6.970   -11.293 -8.765  1.00 14.74 ? 94   ALA A CB  1 
ATOM   774  N  N   . THR A 1 95  ? 6.456   -10.483 -11.660 1.00 17.60 ? 95   THR A N   1 
ATOM   775  C  CA  . THR A 1 95  ? 6.809   -10.829 -13.047 1.00 19.25 ? 95   THR A CA  1 
ATOM   776  C  C   . THR A 1 95  ? 6.754   -9.655  -14.004 1.00 19.25 ? 95   THR A C   1 
ATOM   777  O  O   . THR A 1 95  ? 7.587   -9.553  -14.906 1.00 19.77 ? 95   THR A O   1 
ATOM   778  C  CB  . THR A 1 95  ? 5.936   -11.975 -13.610 1.00 19.75 ? 95   THR A CB  1 
ATOM   779  O  OG1 . THR A 1 95  ? 4.583   -11.517 -13.776 1.00 23.01 ? 95   THR A OG1 1 
ATOM   780  C  CG2 . THR A 1 95  ? 5.953   -13.177 -12.672 1.00 19.40 ? 95   THR A CG2 1 
ATOM   781  N  N   . LYS A 1 96  ? 5.769   -8.779  -13.836 1.00 19.13 ? 96   LYS A N   1 
ATOM   782  C  CA  . LYS A 1 96  ? 5.613   -7.677  -14.779 1.00 19.75 ? 96   LYS A CA  1 
ATOM   783  C  C   . LYS A 1 96  ? 6.284   -6.401  -14.276 1.00 19.39 ? 96   LYS A C   1 
ATOM   784  O  O   . LYS A 1 96  ? 7.124   -5.806  -14.971 1.00 20.52 ? 96   LYS A O   1 
ATOM   785  C  CB  . LYS A 1 96  ? 4.134   -7.425  -15.104 1.00 19.74 ? 96   LYS A CB  1 
ATOM   786  C  CG  . LYS A 1 96  ? 3.961   -6.567  -16.348 1.00 22.51 ? 96   LYS A CG  1 
ATOM   787  C  CD  . LYS A 1 96  ? 2.563   -6.033  -16.496 1.00 26.60 ? 96   LYS A CD  1 
ATOM   788  C  CE  . LYS A 1 96  ? 2.425   -5.327  -17.834 1.00 28.04 ? 96   LYS A CE  1 
ATOM   789  N  NZ  . LYS A 1 96  ? 3.464   -4.259  -18.028 1.00 30.11 ? 96   LYS A NZ  1 
ATOM   790  N  N   . HIS A 1 97  ? 5.925   -5.993  -13.061 1.00 18.35 ? 97   HIS A N   1 
ATOM   791  C  CA  . HIS A 1 97  ? 6.353   -4.705  -12.541 1.00 17.33 ? 97   HIS A CA  1 
ATOM   792  C  C   . HIS A 1 97  ? 7.751   -4.738  -11.921 1.00 17.46 ? 97   HIS A C   1 
ATOM   793  O  O   . HIS A 1 97  ? 8.394   -3.692  -11.775 1.00 17.44 ? 97   HIS A O   1 
ATOM   794  C  CB  . HIS A 1 97  ? 5.318   -4.160  -11.555 1.00 17.03 ? 97   HIS A CB  1 
ATOM   795  C  CG  . HIS A 1 97  ? 3.929   -4.107  -12.114 1.00 17.13 ? 97   HIS A CG  1 
ATOM   796  N  ND1 . HIS A 1 97  ? 3.642   -3.612  -13.369 1.00 18.98 ? 97   HIS A ND1 1 
ATOM   797  C  CD2 . HIS A 1 97  ? 2.746   -4.488  -11.578 1.00 16.80 ? 97   HIS A CD2 1 
ATOM   798  C  CE1 . HIS A 1 97  ? 2.341   -3.697  -13.584 1.00 17.61 ? 97   HIS A CE1 1 
ATOM   799  N  NE2 . HIS A 1 97  ? 1.773   -4.213  -12.508 1.00 15.83 ? 97   HIS A NE2 1 
ATOM   800  N  N   . LYS A 1 98  ? 8.218   -5.944  -11.579 1.00 17.69 ? 98   LYS A N   1 
ATOM   801  C  CA  . LYS A 1 98  ? 9.539   -6.161  -10.964 1.00 17.85 ? 98   LYS A CA  1 
ATOM   802  C  C   . LYS A 1 98  ? 9.750   -5.377  -9.656  1.00 17.22 ? 98   LYS A C   1 
ATOM   803  O  O   . LYS A 1 98  ? 10.762  -4.687  -9.493  1.00 17.24 ? 98   LYS A O   1 
ATOM   804  C  CB  . LYS A 1 98  ? 10.691  -5.844  -11.941 1.00 18.94 ? 98   LYS A CB  1 
ATOM   805  C  CG  . LYS A 1 98  ? 10.505  -6.282  -13.392 1.00 21.55 ? 98   LYS A CG  1 
ATOM   806  C  CD  . LYS A 1 98  ? 10.005  -7.697  -13.551 1.00 25.86 ? 98   LYS A CD  1 
ATOM   807  C  CE  . LYS A 1 98  ? 10.030  -8.095  -15.025 1.00 28.18 ? 98   LYS A CE  1 
ATOM   808  N  NZ  . LYS A 1 98  ? 11.104  -9.085  -15.305 1.00 30.38 ? 98   LYS A NZ  1 
ATOM   809  N  N   . ILE A 1 99  ? 8.823   -5.532  -8.715  1.00 15.95 ? 99   ILE A N   1 
ATOM   810  C  CA  . ILE A 1 99  ? 8.835   -4.768  -7.468  1.00 15.22 ? 99   ILE A CA  1 
ATOM   811  C  C   . ILE A 1 99  ? 9.424   -5.632  -6.340  1.00 14.89 ? 99   ILE A C   1 
ATOM   812  O  O   . ILE A 1 99  ? 8.802   -6.592  -5.918  1.00 14.79 ? 99   ILE A O   1 
ATOM   813  C  CB  . ILE A 1 99  ? 7.401   -4.301  -7.080  1.00 15.96 ? 99   ILE A CB  1 
ATOM   814  C  CG1 . ILE A 1 99  ? 6.723   -3.526  -8.221  1.00 14.90 ? 99   ILE A CG1 1 
ATOM   815  C  CG2 . ILE A 1 99  ? 7.430   -3.459  -5.823  1.00 15.86 ? 99   ILE A CG2 1 
ATOM   816  C  CD1 . ILE A 1 99  ? 7.584   -2.421  -8.840  1.00 14.84 ? 99   ILE A CD1 1 
ATOM   817  N  N   . PRO A 1 100 ? 10.637  -5.315  -5.870  1.00 14.85 ? 100  PRO A N   1 
ATOM   818  C  CA  . PRO A 1 100 ? 11.155  -6.104  -4.752  1.00 14.40 ? 100  PRO A CA  1 
ATOM   819  C  C   . PRO A 1 100 ? 10.274  -5.990  -3.499  1.00 14.41 ? 100  PRO A C   1 
ATOM   820  O  O   . PRO A 1 100 ? 9.616   -4.957  -3.285  1.00 14.11 ? 100  PRO A O   1 
ATOM   821  C  CB  . PRO A 1 100 ? 12.527  -5.482  -4.465  1.00 15.14 ? 100  PRO A CB  1 
ATOM   822  C  CG  . PRO A 1 100 ? 12.790  -4.507  -5.528  1.00 15.56 ? 100  PRO A CG  1 
ATOM   823  C  CD  . PRO A 1 100 ? 11.544  -4.241  -6.297  1.00 14.09 ? 100  PRO A CD  1 
ATOM   824  N  N   A ILE A 1 101 ? 10.289  -7.028  -2.669  0.50 13.57 ? 101  ILE A N   1 
ATOM   825  N  N   B ILE A 1 101 ? 10.274  -7.030  -2.661  0.50 14.14 ? 101  ILE A N   1 
ATOM   826  C  CA  A ILE A 1 101 ? 9.473   -7.039  -1.452  0.50 13.63 ? 101  ILE A CA  1 
ATOM   827  C  CA  B ILE A 1 101 ? 9.463   -7.011  -1.427  0.50 14.78 ? 101  ILE A CA  1 
ATOM   828  C  C   A ILE A 1 101 ? 9.806   -5.845  -0.524  0.50 13.79 ? 101  ILE A C   1 
ATOM   829  C  C   B ILE A 1 101 ? 9.785   -5.782  -0.572  0.50 14.36 ? 101  ILE A C   1 
ATOM   830  O  O   A ILE A 1 101 ? 8.950   -5.372  0.221   0.50 13.32 ? 101  ILE A O   1 
ATOM   831  O  O   B ILE A 1 101 ? 8.906   -5.237  0.094   0.50 13.80 ? 101  ILE A O   1 
ATOM   832  C  CB  A ILE A 1 101 ? 9.562   -8.426  -0.730  0.50 13.79 ? 101  ILE A CB  1 
ATOM   833  C  CB  B ILE A 1 101 ? 9.618   -8.311  -0.580  0.50 15.28 ? 101  ILE A CB  1 
ATOM   834  C  CG1 A ILE A 1 101 ? 8.450   -8.603  0.312   0.50 12.95 ? 101  ILE A CG1 1 
ATOM   835  C  CG1 B ILE A 1 101 ? 8.956   -9.498  -1.281  0.50 16.06 ? 101  ILE A CG1 1 
ATOM   836  C  CG2 A ILE A 1 101 ? 10.969  -8.660  -0.154  0.50 12.77 ? 101  ILE A CG2 1 
ATOM   837  C  CG2 B ILE A 1 101 ? 9.020   -8.144  0.822   0.50 16.35 ? 101  ILE A CG2 1 
ATOM   838  C  CD1 A ILE A 1 101 ? 7.091   -8.816  -0.267  0.50 13.43 ? 101  ILE A CD1 1 
ATOM   839  C  CD1 B ILE A 1 101 ? 7.415   -9.507  -1.197  0.50 18.17 ? 101  ILE A CD1 1 
ATOM   840  N  N   . LYS A 1 102 ? 11.043  -5.349  -0.609  1.00 14.37 ? 102  LYS A N   1 
ATOM   841  C  CA  . LYS A 1 102 ? 11.473  -4.147  0.108   1.00 14.89 ? 102  LYS A CA  1 
ATOM   842  C  C   . LYS A 1 102 ? 10.533  -2.974  -0.170  1.00 14.85 ? 102  LYS A C   1 
ATOM   843  O  O   . LYS A 1 102 ? 10.225  -2.200  0.730   1.00 14.94 ? 102  LYS A O   1 
ATOM   844  C  CB  . LYS A 1 102 ? 12.913  -3.775  -0.284  1.00 15.08 ? 102  LYS A CB  1 
ATOM   845  C  CG  . LYS A 1 102 ? 13.510  -2.655  0.549   1.00 18.69 ? 102  LYS A CG  1 
ATOM   846  C  CD  . LYS A 1 102 ? 13.859  -3.191  1.916   1.00 22.84 ? 102  LYS A CD  1 
ATOM   847  C  CE  . LYS A 1 102 ? 14.384  -2.144  2.880   1.00 24.73 ? 102  LYS A CE  1 
ATOM   848  N  NZ  . LYS A 1 102 ? 14.669  -2.820  4.184   1.00 25.62 ? 102  LYS A NZ  1 
ATOM   849  N  N   . TYR A 1 103 ? 10.091  -2.845  -1.418  1.00 14.64 ? 103  TYR A N   1 
ATOM   850  C  CA  . TYR A 1 103 ? 9.248   -1.695  -1.802  1.00 14.12 ? 103  TYR A CA  1 
ATOM   851  C  C   . TYR A 1 103 ? 7.843   -1.834  -1.186  1.00 12.99 ? 103  TYR A C   1 
ATOM   852  O  O   . TYR A 1 103 ? 7.179   -0.835  -0.898  1.00 12.76 ? 103  TYR A O   1 
ATOM   853  C  CB  . TYR A 1 103 ? 9.169   -1.521  -3.331  1.00 14.92 ? 103  TYR A CB  1 
ATOM   854  C  CG  . TYR A 1 103 ? 10.473  -1.114  -4.052  1.00 14.93 ? 103  TYR A CG  1 
ATOM   855  C  CD1 . TYR A 1 103 ? 11.706  -1.065  -3.387  1.00 17.91 ? 103  TYR A CD1 1 
ATOM   856  C  CD2 . TYR A 1 103 ? 10.459  -0.822  -5.415  1.00 15.44 ? 103  TYR A CD2 1 
ATOM   857  C  CE1 . TYR A 1 103 ? 12.896  -0.715  -4.077  1.00 16.62 ? 103  TYR A CE1 1 
ATOM   858  C  CE2 . TYR A 1 103 ? 11.629  -0.469  -6.108  1.00 16.86 ? 103  TYR A CE2 1 
ATOM   859  C  CZ  . TYR A 1 103 ? 12.834  -0.420  -5.436  1.00 17.06 ? 103  TYR A CZ  1 
ATOM   860  O  OH  . TYR A 1 103 ? 13.966  -0.071  -6.148  1.00 18.22 ? 103  TYR A OH  1 
ATOM   861  N  N   A LEU A 1 104 ? 7.396   -3.078  -0.989  0.50 12.64 ? 104  LEU A N   1 
ATOM   862  N  N   B LEU A 1 104 ? 7.413   -3.073  -0.967  0.50 12.50 ? 104  LEU A N   1 
ATOM   863  C  CA  A LEU A 1 104 ? 6.141   -3.334  -0.269  0.50 12.24 ? 104  LEU A CA  1 
ATOM   864  C  CA  B LEU A 1 104 ? 6.149   -3.317  -0.279  0.50 11.92 ? 104  LEU A CA  1 
ATOM   865  C  C   A LEU A 1 104 ? 6.283   -2.965  1.207   0.50 11.83 ? 104  LEU A C   1 
ATOM   866  C  C   B LEU A 1 104 ? 6.275   -2.996  1.212   0.50 11.69 ? 104  LEU A C   1 
ATOM   867  O  O   A LEU A 1 104 ? 5.329   -2.485  1.827   0.50 11.70 ? 104  LEU A O   1 
ATOM   868  O  O   B LEU A 1 104 ? 5.306   -2.569  1.843   0.50 11.60 ? 104  LEU A O   1 
ATOM   869  C  CB  A LEU A 1 104 ? 5.704   -4.802  -0.409  0.50 12.56 ? 104  LEU A CB  1 
ATOM   870  C  CB  B LEU A 1 104 ? 5.699   -4.759  -0.513  0.50 12.19 ? 104  LEU A CB  1 
ATOM   871  C  CG  A LEU A 1 104 ? 4.889   -5.194  -1.656  0.50 12.89 ? 104  LEU A CG  1 
ATOM   872  C  CG  B LEU A 1 104 ? 5.562   -5.033  -2.017  0.50 11.23 ? 104  LEU A CG  1 
ATOM   873  C  CD1 A LEU A 1 104 ? 3.578   -4.427  -1.747  0.50 13.38 ? 104  LEU A CD1 1 
ATOM   874  C  CD1 B LEU A 1 104 ? 5.242   -6.490  -2.274  0.50 10.90 ? 104  LEU A CD1 1 
ATOM   875  C  CD2 A LEU A 1 104 ? 5.683   -5.012  -2.939  0.50 13.58 ? 104  LEU A CD2 1 
ATOM   876  C  CD2 B LEU A 1 104 ? 4.509   -4.139  -2.660  0.50 11.18 ? 104  LEU A CD2 1 
ATOM   877  N  N   . GLU A 1 105 ? 7.468   -3.191  1.772   1.00 11.89 ? 105  GLU A N   1 
ATOM   878  C  CA  . GLU A 1 105 ? 7.753   -2.729  3.123   1.00 12.57 ? 105  GLU A CA  1 
ATOM   879  C  C   . GLU A 1 105 ? 7.657   -1.197  3.162   1.00 11.98 ? 105  GLU A C   1 
ATOM   880  O  O   . GLU A 1 105 ? 6.950   -0.635  4.029   1.00 12.62 ? 105  GLU A O   1 
ATOM   881  C  CB  . GLU A 1 105 ? 9.136   -3.191  3.560   1.00 12.65 ? 105  GLU A CB  1 
ATOM   882  C  CG  . GLU A 1 105 ? 9.515   -2.767  4.964   1.00 15.49 ? 105  GLU A CG  1 
ATOM   883  C  CD  . GLU A 1 105 ? 10.988  -2.992  5.253   1.00 16.93 ? 105  GLU A CD  1 
ATOM   884  O  OE1 . GLU A 1 105 ? 11.715  -3.501  4.384   1.00 20.96 ? 105  GLU A OE1 1 
ATOM   885  O  OE2 . GLU A 1 105 ? 11.422  -2.652  6.368   1.00 21.12 ? 105  GLU A OE2 1 
ATOM   886  N  N   . PHE A 1 106 ? 8.312   -0.536  2.201   1.00 11.84 ? 106  PHE A N   1 
ATOM   887  C  CA  . PHE A 1 106 ? 8.243   0.935   2.098   1.00 11.46 ? 106  PHE A CA  1 
ATOM   888  C  C   . PHE A 1 106 ? 6.785   1.445   2.041   1.00 11.63 ? 106  PHE A C   1 
ATOM   889  O  O   . PHE A 1 106 ? 6.424   2.378   2.765   1.00 11.13 ? 106  PHE A O   1 
ATOM   890  C  CB  . PHE A 1 106 ? 8.995   1.459   0.863   1.00 12.27 ? 106  PHE A CB  1 
ATOM   891  C  CG  . PHE A 1 106 ? 10.487  1.207   0.855   1.00 12.58 ? 106  PHE A CG  1 
ATOM   892  C  CD1 . PHE A 1 106 ? 11.196  1.000   2.022   1.00 15.23 ? 106  PHE A CD1 1 
ATOM   893  C  CD2 . PHE A 1 106 ? 11.181  1.261   -0.354  1.00 14.12 ? 106  PHE A CD2 1 
ATOM   894  C  CE1 . PHE A 1 106 ? 12.591  0.806   1.995   1.00 15.33 ? 106  PHE A CE1 1 
ATOM   895  C  CE2 . PHE A 1 106 ? 12.584  1.066   -0.395  1.00 14.02 ? 106  PHE A CE2 1 
ATOM   896  C  CZ  . PHE A 1 106 ? 13.277  0.841   0.786   1.00 14.42 ? 106  PHE A CZ  1 
ATOM   897  N  N   . ILE A 1 107 ? 5.949   0.856   1.185   1.00 11.50 ? 107  ILE A N   1 
ATOM   898  C  CA  . ILE A 1 107 ? 4.585   1.387   1.045   1.00 11.41 ? 107  ILE A CA  1 
ATOM   899  C  C   . ILE A 1 107 ? 3.737   1.079   2.287   1.00 10.78 ? 107  ILE A C   1 
ATOM   900  O  O   . ILE A 1 107 ? 2.854   1.884   2.652   1.00 11.73 ? 107  ILE A O   1 
ATOM   901  C  CB  . ILE A 1 107 ? 3.910   0.938   -0.278  1.00 10.76 ? 107  ILE A CB  1 
ATOM   902  C  CG1 . ILE A 1 107 ? 2.828   1.936   -0.700  1.00 12.37 ? 107  ILE A CG1 1 
ATOM   903  C  CG2 . ILE A 1 107 ? 3.382   -0.491  -0.139  1.00 12.49 ? 107  ILE A CG2 1 
ATOM   904  C  CD1 . ILE A 1 107 ? 2.142   1.581   -2.014  1.00 11.74 ? 107  ILE A CD1 1 
ATOM   905  N  N   . SER A 1 108 ? 4.003   -0.056  2.947   1.00 11.10 ? 108  SER A N   1 
ATOM   906  C  CA  . SER A 1 108 ? 3.338   -0.387  4.234   1.00 11.55 ? 108  SER A CA  1 
ATOM   907  C  C   . SER A 1 108 ? 3.649   0.690   5.291   1.00 11.79 ? 108  SER A C   1 
ATOM   908  O  O   . SER A 1 108 ? 2.745   1.198   5.960   1.00 13.25 ? 108  SER A O   1 
ATOM   909  C  CB  . SER A 1 108 ? 3.758   -1.764  4.761   1.00 12.19 ? 108  SER A CB  1 
ATOM   910  O  OG  . SER A 1 108 ? 3.362   -2.797  3.876   1.00 12.55 ? 108  SER A OG  1 
ATOM   911  N  N   . ASP A 1 109 ? 4.931   1.046   5.411   1.00 11.62 ? 109  ASP A N   1 
ATOM   912  C  CA  . ASP A 1 109 ? 5.380   2.123   6.305   1.00 12.37 ? 109  ASP A CA  1 
ATOM   913  C  C   . ASP A 1 109 ? 4.719   3.453   5.939   1.00 11.81 ? 109  ASP A C   1 
ATOM   914  O  O   . ASP A 1 109 ? 4.275   4.210   6.823   1.00 11.91 ? 109  ASP A O   1 
ATOM   915  C  CB  . ASP A 1 109 ? 6.913   2.252   6.240   1.00 13.29 ? 109  ASP A CB  1 
ATOM   916  C  CG  . ASP A 1 109 ? 7.635   1.107   6.950   1.00 17.25 ? 109  ASP A CG  1 
ATOM   917  O  OD1 . ASP A 1 109 ? 6.982   0.342   7.680   1.00 20.10 ? 109  ASP A OD1 1 
ATOM   918  O  OD2 . ASP A 1 109 ? 8.863   0.973   6.762   1.00 20.79 ? 109  ASP A OD2 1 
ATOM   919  N  N   . ALA A 1 110 ? 4.607   3.720   4.638   1.00 11.55 ? 110  ALA A N   1 
ATOM   920  C  CA  . ALA A 1 110 ? 3.975   4.945   4.156   1.00 11.92 ? 110  ALA A CA  1 
ATOM   921  C  C   . ALA A 1 110 ? 2.493   5.028   4.566   1.00 11.97 ? 110  ALA A C   1 
ATOM   922  O  O   . ALA A 1 110 ? 1.996   6.100   4.925   1.00 12.79 ? 110  ALA A O   1 
ATOM   923  C  CB  . ALA A 1 110 ? 4.126   5.066   2.631   1.00 12.73 ? 110  ALA A CB  1 
ATOM   924  N  N   . ILE A 1 111 ? 1.786   3.902   4.512   1.00 11.72 ? 111  ILE A N   1 
ATOM   925  C  CA  . ILE A 1 111 ? 0.379   3.866   4.917   1.00 11.15 ? 111  ILE A CA  1 
ATOM   926  C  C   . ILE A 1 111 ? 0.242   4.235   6.403   1.00 11.71 ? 111  ILE A C   1 
ATOM   927  O  O   . ILE A 1 111 ? -0.627  5.033   6.779   1.00 11.83 ? 111  ILE A O   1 
ATOM   928  C  CB  . ILE A 1 111 ? -0.244  2.491   4.596   1.00 10.59 ? 111  ILE A CB  1 
ATOM   929  C  CG1 . ILE A 1 111 ? -0.401  2.345   3.072   1.00 10.71 ? 111  ILE A CG1 1 
ATOM   930  C  CG2 . ILE A 1 111 ? -1.574  2.298   5.354   1.00 10.39 ? 111  ILE A CG2 1 
ATOM   931  C  CD1 . ILE A 1 111 ? -0.618  0.945   2.619   1.00 10.76 ? 111  ILE A CD1 1 
ATOM   932  N  N   . ILE A 1 112 ? 1.100   3.669   7.253   1.00 11.30 ? 112  ILE A N   1 
ATOM   933  C  CA  . ILE A 1 112 ? 1.071   4.005   8.679   1.00 11.87 ? 112  ILE A CA  1 
ATOM   934  C  C   . ILE A 1 112 ? 1.356   5.485   8.915   1.00 11.76 ? 112  ILE A C   1 
ATOM   935  O  O   . ILE A 1 112 ? 0.641   6.143   9.695   1.00 12.41 ? 112  ILE A O   1 
ATOM   936  C  CB  . ILE A 1 112 ? 2.046   3.101   9.502   1.00 12.01 ? 112  ILE A CB  1 
ATOM   937  C  CG1 . ILE A 1 112 ? 1.625   1.624   9.405   1.00 12.99 ? 112  ILE A CG1 1 
ATOM   938  C  CG2 . ILE A 1 112 ? 2.188   3.589   10.962  1.00 11.82 ? 112  ILE A CG2 1 
ATOM   939  C  CD1 . ILE A 1 112 ? 0.239   1.320   10.007  1.00 11.91 ? 112  ILE A CD1 1 
ATOM   940  N  N   . HIS A 1 113 ? 2.352   6.025   8.209   1.00 12.05 ? 113  HIS A N   1 
ATOM   941  C  CA  . HIS A 1 113 ? 2.669   7.450   8.341   1.00 12.46 ? 113  HIS A CA  1 
ATOM   942  C  C   . HIS A 1 113 ? 1.501   8.361   7.935   1.00 12.23 ? 113  HIS A C   1 
ATOM   943  O  O   . HIS A 1 113 ? 1.156   9.322   8.638   1.00 12.09 ? 113  HIS A O   1 
ATOM   944  C  CB  . HIS A 1 113 ? 3.899   7.803   7.500   1.00 13.46 ? 113  HIS A CB  1 
ATOM   945  C  CG  . HIS A 1 113 ? 4.289   9.238   7.620   1.00 17.28 ? 113  HIS A CG  1 
ATOM   946  N  ND1 . HIS A 1 113 ? 5.163   9.691   8.584   1.00 21.07 ? 113  HIS A ND1 1 
ATOM   947  C  CD2 . HIS A 1 113 ? 3.878   10.331  6.934   1.00 19.66 ? 113  HIS A CD2 1 
ATOM   948  C  CE1 . HIS A 1 113 ? 5.297   11.000  8.467   1.00 22.02 ? 113  HIS A CE1 1 
ATOM   949  N  NE2 . HIS A 1 113 ? 4.525   11.412  7.477   1.00 22.30 ? 113  HIS A NE2 1 
ATOM   950  N  N   . VAL A 1 114 ? 0.919   8.067   6.778   1.00 12.37 ? 114  VAL A N   1 
ATOM   951  C  CA  . VAL A 1 114 ? -0.201  8.858   6.269   1.00 12.89 ? 114  VAL A CA  1 
ATOM   952  C  C   . VAL A 1 114 ? -1.423  8.779   7.201   1.00 13.16 ? 114  VAL A C   1 
ATOM   953  O  O   . VAL A 1 114 ? -2.138  9.776   7.395   1.00 13.29 ? 114  VAL A O   1 
ATOM   954  C  CB  . VAL A 1 114 ? -0.551  8.425   4.832   1.00 12.59 ? 114  VAL A CB  1 
ATOM   955  C  CG1 . VAL A 1 114 ? -1.853  9.085   4.343   1.00 13.48 ? 114  VAL A CG1 1 
ATOM   956  C  CG2 . VAL A 1 114 ? 0.590   8.785   3.909   1.00 13.19 ? 114  VAL A CG2 1 
ATOM   957  N  N   . LEU A 1 115 ? -1.670  7.610   7.794   1.00 11.81 ? 115  LEU A N   1 
ATOM   958  C  CA  . LEU A 1 115 ? -2.789  7.516   8.751   1.00 11.85 ? 115  LEU A CA  1 
ATOM   959  C  C   . LEU A 1 115 ? -2.569  8.473   9.932   1.00 12.25 ? 115  LEU A C   1 
ATOM   960  O  O   . LEU A 1 115 ? -3.471  9.222   10.310  1.00 12.46 ? 115  LEU A O   1 
ATOM   961  C  CB  . LEU A 1 115 ? -3.026  6.070   9.213   1.00 12.01 ? 115  LEU A CB  1 
ATOM   962  C  CG  . LEU A 1 115 ? -3.638  5.127   8.168   1.00 11.91 ? 115  LEU A CG  1 
ATOM   963  C  CD1 . LEU A 1 115 ? -3.489  3.647   8.554   1.00 12.39 ? 115  LEU A CD1 1 
ATOM   964  C  CD2 . LEU A 1 115 ? -5.096  5.454   7.916   1.00 12.55 ? 115  LEU A CD2 1 
ATOM   965  N  N   . HIS A 1 116 ? -1.366  8.463   10.508  1.00 11.59 ? 116  HIS A N   1 
ATOM   966  C  CA  . HIS A 1 116 ? -1.065  9.417   11.572  1.00 11.37 ? 116  HIS A CA  1 
ATOM   967  C  C   . HIS A 1 116 ? -1.158  10.871  11.087  1.00 12.29 ? 116  HIS A C   1 
ATOM   968  O  O   . HIS A 1 116 ? -1.676  11.748  11.804  1.00 13.11 ? 116  HIS A O   1 
ATOM   969  C  CB  . HIS A 1 116 ? 0.316   9.134   12.192  1.00 10.77 ? 116  HIS A CB  1 
ATOM   970  C  CG  . HIS A 1 116 ? 0.293   8.026   13.193  1.00 11.31 ? 116  HIS A CG  1 
ATOM   971  N  ND1 . HIS A 1 116 ? -0.464  8.081   14.345  1.00 12.08 ? 116  HIS A ND1 1 
ATOM   972  C  CD2 . HIS A 1 116 ? 0.942   6.839   13.225  1.00 11.44 ? 116  HIS A CD2 1 
ATOM   973  C  CE1 . HIS A 1 116 ? -0.285  6.972   15.039  1.00 12.53 ? 116  HIS A CE1 1 
ATOM   974  N  NE2 . HIS A 1 116 ? 0.564   6.201   14.383  1.00 11.10 ? 116  HIS A NE2 1 
ATOM   975  N  N   . SER A 1 117 ? -0.666  11.130  9.875   1.00 12.72 ? 117  SER A N   1 
ATOM   976  C  CA  . SER A 1 117 ? -0.603  12.508  9.385   1.00 13.35 ? 117  SER A CA  1 
ATOM   977  C  C   . SER A 1 117 ? -1.991  13.101  9.131   1.00 13.69 ? 117  SER A C   1 
ATOM   978  O  O   . SER A 1 117 ? -2.238  14.279  9.396   1.00 13.80 ? 117  SER A O   1 
ATOM   979  C  CB  . SER A 1 117 ? 0.245   12.583  8.123   1.00 13.92 ? 117  SER A CB  1 
ATOM   980  O  OG  . SER A 1 117 ? 0.245   13.910  7.646   1.00 16.99 ? 117  SER A OG  1 
ATOM   981  N  N   . LYS A 1 118 ? -2.897  12.262  8.633   1.00 13.76 ? 118  LYS A N   1 
ATOM   982  C  CA  . LYS A 1 118 ? -4.240  12.721  8.266   1.00 14.70 ? 118  LYS A CA  1 
ATOM   983  C  C   . LYS A 1 118 ? -5.196  12.639  9.450   1.00 15.08 ? 118  LYS A C   1 
ATOM   984  O  O   . LYS A 1 118 ? -6.223  13.333  9.465   1.00 15.95 ? 118  LYS A O   1 
ATOM   985  C  CB  . LYS A 1 118 ? -4.773  11.937  7.053   1.00 14.30 ? 118  LYS A CB  1 
ATOM   986  C  CG  . LYS A 1 118 ? -4.038  12.310  5.750   1.00 14.88 ? 118  LYS A CG  1 
ATOM   987  C  CD  . LYS A 1 118 ? -4.592  11.639  4.492   1.00 15.43 ? 118  LYS A CD  1 
ATOM   988  C  CE  . LYS A 1 118 ? -5.842  12.333  3.989   1.00 18.75 ? 118  LYS A CE  1 
ATOM   989  N  NZ  . LYS A 1 118 ? -5.570  13.729  3.520   1.00 18.94 ? 118  LYS A NZ  1 
ATOM   990  N  N   . HIS A 1 119 ? -4.849  11.817  10.449  1.00 14.93 ? 119  HIS A N   1 
ATOM   991  C  CA  . HIS A 1 119 ? -5.734  11.542  11.593  1.00 15.25 ? 119  HIS A CA  1 
ATOM   992  C  C   . HIS A 1 119 ? -4.955  11.634  12.922  1.00 14.92 ? 119  HIS A C   1 
ATOM   993  O  O   . HIS A 1 119 ? -4.983  10.698  13.748  1.00 15.36 ? 119  HIS A O   1 
ATOM   994  C  CB  . HIS A 1 119 ? -6.404  10.166  11.434  1.00 15.00 ? 119  HIS A CB  1 
ATOM   995  C  CG  . HIS A 1 119 ? -7.004  9.944   10.077  1.00 15.98 ? 119  HIS A CG  1 
ATOM   996  N  ND1 . HIS A 1 119 ? -8.295  10.314  9.763   1.00 16.53 ? 119  HIS A ND1 1 
ATOM   997  C  CD2 . HIS A 1 119 ? -6.485  9.399   8.952   1.00 15.47 ? 119  HIS A CD2 1 
ATOM   998  C  CE1 . HIS A 1 119 ? -8.540  10.016  8.497   1.00 15.50 ? 119  HIS A CE1 1 
ATOM   999  N  NE2 . HIS A 1 119 ? -7.456  9.456   7.982   1.00 14.06 ? 119  HIS A NE2 1 
ATOM   1000 N  N   . PRO A 1 120 ? -4.285  12.783  13.152  1.00 14.88 ? 120  PRO A N   1 
ATOM   1001 C  CA  . PRO A 1 120 ? -3.407  12.886  14.318  1.00 15.09 ? 120  PRO A CA  1 
ATOM   1002 C  C   . PRO A 1 120 ? -4.213  12.774  15.593  1.00 15.13 ? 120  PRO A C   1 
ATOM   1003 O  O   . PRO A 1 120 ? -5.242  13.451  15.725  1.00 15.84 ? 120  PRO A O   1 
ATOM   1004 C  CB  . PRO A 1 120 ? -2.790  14.287  14.193  1.00 15.13 ? 120  PRO A CB  1 
ATOM   1005 C  CG  . PRO A 1 120 ? -3.690  15.064  13.298  1.00 15.61 ? 120  PRO A CG  1 
ATOM   1006 C  CD  . PRO A 1 120 ? -4.345  14.043  12.379  1.00 15.31 ? 120  PRO A CD  1 
ATOM   1007 N  N   . GLY A 1 121 ? -3.770  11.912  16.504  1.00 14.82 ? 121  GLY A N   1 
ATOM   1008 C  CA  . GLY A 1 121 ? -4.515  11.713  17.750  1.00 15.98 ? 121  GLY A CA  1 
ATOM   1009 C  C   . GLY A 1 121 ? -5.772  10.857  17.613  1.00 16.32 ? 121  GLY A C   1 
ATOM   1010 O  O   . GLY A 1 121 ? -6.435  10.597  18.616  1.00 16.65 ? 121  GLY A O   1 
ATOM   1011 N  N   . ASP A 1 122 ? -6.096  10.409  16.393  1.00 15.88 ? 122  ASP A N   1 
ATOM   1012 C  CA  . ASP A 1 122 ? -7.264  9.552   16.152  1.00 16.12 ? 122  ASP A CA  1 
ATOM   1013 C  C   . ASP A 1 122 ? -6.876  8.190   15.535  1.00 15.79 ? 122  ASP A C   1 
ATOM   1014 O  O   . ASP A 1 122 ? -7.705  7.500   14.924  1.00 16.88 ? 122  ASP A O   1 
ATOM   1015 C  CB  . ASP A 1 122 ? -8.267  10.279  15.255  1.00 17.36 ? 122  ASP A CB  1 
ATOM   1016 C  CG  . ASP A 1 122 ? -9.540  9.488   15.043  1.00 20.10 ? 122  ASP A CG  1 
ATOM   1017 O  OD1 . ASP A 1 122 ? -10.073 8.935   16.032  1.00 23.86 ? 122  ASP A OD1 1 
ATOM   1018 O  OD2 . ASP A 1 122 ? -10.018 9.423   13.888  1.00 21.58 ? 122  ASP A OD2 1 
ATOM   1019 N  N   . PHE A 1 123 ? -5.612  7.811   15.695  1.00 14.83 ? 123  PHE A N   1 
ATOM   1020 C  CA  . PHE A 1 123 ? -5.114  6.520   15.209  1.00 13.60 ? 123  PHE A CA  1 
ATOM   1021 C  C   . PHE A 1 123 ? -4.322  5.950   16.379  1.00 14.33 ? 123  PHE A C   1 
ATOM   1022 O  O   . PHE A 1 123 ? -3.100  6.100   16.465  1.00 14.66 ? 123  PHE A O   1 
ATOM   1023 C  CB  . PHE A 1 123 ? -4.282  6.726   13.921  1.00 14.29 ? 123  PHE A CB  1 
ATOM   1024 C  CG  . PHE A 1 123 ? -3.702  5.453   13.306  1.00 13.15 ? 123  PHE A CG  1 
ATOM   1025 C  CD1 . PHE A 1 123 ? -4.471  4.296   13.183  1.00 12.54 ? 123  PHE A CD1 1 
ATOM   1026 C  CD2 . PHE A 1 123 ? -2.396  5.446   12.792  1.00 12.95 ? 123  PHE A CD2 1 
ATOM   1027 C  CE1 . PHE A 1 123 ? -3.942  3.134   12.602  1.00 13.66 ? 123  PHE A CE1 1 
ATOM   1028 C  CE2 . PHE A 1 123 ? -1.862  4.308   12.196  1.00 13.66 ? 123  PHE A CE2 1 
ATOM   1029 C  CZ  . PHE A 1 123 ? -2.635  3.139   12.097  1.00 13.07 ? 123  PHE A CZ  1 
ATOM   1030 N  N   . GLY A 1 124 ? -5.056  5.283   17.272  1.00 13.61 ? 124  GLY A N   1 
ATOM   1031 C  CA  . GLY A 1 124 ? -4.567  4.874   18.585  1.00 14.36 ? 124  GLY A CA  1 
ATOM   1032 C  C   . GLY A 1 124 ? -3.580  3.729   18.534  1.00 13.34 ? 124  GLY A C   1 
ATOM   1033 O  O   . GLY A 1 124 ? -3.425  3.082   17.502  1.00 13.46 ? 124  GLY A O   1 
ATOM   1034 N  N   . ALA A 1 125 ? -2.929  3.461   19.660  1.00 12.96 ? 125  ALA A N   1 
ATOM   1035 C  CA  . ALA A 1 125 ? -1.910  2.415   19.719  1.00 12.48 ? 125  ALA A CA  1 
ATOM   1036 C  C   . ALA A 1 125 ? -2.463  1.036   19.334  1.00 12.34 ? 125  ALA A C   1 
ATOM   1037 O  O   . ALA A 1 125 ? -1.801  0.281   18.613  1.00 12.58 ? 125  ALA A O   1 
ATOM   1038 C  CB  . ALA A 1 125 ? -1.311  2.368   21.115  1.00 12.99 ? 125  ALA A CB  1 
ATOM   1039 N  N   . ASP A 1 126 ? -3.672  0.708   19.791  1.00 12.13 ? 126  ASP A N   1 
ATOM   1040 C  CA  . ASP A 1 126 ? -4.304  -0.561  19.395  1.00 13.23 ? 126  ASP A CA  1 
ATOM   1041 C  C   . ASP A 1 126 ? -4.572  -0.626  17.887  1.00 12.76 ? 126  ASP A C   1 
ATOM   1042 O  O   . ASP A 1 126 ? -4.297  -1.673  17.236  1.00 12.91 ? 126  ASP A O   1 
ATOM   1043 C  CB  . ASP A 1 126 ? -5.573  -0.854  20.233  1.00 14.67 ? 126  ASP A CB  1 
ATOM   1044 C  CG  . ASP A 1 126 ? -6.617  0.268   20.187  1.00 18.92 ? 126  ASP A CG  1 
ATOM   1045 O  OD1 . ASP A 1 126 ? -6.457  1.288   19.477  1.00 21.08 ? 126  ASP A OD1 1 
ATOM   1046 O  OD2 . ASP A 1 126 ? -7.649  0.113   20.895  1.00 25.22 ? 126  ASP A OD2 1 
ATOM   1047 N  N   . ALA A 1 127 ? -5.053  0.483   17.324  1.00 12.23 ? 127  ALA A N   1 
ATOM   1048 C  CA  . ALA A 1 127 ? -5.309  0.553   15.886  1.00 11.84 ? 127  ALA A CA  1 
ATOM   1049 C  C   . ALA A 1 127 ? -4.012  0.417   15.077  1.00 11.88 ? 127  ALA A C   1 
ATOM   1050 O  O   . ALA A 1 127 ? -3.972  -0.304  14.074  1.00 11.17 ? 127  ALA A O   1 
ATOM   1051 C  CB  . ALA A 1 127 ? -6.038  1.834   15.533  1.00 12.48 ? 127  ALA A CB  1 
ATOM   1052 N  N   . GLN A 1 128 ? -2.954  1.099   15.508  1.00 12.02 ? 128  GLN A N   1 
ATOM   1053 C  CA  . GLN A 1 128 ? -1.682  0.957   14.816  1.00 12.46 ? 128  GLN A CA  1 
ATOM   1054 C  C   . GLN A 1 128 ? -1.166  -0.489  14.865  1.00 11.89 ? 128  GLN A C   1 
ATOM   1055 O  O   . GLN A 1 128 ? -0.672  -1.034  13.847  1.00 10.79 ? 128  GLN A O   1 
ATOM   1056 C  CB  . GLN A 1 128 ? -0.637  1.932   15.368  1.00 12.04 ? 128  GLN A CB  1 
ATOM   1057 C  CG  . GLN A 1 128 ? 0.681   1.784   14.599  1.00 13.17 ? 128  GLN A CG  1 
ATOM   1058 C  CD  . GLN A 1 128 ? 1.753   2.743   15.064  1.00 10.68 ? 128  GLN A CD  1 
ATOM   1059 O  OE1 . GLN A 1 128 ? 1.464   3.801   15.608  1.00 12.75 ? 128  GLN A OE1 1 
ATOM   1060 N  NE2 . GLN A 1 128 ? 3.030   2.367   14.830  1.00 12.53 ? 128  GLN A NE2 1 
ATOM   1061 N  N   . GLY A 1 129 ? -1.297  -1.132  16.022  1.00 11.36 ? 129  GLY A N   1 
ATOM   1062 C  CA  . GLY A 1 129 ? -0.844  -2.524  16.164  1.00 12.07 ? 129  GLY A CA  1 
ATOM   1063 C  C   . GLY A 1 129 ? -1.602  -3.432  15.202  1.00 11.24 ? 129  GLY A C   1 
ATOM   1064 O  O   . GLY A 1 129 ? -1.007  -4.283  14.497  1.00 11.91 ? 129  GLY A O   1 
ATOM   1065 N  N   . ALA A 1 130 ? -2.918  -3.253  15.146  1.00 10.85 ? 130  ALA A N   1 
ATOM   1066 C  CA  . ALA A 1 130 ? -3.764  -4.104  14.304  1.00 11.23 ? 130  ALA A CA  1 
ATOM   1067 C  C   . ALA A 1 130 ? -3.480  -3.869  12.817  1.00 11.29 ? 130  ALA A C   1 
ATOM   1068 O  O   . ALA A 1 130 ? -3.286  -4.828  12.066  1.00 12.07 ? 130  ALA A O   1 
ATOM   1069 C  CB  . ALA A 1 130 ? -5.242  -3.876  14.626  1.00 11.64 ? 130  ALA A CB  1 
ATOM   1070 N  N   . MET A 1 131 ? -3.445  -2.609  12.388  1.00 11.00 ? 131  MET A N   1 
ATOM   1071 C  CA  . MET A 1 131 ? -3.133  -2.301  10.980  1.00 11.31 ? 131  MET A CA  1 
ATOM   1072 C  C   . MET A 1 131 ? -1.749  -2.813  10.547  1.00 10.76 ? 131  MET A C   1 
ATOM   1073 O  O   . MET A 1 131 ? -1.602  -3.374  9.451   1.00 11.10 ? 131  MET A O   1 
ATOM   1074 C  CB  . MET A 1 131 ? -3.273  -0.796  10.704  1.00 11.04 ? 131  MET A CB  1 
ATOM   1075 C  CG  . MET A 1 131 ? -3.053  -0.430  9.239   1.00 11.82 ? 131  MET A CG  1 
ATOM   1076 S  SD  . MET A 1 131 ? -4.242  -1.217  8.090   1.00 18.19 ? 131  MET A SD  1 
ATOM   1077 C  CE  . MET A 1 131 ? -5.698  -0.457  8.645   1.00 17.65 ? 131  MET A CE  1 
ATOM   1078 N  N   . THR A 1 132 ? -0.757  -2.649  11.418  1.00 11.40 ? 132  THR A N   1 
ATOM   1079 C  CA  . THR A 1 132 ? 0.594   -3.162  11.169  1.00 11.57 ? 132  THR A CA  1 
ATOM   1080 C  C   . THR A 1 132 ? 0.583   -4.672  10.962  1.00 12.12 ? 132  THR A C   1 
ATOM   1081 O  O   . THR A 1 132 ? 1.219   -5.170  9.998   1.00 11.26 ? 132  THR A O   1 
ATOM   1082 C  CB  . THR A 1 132 ? 1.535   -2.782  12.337  1.00 12.05 ? 132  THR A CB  1 
ATOM   1083 O  OG1 . THR A 1 132 ? 1.586   -1.361  12.418  1.00 13.34 ? 132  THR A OG1 1 
ATOM   1084 C  CG2 . THR A 1 132 ? 2.928   -3.316  12.127  1.00 13.40 ? 132  THR A CG2 1 
ATOM   1085 N  N   . LYS A 1 133 ? -0.121  -5.390  11.846  1.00 11.20 ? 133  LYS A N   1 
ATOM   1086 C  CA  . LYS A 1 133 ? -0.275  -6.859  11.682  1.00 12.58 ? 133  LYS A CA  1 
ATOM   1087 C  C   . LYS A 1 133 ? -0.913  -7.230  10.350  1.00 11.69 ? 133  LYS A C   1 
ATOM   1088 O  O   . LYS A 1 133 ? -0.499  -8.201  9.702   1.00 12.73 ? 133  LYS A O   1 
ATOM   1089 C  CB  . LYS A 1 133 ? -1.113  -7.487  12.798  1.00 13.65 ? 133  LYS A CB  1 
ATOM   1090 C  CG  . LYS A 1 133 ? -0.337  -7.823  14.076  1.00 15.80 ? 133  LYS A CG  1 
ATOM   1091 C  CD  . LYS A 1 133 ? -1.210  -8.559  15.118  1.00 15.46 ? 133  LYS A CD  1 
ATOM   1092 C  CE  . LYS A 1 133 ? -1.513  -10.007 14.754  1.00 18.97 ? 133  LYS A CE  1 
ATOM   1093 N  NZ  . LYS A 1 133 ? -2.139  -10.733 15.926  1.00 21.40 ? 133  LYS A NZ  1 
ATOM   1094 N  N   . ALA A 1 134 ? -1.948  -6.486  9.946   1.00 10.47 ? 134  ALA A N   1 
ATOM   1095 C  CA  . ALA A 1 134 ? -2.635  -6.786  8.681   1.00 10.54 ? 134  ALA A CA  1 
ATOM   1096 C  C   . ALA A 1 134 ? -1.716  -6.560  7.492   1.00 10.43 ? 134  ALA A C   1 
ATOM   1097 O  O   . ALA A 1 134 ? -1.735  -7.334  6.519   1.00 10.44 ? 134  ALA A O   1 
ATOM   1098 C  CB  . ALA A 1 134 ? -3.906  -5.938  8.534   1.00 10.40 ? 134  ALA A CB  1 
ATOM   1099 N  N   . LEU A 1 135 ? -0.933  -5.488  7.538   1.00 10.74 ? 135  LEU A N   1 
ATOM   1100 C  CA  . LEU A 1 135 ? -0.014  -5.194  6.428   1.00 10.96 ? 135  LEU A CA  1 
ATOM   1101 C  C   . LEU A 1 135 ? 1.154   -6.185  6.374   1.00 11.59 ? 135  LEU A C   1 
ATOM   1102 O  O   . LEU A 1 135 ? 1.655   -6.516  5.289   1.00 11.08 ? 135  LEU A O   1 
ATOM   1103 C  CB  . LEU A 1 135 ? 0.504   -3.745  6.512   1.00 11.39 ? 135  LEU A CB  1 
ATOM   1104 C  CG  . LEU A 1 135 ? -0.588  -2.677  6.323   1.00 11.73 ? 135  LEU A CG  1 
ATOM   1105 C  CD1 . LEU A 1 135 ? -0.084  -1.307  6.757   1.00 13.85 ? 135  LEU A CD1 1 
ATOM   1106 C  CD2 . LEU A 1 135 ? -1.153  -2.642  4.888   1.00 14.48 ? 135  LEU A CD2 1 
ATOM   1107 N  N   . GLU A 1 136 ? 1.603   -6.654  7.539   1.00 11.15 ? 136  GLU A N   1 
ATOM   1108 C  CA  . GLU A 1 136 ? 2.657   -7.682  7.583   1.00 11.82 ? 136  GLU A CA  1 
ATOM   1109 C  C   . GLU A 1 136 ? 2.136   -8.991  6.990   1.00 11.54 ? 136  GLU A C   1 
ATOM   1110 O  O   . GLU A 1 136 ? 2.860   -9.676  6.254   1.00 11.07 ? 136  GLU A O   1 
ATOM   1111 C  CB  . GLU A 1 136 ? 3.136   -7.887  9.027   1.00 11.44 ? 136  GLU A CB  1 
ATOM   1112 C  CG  . GLU A 1 136 ? 4.027   -6.768  9.506   1.00 13.16 ? 136  GLU A CG  1 
ATOM   1113 C  CD  . GLU A 1 136 ? 4.327   -6.811  11.008  1.00 15.30 ? 136  GLU A CD  1 
ATOM   1114 O  OE1 . GLU A 1 136 ? 3.611   -7.489  11.782  1.00 18.96 ? 136  GLU A OE1 1 
ATOM   1115 O  OE2 . GLU A 1 136 ? 5.271   -6.099  11.408  1.00 19.28 ? 136  GLU A OE2 1 
ATOM   1116 N  N   . LEU A 1 137 ? 0.906   -9.361  7.348   1.00 11.12 ? 137  LEU A N   1 
ATOM   1117 C  CA  . LEU A 1 137 ? 0.263   -10.563 6.776   1.00 11.41 ? 137  LEU A CA  1 
ATOM   1118 C  C   . LEU A 1 137 ? 0.220   -10.472 5.247   1.00 11.78 ? 137  LEU A C   1 
ATOM   1119 O  O   . LEU A 1 137 ? 0.580   -11.420 4.543   1.00 12.19 ? 137  LEU A O   1 
ATOM   1120 C  CB  . LEU A 1 137 ? -1.149  -10.782 7.360   1.00 12.12 ? 137  LEU A CB  1 
ATOM   1121 C  CG  . LEU A 1 137 ? -1.901  -12.047 6.891   1.00 12.31 ? 137  LEU A CG  1 
ATOM   1122 C  CD1 . LEU A 1 137 ? -1.176  -13.360 7.295   1.00 14.59 ? 137  LEU A CD1 1 
ATOM   1123 C  CD2 . LEU A 1 137 ? -3.299  -12.057 7.480   1.00 12.04 ? 137  LEU A CD2 1 
ATOM   1124 N  N   . PHE A 1 138 ? -0.231  -9.323  4.740   1.00 11.88 ? 138  PHE A N   1 
ATOM   1125 C  CA  . PHE A 1 138 ? -0.297  -9.059  3.312   1.00 12.33 ? 138  PHE A CA  1 
ATOM   1126 C  C   . PHE A 1 138 ? 1.086   -9.253  2.683   1.00 12.47 ? 138  PHE A C   1 
ATOM   1127 O  O   . PHE A 1 138 ? 1.253   -10.036 1.734   1.00 12.70 ? 138  PHE A O   1 
ATOM   1128 C  CB  . PHE A 1 138 ? -0.807  -7.627  3.151   1.00 13.47 ? 138  PHE A CB  1 
ATOM   1129 C  CG  . PHE A 1 138 ? -0.688  -7.060  1.764   1.00 14.78 ? 138  PHE A CG  1 
ATOM   1130 C  CD1 . PHE A 1 138 ? -1.525  -7.483  0.741   1.00 16.75 ? 138  PHE A CD1 1 
ATOM   1131 C  CD2 . PHE A 1 138 ? 0.216   -6.032  1.519   1.00 15.21 ? 138  PHE A CD2 1 
ATOM   1132 C  CE1 . PHE A 1 138 ? -1.431  -6.904  -0.554  1.00 19.27 ? 138  PHE A CE1 1 
ATOM   1133 C  CE2 . PHE A 1 138 ? 0.324   -5.441  0.245   1.00 18.61 ? 138  PHE A CE2 1 
ATOM   1134 C  CZ  . PHE A 1 138 ? -0.501  -5.870  -0.788  1.00 17.38 ? 138  PHE A CZ  1 
ATOM   1135 N  N   . ARG A 1 139 ? 2.076   -8.571  3.242   1.00 12.44 ? 139  ARG A N   1 
ATOM   1136 C  CA  . ARG A 1 139 ? 3.460   -8.637  2.769   1.00 12.69 ? 139  ARG A CA  1 
ATOM   1137 C  C   . ARG A 1 139 ? 4.021   -10.051 2.836   1.00 12.15 ? 139  ARG A C   1 
ATOM   1138 O  O   . ARG A 1 139 ? 4.692   -10.506 1.893   1.00 12.90 ? 139  ARG A O   1 
ATOM   1139 C  CB  . ARG A 1 139 ? 4.326   -7.686  3.611   1.00 13.76 ? 139  ARG A CB  1 
ATOM   1140 C  CG  . ARG A 1 139 ? 5.684   -7.402  3.046   1.00 16.83 ? 139  ARG A CG  1 
ATOM   1141 C  CD  . ARG A 1 139 ? 6.101   -6.007  3.462   1.00 13.17 ? 139  ARG A CD  1 
ATOM   1142 N  NE  . ARG A 1 139 ? 6.671   -5.951  4.813   1.00 12.39 ? 139  ARG A NE  1 
ATOM   1143 C  CZ  . ARG A 1 139 ? 6.111   -5.373  5.873   1.00 13.80 ? 139  ARG A CZ  1 
ATOM   1144 N  NH1 . ARG A 1 139 ? 4.919   -4.773  5.807   1.00 14.18 ? 139  ARG A NH1 1 
ATOM   1145 N  NH2 . ARG A 1 139 ? 6.767   -5.374  7.031   1.00 13.80 ? 139  ARG A NH2 1 
ATOM   1146 N  N   . ASN A 1 140 ? 3.743   -10.752 3.931   1.00 11.58 ? 140  ASN A N   1 
ATOM   1147 C  CA  . ASN A 1 140 ? 4.289   -12.087 4.131   1.00 12.22 ? 140  ASN A CA  1 
ATOM   1148 C  C   . ASN A 1 140 ? 3.708   -13.111 3.140   1.00 12.09 ? 140  ASN A C   1 
ATOM   1149 O  O   . ASN A 1 140 ? 4.416   -13.994 2.628   1.00 12.76 ? 140  ASN A O   1 
ATOM   1150 C  CB  . ASN A 1 140 ? 4.105   -12.538 5.575   1.00 12.50 ? 140  ASN A CB  1 
ATOM   1151 C  CG  . ASN A 1 140 ? 4.910   -13.772 5.888   1.00 14.46 ? 140  ASN A CG  1 
ATOM   1152 O  OD1 . ASN A 1 140 ? 4.353   -14.825 6.169   1.00 16.10 ? 140  ASN A OD1 1 
ATOM   1153 N  ND2 . ASN A 1 140 ? 6.232   -13.652 5.811   1.00 16.02 ? 140  ASN A ND2 1 
ATOM   1154 N  N   . ASP A 1 141 ? 2.432   -12.950 2.811   1.00 11.85 ? 141  ASP A N   1 
ATOM   1155 C  CA  . ASP A 1 141 ? 1.803   -13.854 1.860   1.00 11.87 ? 141  ASP A CA  1 
ATOM   1156 C  C   . ASP A 1 141 ? 2.289   -13.542 0.423   1.00 11.89 ? 141  ASP A C   1 
ATOM   1157 O  O   . ASP A 1 141 ? 2.477   -14.468 -0.394  1.00 12.91 ? 141  ASP A O   1 
ATOM   1158 C  CB  . ASP A 1 141 ? 0.280   -13.771 2.018   1.00 11.51 ? 141  ASP A CB  1 
ATOM   1159 C  CG  . ASP A 1 141 ? -0.244  -14.545 3.245   1.00 14.22 ? 141  ASP A CG  1 
ATOM   1160 O  OD1 . ASP A 1 141 ? 0.525   -15.250 3.925   1.00 15.43 ? 141  ASP A OD1 1 
ATOM   1161 O  OD2 . ASP A 1 141 ? -1.457  -14.450 3.552   1.00 15.42 ? 141  ASP A OD2 1 
ATOM   1162 N  N   . ILE A 1 142 ? 2.510   -12.261 0.101   1.00 11.62 ? 142  ILE A N   1 
ATOM   1163 C  CA  . ILE A 1 142 ? 3.159   -11.894 -1.179  1.00 12.07 ? 142  ILE A CA  1 
ATOM   1164 C  C   . ILE A 1 142 ? 4.571   -12.510 -1.229  1.00 12.02 ? 142  ILE A C   1 
ATOM   1165 O  O   . ILE A 1 142 ? 4.976   -13.106 -2.241  1.00 12.45 ? 142  ILE A O   1 
ATOM   1166 C  CB  . ILE A 1 142 ? 3.203   -10.360 -1.406  1.00 12.19 ? 142  ILE A CB  1 
ATOM   1167 C  CG1 . ILE A 1 142 ? 1.771   -9.855  -1.619  1.00 13.35 ? 142  ILE A CG1 1 
ATOM   1168 C  CG2 . ILE A 1 142 ? 4.105   -10.025 -2.632  1.00 12.73 ? 142  ILE A CG2 1 
ATOM   1169 C  CD1 . ILE A 1 142 ? 1.646   -8.349  -1.683  1.00 16.20 ? 142  ILE A CD1 1 
ATOM   1170 N  N   . ALA A 1 143 ? 5.319   -12.377 -0.136  1.00 12.00 ? 143  ALA A N   1 
ATOM   1171 C  CA  . ALA A 1 143 ? 6.683   -12.927 -0.073  1.00 12.58 ? 143  ALA A CA  1 
ATOM   1172 C  C   . ALA A 1 143 ? 6.715   -14.433 -0.366  1.00 12.41 ? 143  ALA A C   1 
ATOM   1173 O  O   . ALA A 1 143 ? 7.648   -14.914 -1.044  1.00 12.63 ? 143  ALA A O   1 
ATOM   1174 C  CB  . ALA A 1 143 ? 7.339   -12.631 1.280   1.00 13.30 ? 143  ALA A CB  1 
ATOM   1175 N  N   . ALA A 1 144 ? 5.734   -15.177 0.139   1.00 11.86 ? 144  ALA A N   1 
ATOM   1176 C  CA  . ALA A 1 144 ? 5.679   -16.625 -0.149  1.00 11.78 ? 144  ALA A CA  1 
ATOM   1177 C  C   . ALA A 1 144 ? 5.535   -16.893 -1.660  1.00 12.59 ? 144  ALA A C   1 
ATOM   1178 O  O   . ALA A 1 144 ? 6.181   -17.814 -2.211  1.00 12.89 ? 144  ALA A O   1 
ATOM   1179 C  CB  . ALA A 1 144 ? 4.537   -17.291 0.647   1.00 12.37 ? 144  ALA A CB  1 
ATOM   1180 N  N   . LYS A 1 145 ? 4.689   -16.107 -2.328  1.00 11.84 ? 145  LYS A N   1 
ATOM   1181 C  CA  . LYS A 1 145 ? 4.515   -16.208 -3.782  1.00 12.62 ? 145  LYS A CA  1 
ATOM   1182 C  C   . LYS A 1 145 ? 5.796   -15.774 -4.498  1.00 12.17 ? 145  LYS A C   1 
ATOM   1183 O  O   . LYS A 1 145 ? 6.193   -16.376 -5.517  1.00 12.33 ? 145  LYS A O   1 
ATOM   1184 C  CB  . LYS A 1 145 ? 3.337   -15.347 -4.254  1.00 12.93 ? 145  LYS A CB  1 
ATOM   1185 C  CG  . LYS A 1 145 ? 1.990   -15.632 -3.578  1.00 15.93 ? 145  LYS A CG  1 
ATOM   1186 C  CD  . LYS A 1 145 ? 1.469   -17.008 -3.914  1.00 19.45 ? 145  LYS A CD  1 
ATOM   1187 C  CE  . LYS A 1 145 ? 0.100   -17.226 -3.259  1.00 20.39 ? 145  LYS A CE  1 
ATOM   1188 N  NZ  . LYS A 1 145 ? -0.197  -18.679 -3.231  1.00 22.48 ? 145  LYS A NZ  1 
ATOM   1189 N  N   . TYR A 1 146 ? 6.466   -14.758 -3.960  1.00 12.27 ? 146  TYR A N   1 
ATOM   1190 C  CA  . TYR A 1 146 ? 7.739   -14.335 -4.548  1.00 12.52 ? 146  TYR A CA  1 
ATOM   1191 C  C   . TYR A 1 146 ? 8.767   -15.466 -4.478  1.00 13.23 ? 146  TYR A C   1 
ATOM   1192 O  O   . TYR A 1 146 ? 9.480   -15.710 -5.455  1.00 13.31 ? 146  TYR A O   1 
ATOM   1193 C  CB  . TYR A 1 146 ? 8.288   -13.101 -3.848  1.00 12.43 ? 146  TYR A CB  1 
ATOM   1194 C  CG  . TYR A 1 146 ? 7.789   -11.767 -4.384  1.00 12.50 ? 146  TYR A CG  1 
ATOM   1195 C  CD1 . TYR A 1 146 ? 6.544   -11.644 -5.008  1.00 13.70 ? 146  TYR A CD1 1 
ATOM   1196 C  CD2 . TYR A 1 146 ? 8.549   -10.612 -4.206  1.00 13.70 ? 146  TYR A CD2 1 
ATOM   1197 C  CE1 . TYR A 1 146 ? 6.092   -10.381 -5.484  1.00 14.73 ? 146  TYR A CE1 1 
ATOM   1198 C  CE2 . TYR A 1 146 ? 8.105   -9.366  -4.660  1.00 15.45 ? 146  TYR A CE2 1 
ATOM   1199 C  CZ  . TYR A 1 146 ? 6.876   -9.261  -5.292  1.00 13.22 ? 146  TYR A CZ  1 
ATOM   1200 O  OH  . TYR A 1 146 ? 6.492   -8.017  -5.751  1.00 13.74 ? 146  TYR A OH  1 
ATOM   1201 N  N   . LYS A 1 147 ? 8.836   -16.162 -3.336  1.00 13.91 ? 147  LYS A N   1 
ATOM   1202 C  CA  . LYS A 1 147 ? 9.775   -17.289 -3.209  1.00 14.28 ? 147  LYS A CA  1 
ATOM   1203 C  C   . LYS A 1 147 ? 9.466   -18.415 -4.205  1.00 13.77 ? 147  LYS A C   1 
ATOM   1204 O  O   . LYS A 1 147 ? 10.392  -18.977 -4.829  1.00 14.10 ? 147  LYS A O   1 
ATOM   1205 C  CB  . LYS A 1 147 ? 9.848   -17.829 -1.781  1.00 14.50 ? 147  LYS A CB  1 
ATOM   1206 C  CG  . LYS A 1 147 ? 10.851  -18.977 -1.615  1.00 18.03 ? 147  LYS A CG  1 
ATOM   1207 C  CD  . LYS A 1 147 ? 10.957  -19.398 -0.165  1.00 19.52 ? 147  LYS A CD  1 
ATOM   1208 C  CE  . LYS A 1 147 ? 11.810  -20.669 0.005   1.00 22.83 ? 147  LYS A CE  1 
ATOM   1209 N  NZ  . LYS A 1 147 ? 10.984  -21.924 -0.068  1.00 24.70 ? 147  LYS A NZ  1 
ATOM   1210 N  N   A GLU A 1 148 ? 8.187   -18.739 -4.384  0.50 13.84 ? 148  GLU A N   1 
ATOM   1211 N  N   B GLU A 1 148 ? 8.179   -18.708 -4.359  0.50 13.94 ? 148  GLU A N   1 
ATOM   1212 C  CA  A GLU A 1 148 ? 7.817   -19.750 -5.382  0.50 14.08 ? 148  GLU A CA  1 
ATOM   1213 C  CA  B GLU A 1 148 ? 7.684   -19.671 -5.338  0.50 14.34 ? 148  GLU A CA  1 
ATOM   1214 C  C   A GLU A 1 148 ? 8.428   -19.374 -6.725  0.50 14.06 ? 148  GLU A C   1 
ATOM   1215 C  C   B GLU A 1 148 ? 8.265   -19.385 -6.730  0.50 14.22 ? 148  GLU A C   1 
ATOM   1216 O  O   A GLU A 1 148 ? 9.052   -20.217 -7.391  0.50 14.09 ? 148  GLU A O   1 
ATOM   1217 O  O   B GLU A 1 148 ? 8.703   -20.306 -7.434  0.50 14.36 ? 148  GLU A O   1 
ATOM   1218 C  CB  A GLU A 1 148 ? 6.295   -19.891 -5.524  0.50 14.45 ? 148  GLU A CB  1 
ATOM   1219 C  CB  B GLU A 1 148 ? 6.153   -19.595 -5.361  0.50 14.81 ? 148  GLU A CB  1 
ATOM   1220 C  CG  A GLU A 1 148 ? 5.593   -20.343 -4.261  0.50 14.79 ? 148  GLU A CG  1 
ATOM   1221 C  CG  B GLU A 1 148 ? 5.443   -20.668 -6.145  0.50 15.17 ? 148  GLU A CG  1 
ATOM   1222 C  CD  A GLU A 1 148 ? 4.079   -20.402 -4.397  0.50 15.29 ? 148  GLU A CD  1 
ATOM   1223 C  CD  B GLU A 1 148 ? 3.920   -20.510 -6.123  0.50 15.69 ? 148  GLU A CD  1 
ATOM   1224 O  OE1 A GLU A 1 148 ? 3.559   -20.162 -5.508  0.50 16.06 ? 148  GLU A OE1 1 
ATOM   1225 O  OE1 B GLU A 1 148 ? 3.400   -19.536 -5.536  0.50 16.78 ? 148  GLU A OE1 1 
ATOM   1226 O  OE2 A GLU A 1 148 ? 3.410   -20.697 -3.378  0.50 18.33 ? 148  GLU A OE2 1 
ATOM   1227 O  OE2 B GLU A 1 148 ? 3.230   -21.375 -6.697  0.50 19.16 ? 148  GLU A OE2 1 
ATOM   1228 N  N   . LEU A 1 149 ? 8.275   -18.102 -7.102  1.00 14.26 ? 149  LEU A N   1 
ATOM   1229 C  CA  . LEU A 1 149 ? 8.729   -17.640 -8.416  1.00 14.11 ? 149  LEU A CA  1 
ATOM   1230 C  C   . LEU A 1 149 ? 10.234  -17.421 -8.497  1.00 14.21 ? 149  LEU A C   1 
ATOM   1231 O  O   . LEU A 1 149 ? 10.751  -17.146 -9.569  1.00 15.62 ? 149  LEU A O   1 
ATOM   1232 C  CB  . LEU A 1 149 ? 8.018   -16.340 -8.809  1.00 14.23 ? 149  LEU A CB  1 
ATOM   1233 C  CG  . LEU A 1 149 ? 6.492   -16.354 -8.887  1.00 14.49 ? 149  LEU A CG  1 
ATOM   1234 C  CD1 . LEU A 1 149 ? 5.922   -14.932 -8.926  1.00 17.60 ? 149  LEU A CD1 1 
ATOM   1235 C  CD2 . LEU A 1 149 ? 5.981   -17.173 -10.089 1.00 15.87 ? 149  LEU A CD2 1 
ATOM   1236 N  N   . GLY A 1 150 ? 10.920  -17.480 -7.357  1.00 14.03 ? 150  GLY A N   1 
ATOM   1237 C  CA  . GLY A 1 150 ? 12.356  -17.225 -7.299  1.00 14.61 ? 150  GLY A CA  1 
ATOM   1238 C  C   . GLY A 1 150 ? 12.659  -15.759 -7.524  1.00 15.52 ? 150  GLY A C   1 
ATOM   1239 O  O   . GLY A 1 150 ? 13.726  -15.408 -8.010  1.00 15.78 ? 150  GLY A O   1 
ATOM   1240 N  N   . PHE A 1 151 ? 11.716  -14.893 -7.178  1.00 16.43 ? 151  PHE A N   1 
ATOM   1241 C  CA  . PHE A 1 151 ? 11.892  -13.484 -7.496  1.00 18.93 ? 151  PHE A CA  1 
ATOM   1242 C  C   . PHE A 1 151 ? 12.553  -12.745 -6.362  1.00 21.10 ? 151  PHE A C   1 
ATOM   1243 O  O   . PHE A 1 151 ? 12.157  -12.889 -5.203  1.00 21.33 ? 151  PHE A O   1 
ATOM   1244 C  CB  . PHE A 1 151 ? 10.559  -12.805 -7.826  1.00 18.62 ? 151  PHE A CB  1 
ATOM   1245 C  CG  . PHE A 1 151 ? 10.690  -11.339 -8.095  1.00 18.94 ? 151  PHE A CG  1 
ATOM   1246 C  CD1 . PHE A 1 151 ? 11.282  -10.882 -9.274  1.00 19.44 ? 151  PHE A CD1 1 
ATOM   1247 C  CD2 . PHE A 1 151 ? 10.220  -10.409 -7.174  1.00 20.16 ? 151  PHE A CD2 1 
ATOM   1248 C  CE1 . PHE A 1 151 ? 11.402  -9.514  -9.515  1.00 21.08 ? 151  PHE A CE1 1 
ATOM   1249 C  CE2 . PHE A 1 151 ? 10.338  -9.051  -7.410  1.00 19.75 ? 151  PHE A CE2 1 
ATOM   1250 C  CZ  . PHE A 1 151 ? 10.931  -8.601  -8.571  1.00 20.02 ? 151  PHE A CZ  1 
ATOM   1251 N  N   . GLN A 1 152 ? 13.545  -11.933 -6.712  1.00 23.42 ? 152  GLN A N   1 
ATOM   1252 C  CA  . GLN A 1 152 ? 14.214  -11.069 -5.744  1.00 25.75 ? 152  GLN A CA  1 
ATOM   1253 C  C   . GLN A 1 152 ? 14.071  -9.591  -6.117  1.00 27.23 ? 152  GLN A C   1 
ATOM   1254 O  O   . GLN A 1 152 ? 13.725  -8.759  -5.274  1.00 28.15 ? 152  GLN A O   1 
ATOM   1255 C  CB  . GLN A 1 152 ? 15.687  -11.475 -5.603  1.00 25.50 ? 152  GLN A CB  1 
ATOM   1256 C  CG  . GLN A 1 152 ? 15.880  -12.825 -4.892  1.00 26.05 ? 152  GLN A CG  1 
ATOM   1257 C  CD  . GLN A 1 152 ? 15.618  -12.749 -3.388  1.00 26.94 ? 152  GLN A CD  1 
ATOM   1258 O  OE1 . GLN A 1 152 ? 15.401  -11.667 -2.834  1.00 26.98 ? 152  GLN A OE1 1 
ATOM   1259 N  NE2 . GLN A 1 152 ? 15.627  -13.902 -2.727  1.00 26.31 ? 152  GLN A NE2 1 
ATOM   1260 N  N   . GLY A 1 153 ? 14.320  -9.276  -7.388  1.00 28.61 ? 153  GLY A N   1 
ATOM   1261 C  CA  . GLY A 1 153 ? 14.232  -7.899  -7.891  1.00 29.85 ? 153  GLY A CA  1 
ATOM   1262 C  C   . GLY A 1 153 ? 14.306  -7.824  -9.411  1.00 31.08 ? 153  GLY A C   1 
ATOM   1263 O  O   . GLY A 1 153 ? 14.714  -8.788  -10.077 1.00 31.37 ? 153  GLY A O   1 
ATOM   1264 O  OXT . GLY A 1 153 ? 13.966  -6.805  -10.029 1.00 31.54 ? 153  GLY A OXT 1 
HETATM 1265 C  CHA . HEM B 2 .   ? -0.060  -1.669  -10.782 1.00 11.89 ? 1154 HEM A CHA 1 
HETATM 1266 C  CHB . HEM B 2 .   ? -1.891  -2.692  -6.409  1.00 12.25 ? 1154 HEM A CHB 1 
HETATM 1267 C  CHC . HEM B 2 .   ? 2.397   -1.749  -4.348  1.00 11.65 ? 1154 HEM A CHC 1 
HETATM 1268 C  CHD . HEM B 2 .   ? 4.249   -0.715  -8.700  1.00 11.38 ? 1154 HEM A CHD 1 
HETATM 1269 C  C1A . HEM B 2 .   ? -0.914  -2.036  -9.772  1.00 12.69 ? 1154 HEM A C1A 1 
HETATM 1270 C  C2A . HEM B 2 .   ? -2.290  -2.440  -9.957  1.00 11.86 ? 1154 HEM A C2A 1 
HETATM 1271 C  C3A . HEM B 2 .   ? -2.807  -2.720  -8.761  1.00 12.26 ? 1154 HEM A C3A 1 
HETATM 1272 C  C4A . HEM B 2 .   ? -1.768  -2.505  -7.769  1.00 12.34 ? 1154 HEM A C4A 1 
HETATM 1273 C  CMA . HEM B 2 .   ? -4.235  -3.181  -8.422  1.00 11.29 ? 1154 HEM A CMA 1 
HETATM 1274 C  CAA . HEM B 2 .   ? -2.988  -2.529  -11.329 1.00 11.66 ? 1154 HEM A CAA 1 
HETATM 1275 C  CBA . HEM B 2 .   ? -3.145  -4.020  -11.697 1.00 12.21 ? 1154 HEM A CBA 1 
HETATM 1276 C  CGA . HEM B 2 .   ? -1.824  -4.759  -11.798 1.00 15.67 ? 1154 HEM A CGA 1 
HETATM 1277 O  O1A . HEM B 2 .   ? -0.960  -4.352  -12.640 1.00 17.31 ? 1154 HEM A O1A 1 
HETATM 1278 O  O2A . HEM B 2 .   ? -1.674  -5.783  -11.054 1.00 15.67 ? 1154 HEM A O2A 1 
HETATM 1279 C  C1B . HEM B 2 .   ? -0.887  -2.526  -5.478  1.00 11.00 ? 1154 HEM A C1B 1 
HETATM 1280 C  C2B . HEM B 2 .   ? -1.051  -2.670  -4.050  1.00 12.30 ? 1154 HEM A C2B 1 
HETATM 1281 C  C3B . HEM B 2 .   ? 0.134   -2.410  -3.474  1.00 10.95 ? 1154 HEM A C3B 1 
HETATM 1282 C  C4B . HEM B 2 .   ? 1.076   -2.094  -4.522  1.00 12.35 ? 1154 HEM A C4B 1 
HETATM 1283 C  CMB . HEM B 2 .   ? -2.388  -3.060  -3.388  1.00 11.90 ? 1154 HEM A CMB 1 
HETATM 1284 C  CAB . HEM B 2 .   ? 0.491   -2.421  -1.985  1.00 11.24 ? 1154 HEM A CAB 1 
HETATM 1285 C  CBB . HEM B 2 .   ? -0.361  -1.914  -1.068  1.00 11.87 ? 1154 HEM A CBB 1 
HETATM 1286 C  C1C . HEM B 2 .   ? 3.263   -1.323  -5.345  1.00 9.74  ? 1154 HEM A C1C 1 
HETATM 1287 C  C2C . HEM B 2 .   ? 4.609   -0.800  -5.147  1.00 10.68 ? 1154 HEM A C2C 1 
HETATM 1288 C  C3C . HEM B 2 .   ? 5.132   -0.502  -6.357  1.00 11.42 ? 1154 HEM A C3C 1 
HETATM 1289 C  C4C . HEM B 2 .   ? 4.107   -0.848  -7.342  1.00 11.37 ? 1154 HEM A C4C 1 
HETATM 1290 C  CMC . HEM B 2 .   ? 5.286   -0.644  -3.768  1.00 12.20 ? 1154 HEM A CMC 1 
HETATM 1291 C  CAC . HEM B 2 .   ? 6.531   0.086   -6.709  1.00 12.83 ? 1154 HEM A CAC 1 
HETATM 1292 C  CBC . HEM B 2 .   ? 7.316   0.627   -5.781  1.00 13.86 ? 1154 HEM A CBC 1 
HETATM 1293 C  C1D . HEM B 2 .   ? 3.270   -0.863  -9.640  1.00 11.12 ? 1154 HEM A C1D 1 
HETATM 1294 C  C2D . HEM B 2 .   ? 3.435   -0.516  -11.031 1.00 11.79 ? 1154 HEM A C2D 1 
HETATM 1295 C  C3D . HEM B 2 .   ? 2.099   -0.812  -11.682 1.00 12.55 ? 1154 HEM A C3D 1 
HETATM 1296 C  C4D . HEM B 2 .   ? 1.250   -1.299  -10.620 1.00 11.41 ? 1154 HEM A C4D 1 
HETATM 1297 C  CMD . HEM B 2 .   ? 4.706   0.012   -11.731 1.00 14.35 ? 1154 HEM A CMD 1 
HETATM 1298 C  CAD . HEM B 2 .   ? 1.739   -0.574  -13.156 1.00 13.04 ? 1154 HEM A CAD 1 
HETATM 1299 C  CBD . HEM B 2 .   ? 1.404   0.925   -13.214 1.00 17.18 ? 1154 HEM A CBD 1 
HETATM 1300 C  CGD . HEM B 2 .   ? 0.998   1.374   -14.594 1.00 20.31 ? 1154 HEM A CGD 1 
HETATM 1301 O  O1D . HEM B 2 .   ? 1.899   1.662   -15.408 1.00 21.35 ? 1154 HEM A O1D 1 
HETATM 1302 O  O2D . HEM B 2 .   ? -0.224  1.464   -14.871 1.00 20.33 ? 1154 HEM A O2D 1 
HETATM 1303 N  NA  . HEM B 2 .   ? -0.622  -2.105  -8.428  1.00 12.16 ? 1154 HEM A NA  1 
HETATM 1304 N  NB  . HEM B 2 .   ? 0.432   -2.176  -5.740  1.00 12.64 ? 1154 HEM A NB  1 
HETATM 1305 N  NC  . HEM B 2 .   ? 2.999   -1.336  -6.701  1.00 11.18 ? 1154 HEM A NC  1 
HETATM 1306 N  ND  . HEM B 2 .   ? 1.968   -1.318  -9.422  1.00 11.41 ? 1154 HEM A ND  1 
HETATM 1307 FE FE  . HEM B 2 .   ? 1.199   -1.734  -7.585  1.00 12.79 ? 1154 HEM A FE  1 
HETATM 1308 O  O1  . PER C 3 .   ? 1.573   0.874   -7.276  1.00 20.70 ? 1155 PER A O1  1 
HETATM 1309 O  O2  . PER C 3 .   ? 0.678   -0.034  -7.322  1.00 15.89 ? 1155 PER A O2  1 
HETATM 1310 S  S   . SO4 D 4 .   ? 11.028  19.275  -4.518  1.00 23.96 ? 1156 SO4 A S   1 
HETATM 1311 O  O1  . SO4 D 4 .   ? 11.458  18.770  -5.822  1.00 27.23 ? 1156 SO4 A O1  1 
HETATM 1312 O  O2  . SO4 D 4 .   ? 10.808  20.719  -4.589  1.00 27.32 ? 1156 SO4 A O2  1 
HETATM 1313 O  O3  . SO4 D 4 .   ? 9.771   18.605  -4.157  1.00 26.16 ? 1156 SO4 A O3  1 
HETATM 1314 O  O4  . SO4 D 4 .   ? 12.036  18.944  -3.513  1.00 23.49 ? 1156 SO4 A O4  1 
HETATM 1315 S  S   . SO4 E 4 .   ? -2.703  -17.809 15.498  1.00 40.14 ? 1157 SO4 A S   1 
HETATM 1316 O  O1  . SO4 E 4 .   ? -3.408  -18.331 16.670  1.00 40.16 ? 1157 SO4 A O1  1 
HETATM 1317 O  O2  . SO4 E 4 .   ? -3.658  -17.092 14.652  1.00 39.83 ? 1157 SO4 A O2  1 
HETATM 1318 O  O3  . SO4 E 4 .   ? -2.118  -18.935 14.781  1.00 40.24 ? 1157 SO4 A O3  1 
HETATM 1319 O  O4  . SO4 E 4 .   ? -1.609  -16.912 15.891  1.00 39.67 ? 1157 SO4 A O4  1 
HETATM 1320 C  C1  . GOL F 5 .   ? 3.394   15.182  6.731   1.00 61.05 ? 1158 GOL A C1  1 
HETATM 1321 O  O1  . GOL F 5 .   ? 2.670   14.183  6.051   1.00 61.06 ? 1158 GOL A O1  1 
HETATM 1322 C  C2  . GOL F 5 .   ? 4.567   14.519  7.438   1.00 60.88 ? 1158 GOL A C2  1 
HETATM 1323 O  O2  . GOL F 5 .   ? 4.467   14.675  8.833   1.00 61.25 ? 1158 GOL A O2  1 
HETATM 1324 C  C3  . GOL F 5 .   ? 5.885   15.090  6.939   1.00 60.95 ? 1158 GOL A C3  1 
HETATM 1325 O  O3  . GOL F 5 .   ? 6.943   14.366  7.526   1.00 60.51 ? 1158 GOL A O3  1 
HETATM 1326 O  O1  . PEO G 6 .   ? -6.660  -14.028 10.723  1.00 32.09 ? 1159 PEO A O1  1 
HETATM 1327 O  O2  . PEO G 6 .   ? -5.404  -13.575 10.097  1.00 31.92 ? 1159 PEO A O2  1 
HETATM 1328 O  O1  . PEO H 6 .   ? 10.859  13.359  -8.609  1.00 44.72 ? 1160 PEO A O1  1 
HETATM 1329 O  O2  . PEO H 6 .   ? 11.597  12.966  -9.821  1.00 45.00 ? 1160 PEO A O2  1 
HETATM 1330 O  O1  . PEO I 6 .   ? 6.830   6.581   5.233   1.00 30.91 ? 1161 PEO A O1  1 
HETATM 1331 O  O2  . PEO I 6 .   ? 7.939   6.389   6.183   1.00 29.45 ? 1161 PEO A O2  1 
HETATM 1332 O  O1  . PEO J 6 .   ? -3.042  9.127   16.960  1.00 27.56 ? 1162 PEO A O1  1 
HETATM 1333 O  O2  . PEO J 6 .   ? -2.323  9.569   15.758  1.00 23.41 ? 1162 PEO A O2  1 
HETATM 1334 O  O1  . PEO K 6 .   ? -11.606 10.023  7.374   1.00 28.33 ? 1163 PEO A O1  1 
HETATM 1335 O  O2  . PEO K 6 .   ? -11.093 10.470  6.065   1.00 26.90 ? 1163 PEO A O2  1 
HETATM 1336 O  O   . HOH L 7 .   ? 1.260   -5.717  -4.408  1.00 36.22 ? 2001 HOH A O   1 
HETATM 1337 O  O   . HOH L 7 .   ? 9.540   17.076  3.653   1.00 43.53 ? 2002 HOH A O   1 
HETATM 1338 O  O   . HOH L 7 .   ? -0.512  -12.837 11.154  1.00 43.66 ? 2003 HOH A O   1 
HETATM 1339 O  O   . HOH L 7 .   ? -9.682  -14.168 13.819  1.00 43.36 ? 2004 HOH A O   1 
HETATM 1340 O  O   . HOH L 7 .   ? -15.583 -9.303  16.716  1.00 34.43 ? 2005 HOH A O   1 
HETATM 1341 O  O   . HOH L 7 .   ? -11.210 -6.872  21.658  1.00 39.36 ? 2006 HOH A O   1 
HETATM 1342 O  O   . HOH L 7 .   ? -7.389  -8.962  20.231  1.00 32.09 ? 2007 HOH A O   1 
HETATM 1343 O  O   . HOH L 7 .   ? -4.922  -14.319 16.895  1.00 43.99 ? 2008 HOH A O   1 
HETATM 1344 O  O   . HOH L 7 .   ? -8.763  -11.019 21.058  1.00 46.30 ? 2009 HOH A O   1 
HETATM 1345 O  O   . HOH L 7 .   ? -13.131 -8.268  20.530  1.00 43.95 ? 2010 HOH A O   1 
HETATM 1346 O  O   . HOH L 7 .   ? -13.625 -11.468 12.991  1.00 27.96 ? 2011 HOH A O   1 
HETATM 1347 O  O   . HOH L 7 .   ? -14.206 -9.268  14.289  1.00 25.41 ? 2012 HOH A O   1 
HETATM 1348 O  O   . HOH L 7 .   ? -10.409 -13.897 17.709  1.00 34.72 ? 2013 HOH A O   1 
HETATM 1349 O  O   . HOH L 7 .   ? -11.303 -13.343 12.043  1.00 38.08 ? 2014 HOH A O   1 
HETATM 1350 O  O   . HOH L 7 .   ? -10.755 -10.768 19.506  1.00 28.28 ? 2015 HOH A O   1 
HETATM 1351 O  O   . HOH L 7 .   ? -11.963 -4.139  18.099  1.00 27.76 ? 2016 HOH A O   1 
HETATM 1352 O  O   . HOH L 7 .   ? -4.807  -7.736  20.386  1.00 22.39 ? 2017 HOH A O   1 
HETATM 1353 O  O   . HOH L 7 .   ? -2.511  -5.898  17.245  1.00 16.01 ? 2018 HOH A O   1 
HETATM 1354 O  O   . HOH L 7 .   ? -14.813 6.126   -2.958  1.00 43.12 ? 2019 HOH A O   1 
HETATM 1355 O  O   . HOH L 7 .   ? -14.635 -2.790  12.066  1.00 17.39 ? 2020 HOH A O   1 
HETATM 1356 O  O   . HOH L 7 .   ? -14.225 -7.532  18.140  1.00 40.28 ? 2021 HOH A O   1 
HETATM 1357 O  O   . HOH L 7 .   ? -9.638  1.704   14.982  1.00 41.02 ? 2022 HOH A O   1 
HETATM 1358 O  O   . HOH L 7 .   ? 5.179   12.816  1.838   1.00 30.51 ? 2023 HOH A O   1 
HETATM 1359 O  O   . HOH L 7 .   ? -13.923 -0.998  6.346   1.00 21.68 ? 2024 HOH A O   1 
HETATM 1360 O  O   . HOH L 7 .   ? -14.622 4.168   10.474  1.00 26.96 ? 2025 HOH A O   1 
HETATM 1361 O  O   . HOH L 7 .   ? -16.167 5.735   5.316   1.00 20.89 ? 2026 HOH A O   1 
HETATM 1362 O  O   . HOH L 7 .   ? -13.485 8.056   -1.079  1.00 20.76 ? 2027 HOH A O   1 
HETATM 1363 O  O   . HOH L 7 .   ? -11.997 0.288   -0.049  1.00 27.73 ? 2028 HOH A O   1 
HETATM 1364 O  O   . HOH L 7 .   ? -15.972 0.337   5.480   1.00 31.77 ? 2029 HOH A O   1 
HETATM 1365 O  O   . HOH L 7 .   ? -1.649  20.951  -6.731  1.00 41.74 ? 2030 HOH A O   1 
HETATM 1366 O  O   . HOH L 7 .   ? 2.269   23.036  -9.522  1.00 41.66 ? 2031 HOH A O   1 
HETATM 1367 O  O   . HOH L 7 .   ? -10.136 7.380   -9.925  1.00 39.40 ? 2032 HOH A O   1 
HETATM 1368 O  O   . HOH L 7 .   ? -13.943 -1.316  -3.158  1.00 40.09 ? 2033 HOH A O   1 
HETATM 1369 O  O   . HOH L 7 .   ? -13.383 5.298   -5.394  1.00 40.32 ? 2034 HOH A O   1 
HETATM 1370 O  O   . HOH L 7 .   ? -1.603  13.831  -6.933  1.00 21.30 ? 2035 HOH A O   1 
HETATM 1371 O  O   . HOH L 7 .   ? -15.272 -9.630  1.040   1.00 40.87 ? 2036 HOH A O   1 
HETATM 1372 O  O   . HOH L 7 .   ? 2.583   12.426  1.522   1.00 27.05 ? 2037 HOH A O   1 
HETATM 1373 O  O   . HOH L 7 .   ? -4.670  14.385  -0.016  1.00 35.67 ? 2038 HOH A O   1 
HETATM 1374 O  O   . HOH L 7 .   ? -13.666 -14.250 8.099   1.00 41.21 ? 2039 HOH A O   1 
HETATM 1375 O  O   . HOH L 7 .   ? 8.746   7.030   2.414   1.00 29.86 ? 2040 HOH A O   1 
HETATM 1376 O  O   . HOH L 7 .   ? 6.510   13.156  4.184   1.00 51.45 ? 2041 HOH A O   1 
HETATM 1377 O  O   . HOH L 7 .   ? 11.284  11.779  -5.504  1.00 22.62 ? 2042 HOH A O   1 
HETATM 1378 O  O   . HOH L 7 .   ? 14.707  10.824  -0.137  1.00 27.94 ? 2043 HOH A O   1 
HETATM 1379 O  O   . HOH L 7 .   ? 9.118   11.631  2.488   1.00 50.98 ? 2044 HOH A O   1 
HETATM 1380 O  O   . HOH L 7 .   ? 13.705  1.074   -8.739  1.00 27.26 ? 2045 HOH A O   1 
HETATM 1381 O  O   . HOH L 7 .   ? 15.939  6.096   -1.347  1.00 18.31 ? 2046 HOH A O   1 
HETATM 1382 O  O   . HOH L 7 .   ? 15.309  3.787   -0.144  1.00 18.89 ? 2047 HOH A O   1 
HETATM 1383 O  O   . HOH L 7 .   ? 14.227  8.530   -15.047 1.00 39.82 ? 2048 HOH A O   1 
HETATM 1384 O  O   . HOH L 7 .   ? 16.454  5.826   -14.031 1.00 32.52 ? 2049 HOH A O   1 
HETATM 1385 O  O   . HOH L 7 .   ? 13.473  8.897   -9.163  1.00 18.88 ? 2050 HOH A O   1 
HETATM 1386 O  O   . HOH L 7 .   ? 12.516  -2.320  -13.434 1.00 47.87 ? 2051 HOH A O   1 
HETATM 1387 O  O   . HOH L 7 .   ? 14.503  -3.935  -8.631  1.00 35.43 ? 2052 HOH A O   1 
HETATM 1388 O  O   . HOH L 7 .   ? 6.283   1.321   -15.310 1.00 23.23 ? 2053 HOH A O   1 
HETATM 1389 O  O   . HOH L 7 .   ? -6.248  6.213   21.446  1.00 29.67 ? 2054 HOH A O   1 
HETATM 1390 O  O   . HOH L 7 .   ? -9.724  13.532  13.215  1.00 35.73 ? 2055 HOH A O   1 
HETATM 1391 O  O   . HOH L 7 .   ? 7.440   -0.444  -17.515 1.00 35.37 ? 2056 HOH A O   1 
HETATM 1392 O  O   . HOH L 7 .   ? -6.965  -4.557  18.263  1.00 30.55 ? 2057 HOH A O   1 
HETATM 1393 O  O   . HOH L 7 .   ? -3.421  6.127   -13.379 1.00 32.18 ? 2058 HOH A O   1 
HETATM 1394 O  O   . HOH L 7 .   ? 5.182   1.090   10.894  1.00 31.59 ? 2059 HOH A O   1 
HETATM 1395 O  O   . HOH L 7 .   ? 12.257  10.718  -12.505 1.00 30.34 ? 2060 HOH A O   1 
HETATM 1396 O  O   . HOH L 7 .   ? 6.372   9.983   -17.191 1.00 26.83 ? 2061 HOH A O   1 
HETATM 1397 O  O   . HOH L 7 .   ? 9.078   10.971  -18.341 1.00 34.51 ? 2062 HOH A O   1 
HETATM 1398 O  O   . HOH L 7 .   ? 13.844  12.395  -11.584 1.00 49.71 ? 2063 HOH A O   1 
HETATM 1399 O  O   . HOH L 7 .   ? 13.818  17.832  -10.545 1.00 37.43 ? 2064 HOH A O   1 
HETATM 1400 O  O   . HOH L 7 .   ? 7.336   22.356  -9.601  1.00 19.63 ? 2065 HOH A O   1 
HETATM 1401 O  O   . HOH L 7 .   ? 7.701   21.109  -5.166  1.00 22.62 ? 2066 HOH A O   1 
HETATM 1402 O  O   . HOH L 7 .   ? 0.922   21.337  -7.030  1.00 23.19 ? 2067 HOH A O   1 
HETATM 1403 O  O   . HOH L 7 .   ? 1.655   17.114  -12.685 1.00 28.98 ? 2068 HOH A O   1 
HETATM 1404 O  O   . HOH L 7 .   ? -4.380  19.271  -11.070 1.00 35.73 ? 2069 HOH A O   1 
HETATM 1405 O  O   . HOH L 7 .   ? -4.434  6.481   -16.154 1.00 32.67 ? 2070 HOH A O   1 
HETATM 1406 O  O   . HOH L 7 .   ? 0.714   9.415   -15.501 1.00 23.36 ? 2071 HOH A O   1 
HETATM 1407 O  O   . HOH L 7 .   ? -5.777  10.233  -15.461 1.00 21.35 ? 2072 HOH A O   1 
HETATM 1408 O  O   . HOH L 7 .   ? -7.898  8.969   -16.698 1.00 28.93 ? 2073 HOH A O   1 
HETATM 1409 O  O   . HOH L 7 .   ? -3.399  3.160   -12.688 1.00 29.66 ? 2074 HOH A O   1 
HETATM 1410 O  O   . HOH L 7 .   ? -9.532  8.981   -8.074  1.00 38.28 ? 2075 HOH A O   1 
HETATM 1411 O  O   . HOH L 7 .   ? -10.899 -4.543  -4.158  1.00 13.61 ? 2076 HOH A O   1 
HETATM 1412 O  O   . HOH L 7 .   ? -12.122 -1.736  -1.469  1.00 29.90 ? 2077 HOH A O   1 
HETATM 1413 O  O   . HOH L 7 .   ? -12.812 2.617   -4.902  1.00 30.81 ? 2078 HOH A O   1 
HETATM 1414 O  O   . HOH L 7 .   ? -13.414 -7.983  -0.145  1.00 30.48 ? 2079 HOH A O   1 
HETATM 1415 O  O   . HOH L 7 .   ? -15.015 -10.867 3.390   1.00 36.68 ? 2080 HOH A O   1 
HETATM 1416 O  O   . HOH L 7 .   ? -13.258 -13.666 4.625   1.00 35.04 ? 2081 HOH A O   1 
HETATM 1417 O  O   . HOH L 7 .   ? -10.684 -14.212 9.369   1.00 29.74 ? 2082 HOH A O   1 
HETATM 1418 O  O   . HOH L 7 .   ? -7.408  -15.656 7.756   1.00 42.29 ? 2083 HOH A O   1 
HETATM 1419 O  O   . HOH L 7 .   ? -15.295 -13.964 10.210  1.00 31.13 ? 2084 HOH A O   1 
HETATM 1420 O  O   . HOH L 7 .   ? -3.687  -15.358 5.566   1.00 30.75 ? 2085 HOH A O   1 
HETATM 1421 O  O   . HOH L 7 .   ? -6.601  -9.854  4.361   1.00 14.79 ? 2086 HOH A O   1 
HETATM 1422 O  O   . HOH L 7 .   ? -4.968  -19.740 -5.824  1.00 36.81 ? 2087 HOH A O   1 
HETATM 1423 O  O   . HOH L 7 .   ? -2.123  -16.247 0.156   1.00 29.23 ? 2088 HOH A O   1 
HETATM 1424 O  O   . HOH L 7 .   ? -7.017  -15.610 -8.251  1.00 15.77 ? 2089 HOH A O   1 
HETATM 1425 O  O   . HOH L 7 .   ? -6.246  -8.984  -7.312  1.00 18.38 ? 2090 HOH A O   1 
HETATM 1426 O  O   . HOH L 7 .   ? -12.164 -14.505 -4.551  1.00 43.14 ? 2091 HOH A O   1 
HETATM 1427 O  O   . HOH L 7 .   ? -4.104  -18.982 -10.287 1.00 34.60 ? 2092 HOH A O   1 
HETATM 1428 O  O   . HOH L 7 .   ? -1.315  -11.576 -12.266 1.00 21.54 ? 2093 HOH A O   1 
HETATM 1429 O  O   . HOH L 7 .   ? -1.508  -14.648 -11.540 1.00 29.21 ? 2094 HOH A O   1 
HETATM 1430 O  O   . HOH L 7 .   ? 10.966  13.347  7.126   1.00 47.07 ? 2095 HOH A O   1 
HETATM 1431 O  O   . HOH L 7 .   ? 10.054  -10.814 -12.916 1.00 41.33 ? 2096 HOH A O   1 
HETATM 1432 O  O   . HOH L 7 .   ? 7.731   -11.825 -17.293 1.00 27.33 ? 2097 HOH A O   1 
HETATM 1433 O  O   . HOH L 7 .   ? 5.348   -2.266  -15.194 1.00 25.31 ? 2098 HOH A O   1 
HETATM 1434 O  O   . HOH L 7 .   ? 8.098   -1.542  -13.428 1.00 27.69 ? 2099 HOH A O   1 
HETATM 1435 O  O   . HOH L 7 .   ? 13.742  -3.873  6.985   1.00 20.70 ? 2100 HOH A O   1 
HETATM 1436 O  O   . HOH L 7 .   ? 7.611   4.919   2.692   1.00 36.10 ? 2101 HOH A O   1 
HETATM 1437 O  O   . HOH L 7 .   ? 7.897   0.116   11.176  1.00 37.93 ? 2102 HOH A O   1 
HETATM 1438 O  O   . HOH L 7 .   ? 10.222  1.765   4.991   1.00 25.11 ? 2103 HOH A O   1 
HETATM 1439 O  O   . HOH L 7 .   ? 5.793   4.751   9.210   1.00 23.62 ? 2104 HOH A O   1 
HETATM 1440 O  O   . HOH L 7 .   ? 4.466   -0.738  8.802   1.00 37.07 ? 2105 HOH A O   1 
HETATM 1441 O  O   . HOH L 7 .   ? 2.787   11.115  10.765  1.00 51.13 ? 2106 HOH A O   1 
HETATM 1442 O  O   . HOH L 7 .   ? -1.516  14.691  5.759   1.00 29.09 ? 2107 HOH A O   1 
HETATM 1443 O  O   . HOH L 7 .   ? -6.047  15.801  5.663   1.00 42.17 ? 2108 HOH A O   1 
HETATM 1444 O  O   . HOH L 7 .   ? -6.873  14.868  1.173   1.00 38.74 ? 2109 HOH A O   1 
HETATM 1445 O  O   . HOH L 7 .   ? -6.084  16.189  9.642   1.00 30.44 ? 2110 HOH A O   1 
HETATM 1446 O  O   . HOH L 7 .   ? -7.549  14.440  7.228   1.00 30.09 ? 2111 HOH A O   1 
HETATM 1447 O  O   . HOH L 7 .   ? -9.199  13.120  10.137  1.00 29.69 ? 2112 HOH A O   1 
HETATM 1448 O  O   . HOH L 7 .   ? -7.423  14.372  14.074  1.00 25.18 ? 2113 HOH A O   1 
HETATM 1449 O  O   . HOH L 7 .   ? -6.987  7.910   19.595  1.00 29.47 ? 2114 HOH A O   1 
HETATM 1450 O  O   . HOH L 7 .   ? -10.585 10.274  11.348  1.00 38.54 ? 2115 HOH A O   1 
HETATM 1451 O  O   . HOH L 7 .   ? -8.314  4.433   14.562  1.00 36.82 ? 2116 HOH A O   1 
HETATM 1452 O  O   . HOH L 7 .   ? -9.224  6.913   17.999  1.00 29.00 ? 2117 HOH A O   1 
HETATM 1453 O  O   . HOH L 7 .   ? -1.181  5.560   18.479  1.00 17.15 ? 2118 HOH A O   1 
HETATM 1454 O  O   . HOH L 7 .   ? -7.839  4.745   17.122  1.00 28.62 ? 2119 HOH A O   1 
HETATM 1455 O  O   . HOH L 7 .   ? -4.486  2.096   22.153  1.00 31.45 ? 2120 HOH A O   1 
HETATM 1456 O  O   . HOH L 7 .   ? -8.549  2.609   18.546  1.00 37.53 ? 2121 HOH A O   1 
HETATM 1457 O  O   . HOH L 7 .   ? -4.181  -4.101  18.621  1.00 25.43 ? 2122 HOH A O   1 
HETATM 1458 O  O   . HOH L 7 .   ? 0.896   3.723   18.295  1.00 18.37 ? 2123 HOH A O   1 
HETATM 1459 O  O   . HOH L 7 .   ? 1.454   -5.110  15.481  1.00 15.30 ? 2124 HOH A O   1 
HETATM 1460 O  O   . HOH L 7 .   ? 3.812   -0.019  13.043  1.00 18.34 ? 2125 HOH A O   1 
HETATM 1461 O  O   . HOH L 7 .   ? -3.729  -12.128 17.619  1.00 35.93 ? 2126 HOH A O   1 
HETATM 1462 O  O   . HOH L 7 .   ? 0.686   -10.434 10.918  1.00 23.89 ? 2127 HOH A O   1 
HETATM 1463 O  O   . HOH L 7 .   ? -3.904  -9.140  5.144   1.00 23.66 ? 2128 HOH A O   1 
HETATM 1464 O  O   . HOH L 7 .   ? 3.473   -6.755  14.428  1.00 22.27 ? 2129 HOH A O   1 
HETATM 1465 O  O   . HOH L 7 .   ? 2.528   -9.766  12.395  1.00 36.83 ? 2130 HOH A O   1 
HETATM 1466 O  O   . HOH L 7 .   ? 6.081   -3.954  9.563   1.00 21.71 ? 2131 HOH A O   1 
HETATM 1467 O  O   . HOH L 7 .   ? 3.632   -3.349  8.182   1.00 29.01 ? 2132 HOH A O   1 
HETATM 1468 O  O   . HOH L 7 .   ? 5.157   -17.082 7.979   1.00 43.28 ? 2133 HOH A O   1 
HETATM 1469 O  O   . HOH L 7 .   ? 8.095   -15.545 5.640   1.00 33.13 ? 2134 HOH A O   1 
HETATM 1470 O  O   . HOH L 7 .   ? 6.525   -15.856 3.555   1.00 28.24 ? 2135 HOH A O   1 
HETATM 1471 O  O   . HOH L 7 .   ? 0.974   -16.747 -0.005  1.00 24.54 ? 2136 HOH A O   1 
HETATM 1472 O  O   . HOH L 7 .   ? -0.845  -16.702 6.070   1.00 38.65 ? 2137 HOH A O   1 
HETATM 1473 O  O   . HOH L 7 .   ? -3.249  -16.839 2.235   1.00 34.29 ? 2138 HOH A O   1 
HETATM 1474 O  O   . HOH L 7 .   ? 1.493   -17.714 2.745   1.00 25.47 ? 2139 HOH A O   1 
HETATM 1475 O  O   . HOH L 7 .   ? 10.295  -14.010 -0.586  1.00 26.22 ? 2140 HOH A O   1 
HETATM 1476 O  O   . HOH L 7 .   ? 1.524   -19.423 -1.125  1.00 37.29 ? 2141 HOH A O   1 
HETATM 1477 O  O   . HOH L 7 .   ? 8.808   -22.252 2.011   1.00 39.90 ? 2142 HOH A O   1 
HETATM 1478 O  O   . HOH L 7 .   ? 0.550   -22.088 -3.154  1.00 41.37 ? 2143 HOH A O   1 
HETATM 1479 O  O   . HOH L 7 .   ? 0.536   -19.865 -5.996  1.00 39.09 ? 2144 HOH A O   1 
HETATM 1480 O  O   . HOH L 7 .   ? 2.839   -23.120 -8.196  1.00 24.81 ? 2145 HOH A O   1 
HETATM 1481 O  O   . HOH L 7 .   ? 3.639   -17.291 -6.993  1.00 25.50 ? 2146 HOH A O   1 
HETATM 1482 O  O   . HOH L 7 .   ? 16.126  -14.447 -9.266  1.00 27.61 ? 2147 HOH A O   1 
HETATM 1483 O  O   . HOH L 7 .   ? 11.839  -13.935 -2.730  1.00 34.19 ? 2148 HOH A O   1 
HETATM 1484 O  O   . HOH L 7 .   ? 12.990  -15.822 -4.257  1.00 30.00 ? 2149 HOH A O   1 
HETATM 1485 O  O   . HOH L 7 .   ? 11.972  -9.249  -3.356  1.00 22.20 ? 2150 HOH A O   1 
HETATM 1486 O  O   . HOH L 7 .   ? 14.710  -11.741 -9.531  1.00 29.81 ? 2151 HOH A O   1 
HETATM 1487 O  O   . HOH L 7 .   ? -2.201  -3.313  -14.943 1.00 32.86 ? 2152 HOH A O   1 
HETATM 1488 O  O   . HOH L 7 .   ? -2.503  0.711   -13.372 1.00 32.82 ? 2153 HOH A O   1 
HETATM 1489 O  O   . HOH L 7 .   ? 3.353   -0.590  -16.363 1.00 31.60 ? 2154 HOH A O   1 
HETATM 1490 O  O   . HOH L 7 .   ? -0.532  -6.481  -14.697 1.00 27.09 ? 2155 HOH A O   1 
HETATM 1491 O  O   . HOH L 7 .   ? 3.992   3.265   -15.107 1.00 26.10 ? 2156 HOH A O   1 
HETATM 1492 O  O   . HOH L 7 .   ? 14.085  16.515  -4.479  1.00 37.22 ? 2157 HOH A O   1 
HETATM 1493 O  O   . HOH L 7 .   ? 8.448   20.237  -2.206  1.00 25.66 ? 2158 HOH A O   1 
HETATM 1494 O  O   . HOH L 7 .   ? 13.344  19.733  -7.383  1.00 20.71 ? 2159 HOH A O   1 
HETATM 1495 O  O   . HOH L 7 .   ? -1.062  -14.926 17.533  1.00 47.10 ? 2160 HOH A O   1 
HETATM 1496 O  O   . HOH L 7 .   ? -6.102  -16.018 14.678  1.00 44.49 ? 2161 HOH A O   1 
HETATM 1497 O  O   . HOH L 7 .   ? -2.865  -21.215 13.990  1.00 26.74 ? 2162 HOH A O   1 
HETATM 1498 O  O   . HOH L 7 .   ? 2.376   13.700  10.653  1.00 30.62 ? 2163 HOH A O   1 
HETATM 1499 O  O   . HOH L 7 .   ? 8.309   17.001  6.391   1.00 38.45 ? 2164 HOH A O   1 
HETATM 1500 O  O   . HOH L 7 .   ? 1.583   12.496  4.362   1.00 39.85 ? 2165 HOH A O   1 
HETATM 1501 O  O   . HOH L 7 .   ? 8.598   12.456  8.160   1.00 27.40 ? 2166 HOH A O   1 
HETATM 1502 O  O   . HOH L 7 .   ? -4.561  -15.290 8.129   1.00 37.48 ? 2167 HOH A O   1 
HETATM 1503 O  O   . HOH L 7 .   ? 12.429  11.125  -8.021  1.00 29.87 ? 2168 HOH A O   1 
HETATM 1504 O  O   . HOH L 7 .   ? 10.354  7.604   4.670   1.00 43.30 ? 2169 HOH A O   1 
HETATM 1505 O  O   . HOH L 7 .   ? -1.268  8.262   18.468  1.00 14.72 ? 2170 HOH A O   1 
HETATM 1506 O  O   . HOH L 7 .   ? -9.618  12.551  4.724   1.00 45.92 ? 2171 HOH A O   1 
HETATM 1507 O  O   . HOH L 7 .   ? -10.791 13.173  7.945   1.00 33.69 ? 2172 HOH A O   1 
HETATM 1508 O  O   . HOH L 7 .   ? -13.294 12.103  6.670   1.00 35.55 ? 2173 HOH A O   1 
# 
loop_
_pdbx_poly_seq_scheme.asym_id 
_pdbx_poly_seq_scheme.entity_id 
_pdbx_poly_seq_scheme.seq_id 
_pdbx_poly_seq_scheme.mon_id 
_pdbx_poly_seq_scheme.ndb_seq_num 
_pdbx_poly_seq_scheme.pdb_seq_num 
_pdbx_poly_seq_scheme.auth_seq_num 
_pdbx_poly_seq_scheme.pdb_mon_id 
_pdbx_poly_seq_scheme.auth_mon_id 
_pdbx_poly_seq_scheme.pdb_strand_id 
_pdbx_poly_seq_scheme.pdb_ins_code 
_pdbx_poly_seq_scheme.hetero 
A 1 1   GLY 1   1   1   GLY GLY A . n 
A 1 2   LEU 2   2   2   LEU LEU A . n 
A 1 3   SER 3   3   3   SER SER A . n 
A 1 4   ASP 4   4   4   ASP ASP A . n 
A 1 5   GLY 5   5   5   GLY GLY A . n 
A 1 6   GLU 6   6   6   GLU GLU A . n 
A 1 7   TRP 7   7   7   TRP TRP A . n 
A 1 8   GLN 8   8   8   GLN GLN A . n 
A 1 9   GLN 9   9   9   GLN GLN A . n 
A 1 10  VAL 10  10  10  VAL VAL A . n 
A 1 11  LEU 11  11  11  LEU LEU A . n 
A 1 12  ASN 12  12  12  ASN ASN A . n 
A 1 13  VAL 13  13  13  VAL VAL A . n 
A 1 14  TRP 14  14  14  TRP TRP A . n 
A 1 15  GLY 15  15  15  GLY GLY A . n 
A 1 16  LYS 16  16  16  LYS LYS A . n 
A 1 17  VAL 17  17  17  VAL VAL A . n 
A 1 18  GLU 18  18  18  GLU GLU A . n 
A 1 19  ALA 19  19  19  ALA ALA A . n 
A 1 20  ASP 20  20  20  ASP ASP A . n 
A 1 21  ILE 21  21  21  ILE ILE A . n 
A 1 22  ALA 22  22  22  ALA ALA A . n 
A 1 23  GLY 23  23  23  GLY GLY A . n 
A 1 24  HIS 24  24  24  HIS HIS A . n 
A 1 25  GLY 25  25  25  GLY GLY A . n 
A 1 26  GLN 26  26  26  GLN GLN A . n 
A 1 27  GLU 27  27  27  GLU GLU A . n 
A 1 28  VAL 28  28  28  VAL VAL A . n 
A 1 29  LEU 29  29  29  LEU LEU A . n 
A 1 30  ILE 30  30  30  ILE ILE A . n 
A 1 31  ARG 31  31  31  ARG ARG A . n 
A 1 32  LEU 32  32  32  LEU LEU A . n 
A 1 33  PHE 33  33  33  PHE PHE A . n 
A 1 34  THR 34  34  34  THR THR A . n 
A 1 35  GLY 35  35  35  GLY GLY A . n 
A 1 36  HIS 36  36  36  HIS HIS A . n 
A 1 37  PRO 37  37  37  PRO PRO A . n 
A 1 38  GLU 38  38  38  GLU GLU A . n 
A 1 39  THR 39  39  39  THR THR A . n 
A 1 40  LEU 40  40  40  LEU LEU A . n 
A 1 41  GLU 41  41  41  GLU GLU A . n 
A 1 42  LYS 42  42  42  LYS LYS A . n 
A 1 43  PHE 43  43  43  PHE PHE A . n 
A 1 44  ASP 44  44  44  ASP ASP A . n 
A 1 45  LYS 45  45  45  LYS LYS A . n 
A 1 46  PHE 46  46  46  PHE PHE A . n 
A 1 47  LYS 47  47  47  LYS LYS A . n 
A 1 48  HIS 48  48  48  HIS HIS A . n 
A 1 49  LEU 49  49  49  LEU LEU A . n 
A 1 50  LYS 50  50  50  LYS LYS A . n 
A 1 51  THR 51  51  51  THR THR A . n 
A 1 52  GLU 52  52  52  GLU GLU A . n 
A 1 53  ALA 53  53  53  ALA ALA A . n 
A 1 54  GLU 54  54  54  GLU GLU A . n 
A 1 55  MET 55  55  55  MET MET A . n 
A 1 56  LYS 56  56  56  LYS LYS A . n 
A 1 57  ALA 57  57  57  ALA ALA A . n 
A 1 58  SER 58  58  58  SER SER A . n 
A 1 59  GLU 59  59  59  GLU GLU A . n 
A 1 60  ASP 60  60  60  ASP ASP A . n 
A 1 61  LEU 61  61  61  LEU LEU A . n 
A 1 62  LYS 62  62  62  LYS LYS A . n 
A 1 63  LYS 63  63  63  LYS LYS A . n 
A 1 64  HIS 64  64  64  HIS HIS A . n 
A 1 65  GLY 65  65  65  GLY GLY A . n 
A 1 66  THR 66  66  66  THR THR A . n 
A 1 67  VAL 67  67  67  VAL VAL A . n 
A 1 68  VAL 68  68  68  VAL VAL A . n 
A 1 69  LEU 69  69  69  LEU LEU A . n 
A 1 70  THR 70  70  70  THR THR A . n 
A 1 71  ALA 71  71  71  ALA ALA A . n 
A 1 72  LEU 72  72  72  LEU LEU A . n 
A 1 73  GLY 73  73  73  GLY GLY A . n 
A 1 74  GLY 74  74  74  GLY GLY A . n 
A 1 75  ILE 75  75  75  ILE ILE A . n 
A 1 76  LEU 76  76  76  LEU LEU A . n 
A 1 77  LYS 77  77  77  LYS LYS A . n 
A 1 78  LYS 78  78  78  LYS LYS A . n 
A 1 79  LYS 79  79  79  LYS LYS A . n 
A 1 80  GLY 80  80  80  GLY GLY A . n 
A 1 81  HIS 81  81  81  HIS HIS A . n 
A 1 82  HIS 82  82  82  HIS HIS A . n 
A 1 83  GLU 83  83  83  GLU GLU A . n 
A 1 84  ALA 84  84  84  ALA ALA A . n 
A 1 85  GLU 85  85  85  GLU GLU A . n 
A 1 86  LEU 86  86  86  LEU LEU A . n 
A 1 87  LYS 87  87  87  LYS LYS A . n 
A 1 88  PRO 88  88  88  PRO PRO A . n 
A 1 89  LEU 89  89  89  LEU LEU A . n 
A 1 90  ALA 90  90  90  ALA ALA A . n 
A 1 91  GLN 91  91  91  GLN GLN A . n 
A 1 92  SER 92  92  92  SER SER A . n 
A 1 93  HIS 93  93  93  HIS HIS A . n 
A 1 94  ALA 94  94  94  ALA ALA A . n 
A 1 95  THR 95  95  95  THR THR A . n 
A 1 96  LYS 96  96  96  LYS LYS A . n 
A 1 97  HIS 97  97  97  HIS HIS A . n 
A 1 98  LYS 98  98  98  LYS LYS A . n 
A 1 99  ILE 99  99  99  ILE ILE A . n 
A 1 100 PRO 100 100 100 PRO PRO A . n 
A 1 101 ILE 101 101 101 ILE ILE A . n 
A 1 102 LYS 102 102 102 LYS LYS A . n 
A 1 103 TYR 103 103 103 TYR TYR A . n 
A 1 104 LEU 104 104 104 LEU LEU A . n 
A 1 105 GLU 105 105 105 GLU GLU A . n 
A 1 106 PHE 106 106 106 PHE PHE A . n 
A 1 107 ILE 107 107 107 ILE ILE A . n 
A 1 108 SER 108 108 108 SER SER A . n 
A 1 109 ASP 109 109 109 ASP ASP A . n 
A 1 110 ALA 110 110 110 ALA ALA A . n 
A 1 111 ILE 111 111 111 ILE ILE A . n 
A 1 112 ILE 112 112 112 ILE ILE A . n 
A 1 113 HIS 113 113 113 HIS HIS A . n 
A 1 114 VAL 114 114 114 VAL VAL A . n 
A 1 115 LEU 115 115 115 LEU LEU A . n 
A 1 116 HIS 116 116 116 HIS HIS A . n 
A 1 117 SER 117 117 117 SER SER A . n 
A 1 118 LYS 118 118 118 LYS LYS A . n 
A 1 119 HIS 119 119 119 HIS HIS A . n 
A 1 120 PRO 120 120 120 PRO PRO A . n 
A 1 121 GLY 121 121 121 GLY GLY A . n 
A 1 122 ASP 122 122 122 ASP ASP A . n 
A 1 123 PHE 123 123 123 PHE PHE A . n 
A 1 124 GLY 124 124 124 GLY GLY A . n 
A 1 125 ALA 125 125 125 ALA ALA A . n 
A 1 126 ASP 126 126 126 ASP ASP A . n 
A 1 127 ALA 127 127 127 ALA ALA A . n 
A 1 128 GLN 128 128 128 GLN GLN A . n 
A 1 129 GLY 129 129 129 GLY GLY A . n 
A 1 130 ALA 130 130 130 ALA ALA A . n 
A 1 131 MET 131 131 131 MET MET A . n 
A 1 132 THR 132 132 132 THR THR A . n 
A 1 133 LYS 133 133 133 LYS LYS A . n 
A 1 134 ALA 134 134 134 ALA ALA A . n 
A 1 135 LEU 135 135 135 LEU LEU A . n 
A 1 136 GLU 136 136 136 GLU GLU A . n 
A 1 137 LEU 137 137 137 LEU LEU A . n 
A 1 138 PHE 138 138 138 PHE PHE A . n 
A 1 139 ARG 139 139 139 ARG ARG A . n 
A 1 140 ASN 140 140 140 ASN ASN A . n 
A 1 141 ASP 141 141 141 ASP ASP A . n 
A 1 142 ILE 142 142 142 ILE ILE A . n 
A 1 143 ALA 143 143 143 ALA ALA A . n 
A 1 144 ALA 144 144 144 ALA ALA A . n 
A 1 145 LYS 145 145 145 LYS LYS A . n 
A 1 146 TYR 146 146 146 TYR TYR A . n 
A 1 147 LYS 147 147 147 LYS LYS A . n 
A 1 148 GLU 148 148 148 GLU GLU A . n 
A 1 149 LEU 149 149 149 LEU LEU A . n 
A 1 150 GLY 150 150 150 GLY GLY A . n 
A 1 151 PHE 151 151 151 PHE PHE A . n 
A 1 152 GLN 152 152 152 GLN GLN A . n 
A 1 153 GLY 153 153 153 GLY GLY A . n 
# 
loop_
_pdbx_nonpoly_scheme.asym_id 
_pdbx_nonpoly_scheme.entity_id 
_pdbx_nonpoly_scheme.mon_id 
_pdbx_nonpoly_scheme.ndb_seq_num 
_pdbx_nonpoly_scheme.pdb_seq_num 
_pdbx_nonpoly_scheme.auth_seq_num 
_pdbx_nonpoly_scheme.pdb_mon_id 
_pdbx_nonpoly_scheme.auth_mon_id 
_pdbx_nonpoly_scheme.pdb_strand_id 
_pdbx_nonpoly_scheme.pdb_ins_code 
B 2 HEM 1   1154 1154 HEM HEM A . 
C 3 PER 1   1155 1155 PER PER A . 
D 4 SO4 1   1156 1156 SO4 SO4 A . 
E 4 SO4 1   1157 1157 SO4 SO4 A . 
F 5 GOL 1   1158 1158 GOL GOL A . 
G 6 PEO 1   1159 1159 PEO PEO A . 
H 6 PEO 1   1160 1160 PEO PEO A . 
I 6 PEO 1   1161 1161 PEO PEO A . 
J 6 PEO 1   1162 1162 PEO PEO A . 
K 6 PEO 1   1163 1163 PEO PEO A . 
L 7 HOH 1   2001 2001 HOH HOH A . 
L 7 HOH 2   2002 2002 HOH HOH A . 
L 7 HOH 3   2003 2003 HOH HOH A . 
L 7 HOH 4   2004 2004 HOH HOH A . 
L 7 HOH 5   2005 2005 HOH HOH A . 
L 7 HOH 6   2006 2006 HOH HOH A . 
L 7 HOH 7   2007 2007 HOH HOH A . 
L 7 HOH 8   2008 2008 HOH HOH A . 
L 7 HOH 9   2009 2009 HOH HOH A . 
L 7 HOH 10  2010 2010 HOH HOH A . 
L 7 HOH 11  2011 2011 HOH HOH A . 
L 7 HOH 12  2012 2012 HOH HOH A . 
L 7 HOH 13  2013 2013 HOH HOH A . 
L 7 HOH 14  2014 2014 HOH HOH A . 
L 7 HOH 15  2015 2015 HOH HOH A . 
L 7 HOH 16  2016 2016 HOH HOH A . 
L 7 HOH 17  2017 2017 HOH HOH A . 
L 7 HOH 18  2018 2018 HOH HOH A . 
L 7 HOH 19  2019 2019 HOH HOH A . 
L 7 HOH 20  2020 2020 HOH HOH A . 
L 7 HOH 21  2021 2021 HOH HOH A . 
L 7 HOH 22  2022 2022 HOH HOH A . 
L 7 HOH 23  2023 2023 HOH HOH A . 
L 7 HOH 24  2024 2024 HOH HOH A . 
L 7 HOH 25  2025 2025 HOH HOH A . 
L 7 HOH 26  2026 2026 HOH HOH A . 
L 7 HOH 27  2027 2027 HOH HOH A . 
L 7 HOH 28  2028 2028 HOH HOH A . 
L 7 HOH 29  2029 2029 HOH HOH A . 
L 7 HOH 30  2030 2030 HOH HOH A . 
L 7 HOH 31  2031 2031 HOH HOH A . 
L 7 HOH 32  2032 2032 HOH HOH A . 
L 7 HOH 33  2033 2033 HOH HOH A . 
L 7 HOH 34  2034 2034 HOH HOH A . 
L 7 HOH 35  2035 2035 HOH HOH A . 
L 7 HOH 36  2036 2036 HOH HOH A . 
L 7 HOH 37  2037 2037 HOH HOH A . 
L 7 HOH 38  2038 2038 HOH HOH A . 
L 7 HOH 39  2039 2039 HOH HOH A . 
L 7 HOH 40  2040 2040 HOH HOH A . 
L 7 HOH 41  2041 2041 HOH HOH A . 
L 7 HOH 42  2042 2042 HOH HOH A . 
L 7 HOH 43  2043 2043 HOH HOH A . 
L 7 HOH 44  2044 2044 HOH HOH A . 
L 7 HOH 45  2045 2045 HOH HOH A . 
L 7 HOH 46  2046 2046 HOH HOH A . 
L 7 HOH 47  2047 2047 HOH HOH A . 
L 7 HOH 48  2048 2048 HOH HOH A . 
L 7 HOH 49  2049 2049 HOH HOH A . 
L 7 HOH 50  2050 2050 HOH HOH A . 
L 7 HOH 51  2051 2051 HOH HOH A . 
L 7 HOH 52  2052 2052 HOH HOH A . 
L 7 HOH 53  2053 2053 HOH HOH A . 
L 7 HOH 54  2054 2054 HOH HOH A . 
L 7 HOH 55  2055 2055 HOH HOH A . 
L 7 HOH 56  2056 2056 HOH HOH A . 
L 7 HOH 57  2057 2057 HOH HOH A . 
L 7 HOH 58  2058 2058 HOH HOH A . 
L 7 HOH 59  2059 2059 HOH HOH A . 
L 7 HOH 60  2060 2060 HOH HOH A . 
L 7 HOH 61  2061 2061 HOH HOH A . 
L 7 HOH 62  2062 2062 HOH HOH A . 
L 7 HOH 63  2063 2063 HOH HOH A . 
L 7 HOH 64  2064 2064 HOH HOH A . 
L 7 HOH 65  2065 2065 HOH HOH A . 
L 7 HOH 66  2066 2066 HOH HOH A . 
L 7 HOH 67  2067 2067 HOH HOH A . 
L 7 HOH 68  2068 2068 HOH HOH A . 
L 7 HOH 69  2069 2069 HOH HOH A . 
L 7 HOH 70  2070 2070 HOH HOH A . 
L 7 HOH 71  2071 2071 HOH HOH A . 
L 7 HOH 72  2072 2072 HOH HOH A . 
L 7 HOH 73  2073 2073 HOH HOH A . 
L 7 HOH 74  2074 2074 HOH HOH A . 
L 7 HOH 75  2075 2075 HOH HOH A . 
L 7 HOH 76  2076 2076 HOH HOH A . 
L 7 HOH 77  2077 2077 HOH HOH A . 
L 7 HOH 78  2078 2078 HOH HOH A . 
L 7 HOH 79  2079 2079 HOH HOH A . 
L 7 HOH 80  2080 2080 HOH HOH A . 
L 7 HOH 81  2081 2081 HOH HOH A . 
L 7 HOH 82  2082 2082 HOH HOH A . 
L 7 HOH 83  2083 2083 HOH HOH A . 
L 7 HOH 84  2084 2084 HOH HOH A . 
L 7 HOH 85  2085 2085 HOH HOH A . 
L 7 HOH 86  2086 2086 HOH HOH A . 
L 7 HOH 87  2087 2087 HOH HOH A . 
L 7 HOH 88  2088 2088 HOH HOH A . 
L 7 HOH 89  2089 2089 HOH HOH A . 
L 7 HOH 90  2090 2090 HOH HOH A . 
L 7 HOH 91  2091 2091 HOH HOH A . 
L 7 HOH 92  2092 2092 HOH HOH A . 
L 7 HOH 93  2093 2093 HOH HOH A . 
L 7 HOH 94  2094 2094 HOH HOH A . 
L 7 HOH 95  2095 2095 HOH HOH A . 
L 7 HOH 96  2096 2096 HOH HOH A . 
L 7 HOH 97  2097 2097 HOH HOH A . 
L 7 HOH 98  2098 2098 HOH HOH A . 
L 7 HOH 99  2099 2099 HOH HOH A . 
L 7 HOH 100 2100 2100 HOH HOH A . 
L 7 HOH 101 2101 2101 HOH HOH A . 
L 7 HOH 102 2102 2102 HOH HOH A . 
L 7 HOH 103 2103 2103 HOH HOH A . 
L 7 HOH 104 2104 2104 HOH HOH A . 
L 7 HOH 105 2105 2105 HOH HOH A . 
L 7 HOH 106 2106 2106 HOH HOH A . 
L 7 HOH 107 2107 2107 HOH HOH A . 
L 7 HOH 108 2108 2108 HOH HOH A . 
L 7 HOH 109 2109 2109 HOH HOH A . 
L 7 HOH 110 2110 2110 HOH HOH A . 
L 7 HOH 111 2111 2111 HOH HOH A . 
L 7 HOH 112 2112 2112 HOH HOH A . 
L 7 HOH 113 2113 2113 HOH HOH A . 
L 7 HOH 114 2114 2114 HOH HOH A . 
L 7 HOH 115 2115 2115 HOH HOH A . 
L 7 HOH 116 2116 2116 HOH HOH A . 
L 7 HOH 117 2117 2117 HOH HOH A . 
L 7 HOH 118 2118 2118 HOH HOH A . 
L 7 HOH 119 2119 2119 HOH HOH A . 
L 7 HOH 120 2120 2120 HOH HOH A . 
L 7 HOH 121 2121 2121 HOH HOH A . 
L 7 HOH 122 2122 2122 HOH HOH A . 
L 7 HOH 123 2123 2123 HOH HOH A . 
L 7 HOH 124 2124 2124 HOH HOH A . 
L 7 HOH 125 2125 2125 HOH HOH A . 
L 7 HOH 126 2126 2126 HOH HOH A . 
L 7 HOH 127 2127 2127 HOH HOH A . 
L 7 HOH 128 2128 2128 HOH HOH A . 
L 7 HOH 129 2129 2129 HOH HOH A . 
L 7 HOH 130 2130 2130 HOH HOH A . 
L 7 HOH 131 2131 2131 HOH HOH A . 
L 7 HOH 132 2132 2132 HOH HOH A . 
L 7 HOH 133 2133 2133 HOH HOH A . 
L 7 HOH 134 2134 2134 HOH HOH A . 
L 7 HOH 135 2135 2135 HOH HOH A . 
L 7 HOH 136 2136 2136 HOH HOH A . 
L 7 HOH 137 2137 2137 HOH HOH A . 
L 7 HOH 138 2138 2138 HOH HOH A . 
L 7 HOH 139 2139 2139 HOH HOH A . 
L 7 HOH 140 2140 2140 HOH HOH A . 
L 7 HOH 141 2141 2141 HOH HOH A . 
L 7 HOH 142 2142 2142 HOH HOH A . 
L 7 HOH 143 2143 2143 HOH HOH A . 
L 7 HOH 144 2144 2144 HOH HOH A . 
L 7 HOH 145 2145 2145 HOH HOH A . 
L 7 HOH 146 2146 2146 HOH HOH A . 
L 7 HOH 147 2147 2147 HOH HOH A . 
L 7 HOH 148 2148 2148 HOH HOH A . 
L 7 HOH 149 2149 2149 HOH HOH A . 
L 7 HOH 150 2150 2150 HOH HOH A . 
L 7 HOH 151 2151 2151 HOH HOH A . 
L 7 HOH 152 2152 2152 HOH HOH A . 
L 7 HOH 153 2153 2153 HOH HOH A . 
L 7 HOH 154 2154 2154 HOH HOH A . 
L 7 HOH 155 2155 2155 HOH HOH A . 
L 7 HOH 156 2156 2156 HOH HOH A . 
L 7 HOH 157 2157 2157 HOH HOH A . 
L 7 HOH 158 2158 2158 HOH HOH A . 
L 7 HOH 159 2159 2159 HOH HOH A . 
L 7 HOH 160 2160 2160 HOH HOH A . 
L 7 HOH 161 2161 2161 HOH HOH A . 
L 7 HOH 162 2162 2162 HOH HOH A . 
L 7 HOH 163 2163 2163 HOH HOH A . 
L 7 HOH 164 2164 2164 HOH HOH A . 
L 7 HOH 165 2165 2165 HOH HOH A . 
L 7 HOH 166 2166 2166 HOH HOH A . 
L 7 HOH 167 2167 2167 HOH HOH A . 
L 7 HOH 168 2168 2168 HOH HOH A . 
L 7 HOH 169 2169 2169 HOH HOH A . 
L 7 HOH 170 2170 2170 HOH HOH A . 
L 7 HOH 171 2171 2171 HOH HOH A . 
L 7 HOH 172 2172 2172 HOH HOH A . 
L 7 HOH 173 2173 2173 HOH HOH A . 
# 
_pdbx_struct_assembly.id                   1 
_pdbx_struct_assembly.details              author_and_software_defined_assembly 
_pdbx_struct_assembly.method_details       PISA 
_pdbx_struct_assembly.oligomeric_details   monomeric 
_pdbx_struct_assembly.oligomeric_count     1 
# 
_pdbx_struct_assembly_gen.assembly_id       1 
_pdbx_struct_assembly_gen.oper_expression   1 
_pdbx_struct_assembly_gen.asym_id_list      A,B,C,D,E,F,G,H,I,J,K,L 
# 
_pdbx_struct_oper_list.id                   1 
_pdbx_struct_oper_list.type                 'identity operation' 
_pdbx_struct_oper_list.name                 1_555 
_pdbx_struct_oper_list.symmetry_operation   x,y,z 
_pdbx_struct_oper_list.matrix[1][1]         1.0000000000 
_pdbx_struct_oper_list.matrix[1][2]         0.0000000000 
_pdbx_struct_oper_list.matrix[1][3]         0.0000000000 
_pdbx_struct_oper_list.vector[1]            0.0000000000 
_pdbx_struct_oper_list.matrix[2][1]         0.0000000000 
_pdbx_struct_oper_list.matrix[2][2]         1.0000000000 
_pdbx_struct_oper_list.matrix[2][3]         0.0000000000 
_pdbx_struct_oper_list.vector[2]            0.0000000000 
_pdbx_struct_oper_list.matrix[3][1]         0.0000000000 
_pdbx_struct_oper_list.matrix[3][2]         0.0000000000 
_pdbx_struct_oper_list.matrix[3][3]         1.0000000000 
_pdbx_struct_oper_list.vector[3]            0.0000000000 
# 
loop_
_pdbx_struct_conn_angle.id 
_pdbx_struct_conn_angle.ptnr1_label_atom_id 
_pdbx_struct_conn_angle.ptnr1_label_alt_id 
_pdbx_struct_conn_angle.ptnr1_label_asym_id 
_pdbx_struct_conn_angle.ptnr1_label_comp_id 
_pdbx_struct_conn_angle.ptnr1_label_seq_id 
_pdbx_struct_conn_angle.ptnr1_auth_atom_id 
_pdbx_struct_conn_angle.ptnr1_auth_asym_id 
_pdbx_struct_conn_angle.ptnr1_auth_comp_id 
_pdbx_struct_conn_angle.ptnr1_auth_seq_id 
_pdbx_struct_conn_angle.ptnr1_PDB_ins_code 
_pdbx_struct_conn_angle.ptnr1_symmetry 
_pdbx_struct_conn_angle.ptnr2_label_atom_id 
_pdbx_struct_conn_angle.ptnr2_label_alt_id 
_pdbx_struct_conn_angle.ptnr2_label_asym_id 
_pdbx_struct_conn_angle.ptnr2_label_comp_id 
_pdbx_struct_conn_angle.ptnr2_label_seq_id 
_pdbx_struct_conn_angle.ptnr2_auth_atom_id 
_pdbx_struct_conn_angle.ptnr2_auth_asym_id 
_pdbx_struct_conn_angle.ptnr2_auth_comp_id 
_pdbx_struct_conn_angle.ptnr2_auth_seq_id 
_pdbx_struct_conn_angle.ptnr2_PDB_ins_code 
_pdbx_struct_conn_angle.ptnr2_symmetry 
_pdbx_struct_conn_angle.ptnr3_label_atom_id 
_pdbx_struct_conn_angle.ptnr3_label_alt_id 
_pdbx_struct_conn_angle.ptnr3_label_asym_id 
_pdbx_struct_conn_angle.ptnr3_label_comp_id 
_pdbx_struct_conn_angle.ptnr3_label_seq_id 
_pdbx_struct_conn_angle.ptnr3_auth_atom_id 
_pdbx_struct_conn_angle.ptnr3_auth_asym_id 
_pdbx_struct_conn_angle.ptnr3_auth_comp_id 
_pdbx_struct_conn_angle.ptnr3_auth_seq_id 
_pdbx_struct_conn_angle.ptnr3_PDB_ins_code 
_pdbx_struct_conn_angle.ptnr3_symmetry 
_pdbx_struct_conn_angle.value 
_pdbx_struct_conn_angle.value_esd 
1  NE2 ? A HIS 93 ? A HIS 93   ? 1_555 FE ? B HEM . ? A HEM 1154 ? 1_555 NA ? B HEM . ? A HEM 1154 ? 1_555 91.0  ? 
2  NE2 ? A HIS 93 ? A HIS 93   ? 1_555 FE ? B HEM . ? A HEM 1154 ? 1_555 NB ? B HEM . ? A HEM 1154 ? 1_555 86.2  ? 
3  NA  ? B HEM .  ? A HEM 1154 ? 1_555 FE ? B HEM . ? A HEM 1154 ? 1_555 NB ? B HEM . ? A HEM 1154 ? 1_555 90.0  ? 
4  NE2 ? A HIS 93 ? A HIS 93   ? 1_555 FE ? B HEM . ? A HEM 1154 ? 1_555 NC ? B HEM . ? A HEM 1154 ? 1_555 89.9  ? 
5  NA  ? B HEM .  ? A HEM 1154 ? 1_555 FE ? B HEM . ? A HEM 1154 ? 1_555 NC ? B HEM . ? A HEM 1154 ? 1_555 178.5 ? 
6  NB  ? B HEM .  ? A HEM 1154 ? 1_555 FE ? B HEM . ? A HEM 1154 ? 1_555 NC ? B HEM . ? A HEM 1154 ? 1_555 89.0  ? 
7  NE2 ? A HIS 93 ? A HIS 93   ? 1_555 FE ? B HEM . ? A HEM 1154 ? 1_555 ND ? B HEM . ? A HEM 1154 ? 1_555 93.1  ? 
8  NA  ? B HEM .  ? A HEM 1154 ? 1_555 FE ? B HEM . ? A HEM 1154 ? 1_555 ND ? B HEM . ? A HEM 1154 ? 1_555 90.1  ? 
9  NB  ? B HEM .  ? A HEM 1154 ? 1_555 FE ? B HEM . ? A HEM 1154 ? 1_555 ND ? B HEM . ? A HEM 1154 ? 1_555 179.3 ? 
10 NC  ? B HEM .  ? A HEM 1154 ? 1_555 FE ? B HEM . ? A HEM 1154 ? 1_555 ND ? B HEM . ? A HEM 1154 ? 1_555 91.0  ? 
11 NE2 ? A HIS 93 ? A HIS 93   ? 1_555 FE ? B HEM . ? A HEM 1154 ? 1_555 O2 ? C PER . ? A PER 1155 ? 1_555 174.1 ? 
12 NA  ? B HEM .  ? A HEM 1154 ? 1_555 FE ? B HEM . ? A HEM 1154 ? 1_555 O2 ? C PER . ? A PER 1155 ? 1_555 88.5  ? 
13 NB  ? B HEM .  ? A HEM 1154 ? 1_555 FE ? B HEM . ? A HEM 1154 ? 1_555 O2 ? C PER . ? A PER 1155 ? 1_555 87.9  ? 
14 NC  ? B HEM .  ? A HEM 1154 ? 1_555 FE ? B HEM . ? A HEM 1154 ? 1_555 O2 ? C PER . ? A PER 1155 ? 1_555 90.4  ? 
15 ND  ? B HEM .  ? A HEM 1154 ? 1_555 FE ? B HEM . ? A HEM 1154 ? 1_555 O2 ? C PER . ? A PER 1155 ? 1_555 92.7  ? 
16 NE2 ? A HIS 93 ? A HIS 93   ? 1_555 FE ? B HEM . ? A HEM 1154 ? 1_555 O1 ? C PER . ? A PER 1155 ? 1_555 157.6 ? 
17 NA  ? B HEM .  ? A HEM 1154 ? 1_555 FE ? B HEM . ? A HEM 1154 ? 1_555 O1 ? C PER . ? A PER 1155 ? 1_555 110.6 ? 
18 NB  ? B HEM .  ? A HEM 1154 ? 1_555 FE ? B HEM . ? A HEM 1154 ? 1_555 O1 ? C PER . ? A PER 1155 ? 1_555 99.2  ? 
19 NC  ? B HEM .  ? A HEM 1154 ? 1_555 FE ? B HEM . ? A HEM 1154 ? 1_555 O1 ? C PER . ? A PER 1155 ? 1_555 68.5  ? 
20 ND  ? B HEM .  ? A HEM 1154 ? 1_555 FE ? B HEM . ? A HEM 1154 ? 1_555 O1 ? C PER . ? A PER 1155 ? 1_555 81.4  ? 
21 O2  ? C PER .  ? A PER 1155 ? 1_555 FE ? B HEM . ? A HEM 1154 ? 1_555 O1 ? C PER . ? A PER 1155 ? 1_555 25.0  ? 
# 
loop_
_pdbx_audit_revision_history.ordinal 
_pdbx_audit_revision_history.data_content_type 
_pdbx_audit_revision_history.major_revision 
_pdbx_audit_revision_history.minor_revision 
_pdbx_audit_revision_history.revision_date 
1 'Structure model' 1 0 2008-01-29 
2 'Structure model' 1 1 2011-06-02 
3 'Structure model' 1 2 2011-07-13 
4 'Structure model' 1 3 2023-12-13 
# 
_pdbx_audit_revision_details.ordinal             1 
_pdbx_audit_revision_details.revision_ordinal    1 
_pdbx_audit_revision_details.data_content_type   'Structure model' 
_pdbx_audit_revision_details.provider            repository 
_pdbx_audit_revision_details.type                'Initial release' 
_pdbx_audit_revision_details.description         ? 
_pdbx_audit_revision_details.details             ? 
# 
loop_
_pdbx_audit_revision_group.ordinal 
_pdbx_audit_revision_group.revision_ordinal 
_pdbx_audit_revision_group.data_content_type 
_pdbx_audit_revision_group.group 
1 2 'Structure model' 'Version format compliance' 
2 3 'Structure model' 'Version format compliance' 
3 4 'Structure model' 'Data collection'           
4 4 'Structure model' 'Database references'       
5 4 'Structure model' 'Derived calculations'      
6 4 'Structure model' Other                       
7 4 'Structure model' 'Refinement description'    
# 
loop_
_pdbx_audit_revision_category.ordinal 
_pdbx_audit_revision_category.revision_ordinal 
_pdbx_audit_revision_category.data_content_type 
_pdbx_audit_revision_category.category 
1 4 'Structure model' chem_comp_atom                
2 4 'Structure model' chem_comp_bond                
3 4 'Structure model' database_2                    
4 4 'Structure model' pdbx_database_status          
5 4 'Structure model' pdbx_initial_refinement_model 
6 4 'Structure model' struct_site                   
# 
loop_
_pdbx_audit_revision_item.ordinal 
_pdbx_audit_revision_item.revision_ordinal 
_pdbx_audit_revision_item.data_content_type 
_pdbx_audit_revision_item.item 
1 4 'Structure model' '_database_2.pdbx_DOI'                 
2 4 'Structure model' '_database_2.pdbx_database_accession'  
3 4 'Structure model' '_pdbx_database_status.status_code_sf' 
4 4 'Structure model' '_struct_site.pdbx_auth_asym_id'       
5 4 'Structure model' '_struct_site.pdbx_auth_comp_id'       
6 4 'Structure model' '_struct_site.pdbx_auth_seq_id'        
# 
loop_
_software.name 
_software.classification 
_software.version 
_software.citation_id 
_software.pdbx_ordinal 
REFMAC refinement       5.2.0019 ? 1 
MOSFLM 'data reduction' .        ? 2 
SCALA  'data scaling'   .        ? 3 
CNS    phasing          .        ? 4 
# 
loop_
_pdbx_validate_torsion.id 
_pdbx_validate_torsion.PDB_model_num 
_pdbx_validate_torsion.auth_comp_id 
_pdbx_validate_torsion.auth_asym_id 
_pdbx_validate_torsion.auth_seq_id 
_pdbx_validate_torsion.PDB_ins_code 
_pdbx_validate_torsion.label_alt_id 
_pdbx_validate_torsion.phi 
_pdbx_validate_torsion.psi 
1 1 ASP A 20 ? ? -152.29 74.34 
2 1 ASP A 20 ? ? -152.29 75.08 
# 
loop_
_chem_comp_atom.comp_id 
_chem_comp_atom.atom_id 
_chem_comp_atom.type_symbol 
_chem_comp_atom.pdbx_aromatic_flag 
_chem_comp_atom.pdbx_stereo_config 
_chem_comp_atom.pdbx_ordinal 
ALA N    N  N N 1   
ALA CA   C  N S 2   
ALA C    C  N N 3   
ALA O    O  N N 4   
ALA CB   C  N N 5   
ALA OXT  O  N N 6   
ALA H    H  N N 7   
ALA H2   H  N N 8   
ALA HA   H  N N 9   
ALA HB1  H  N N 10  
ALA HB2  H  N N 11  
ALA HB3  H  N N 12  
ALA HXT  H  N N 13  
ARG N    N  N N 14  
ARG CA   C  N S 15  
ARG C    C  N N 16  
ARG O    O  N N 17  
ARG CB   C  N N 18  
ARG CG   C  N N 19  
ARG CD   C  N N 20  
ARG NE   N  N N 21  
ARG CZ   C  N N 22  
ARG NH1  N  N N 23  
ARG NH2  N  N N 24  
ARG OXT  O  N N 25  
ARG H    H  N N 26  
ARG H2   H  N N 27  
ARG HA   H  N N 28  
ARG HB2  H  N N 29  
ARG HB3  H  N N 30  
ARG HG2  H  N N 31  
ARG HG3  H  N N 32  
ARG HD2  H  N N 33  
ARG HD3  H  N N 34  
ARG HE   H  N N 35  
ARG HH11 H  N N 36  
ARG HH12 H  N N 37  
ARG HH21 H  N N 38  
ARG HH22 H  N N 39  
ARG HXT  H  N N 40  
ASN N    N  N N 41  
ASN CA   C  N S 42  
ASN C    C  N N 43  
ASN O    O  N N 44  
ASN CB   C  N N 45  
ASN CG   C  N N 46  
ASN OD1  O  N N 47  
ASN ND2  N  N N 48  
ASN OXT  O  N N 49  
ASN H    H  N N 50  
ASN H2   H  N N 51  
ASN HA   H  N N 52  
ASN HB2  H  N N 53  
ASN HB3  H  N N 54  
ASN HD21 H  N N 55  
ASN HD22 H  N N 56  
ASN HXT  H  N N 57  
ASP N    N  N N 58  
ASP CA   C  N S 59  
ASP C    C  N N 60  
ASP O    O  N N 61  
ASP CB   C  N N 62  
ASP CG   C  N N 63  
ASP OD1  O  N N 64  
ASP OD2  O  N N 65  
ASP OXT  O  N N 66  
ASP H    H  N N 67  
ASP H2   H  N N 68  
ASP HA   H  N N 69  
ASP HB2  H  N N 70  
ASP HB3  H  N N 71  
ASP HD2  H  N N 72  
ASP HXT  H  N N 73  
GLN N    N  N N 74  
GLN CA   C  N S 75  
GLN C    C  N N 76  
GLN O    O  N N 77  
GLN CB   C  N N 78  
GLN CG   C  N N 79  
GLN CD   C  N N 80  
GLN OE1  O  N N 81  
GLN NE2  N  N N 82  
GLN OXT  O  N N 83  
GLN H    H  N N 84  
GLN H2   H  N N 85  
GLN HA   H  N N 86  
GLN HB2  H  N N 87  
GLN HB3  H  N N 88  
GLN HG2  H  N N 89  
GLN HG3  H  N N 90  
GLN HE21 H  N N 91  
GLN HE22 H  N N 92  
GLN HXT  H  N N 93  
GLU N    N  N N 94  
GLU CA   C  N S 95  
GLU C    C  N N 96  
GLU O    O  N N 97  
GLU CB   C  N N 98  
GLU CG   C  N N 99  
GLU CD   C  N N 100 
GLU OE1  O  N N 101 
GLU OE2  O  N N 102 
GLU OXT  O  N N 103 
GLU H    H  N N 104 
GLU H2   H  N N 105 
GLU HA   H  N N 106 
GLU HB2  H  N N 107 
GLU HB3  H  N N 108 
GLU HG2  H  N N 109 
GLU HG3  H  N N 110 
GLU HE2  H  N N 111 
GLU HXT  H  N N 112 
GLY N    N  N N 113 
GLY CA   C  N N 114 
GLY C    C  N N 115 
GLY O    O  N N 116 
GLY OXT  O  N N 117 
GLY H    H  N N 118 
GLY H2   H  N N 119 
GLY HA2  H  N N 120 
GLY HA3  H  N N 121 
GLY HXT  H  N N 122 
GOL C1   C  N N 123 
GOL O1   O  N N 124 
GOL C2   C  N N 125 
GOL O2   O  N N 126 
GOL C3   C  N N 127 
GOL O3   O  N N 128 
GOL H11  H  N N 129 
GOL H12  H  N N 130 
GOL HO1  H  N N 131 
GOL H2   H  N N 132 
GOL HO2  H  N N 133 
GOL H31  H  N N 134 
GOL H32  H  N N 135 
GOL HO3  H  N N 136 
HEM CHA  C  N N 137 
HEM CHB  C  N N 138 
HEM CHC  C  N N 139 
HEM CHD  C  N N 140 
HEM C1A  C  Y N 141 
HEM C2A  C  Y N 142 
HEM C3A  C  Y N 143 
HEM C4A  C  Y N 144 
HEM CMA  C  N N 145 
HEM CAA  C  N N 146 
HEM CBA  C  N N 147 
HEM CGA  C  N N 148 
HEM O1A  O  N N 149 
HEM O2A  O  N N 150 
HEM C1B  C  N N 151 
HEM C2B  C  N N 152 
HEM C3B  C  N N 153 
HEM C4B  C  N N 154 
HEM CMB  C  N N 155 
HEM CAB  C  N N 156 
HEM CBB  C  N N 157 
HEM C1C  C  Y N 158 
HEM C2C  C  Y N 159 
HEM C3C  C  Y N 160 
HEM C4C  C  Y N 161 
HEM CMC  C  N N 162 
HEM CAC  C  N N 163 
HEM CBC  C  N N 164 
HEM C1D  C  N N 165 
HEM C2D  C  N N 166 
HEM C3D  C  N N 167 
HEM C4D  C  N N 168 
HEM CMD  C  N N 169 
HEM CAD  C  N N 170 
HEM CBD  C  N N 171 
HEM CGD  C  N N 172 
HEM O1D  O  N N 173 
HEM O2D  O  N N 174 
HEM NA   N  Y N 175 
HEM NB   N  N N 176 
HEM NC   N  Y N 177 
HEM ND   N  N N 178 
HEM FE   FE N N 179 
HEM HHB  H  N N 180 
HEM HHC  H  N N 181 
HEM HHD  H  N N 182 
HEM HMA  H  N N 183 
HEM HMAA H  N N 184 
HEM HMAB H  N N 185 
HEM HAA  H  N N 186 
HEM HAAA H  N N 187 
HEM HBA  H  N N 188 
HEM HBAA H  N N 189 
HEM HMB  H  N N 190 
HEM HMBA H  N N 191 
HEM HMBB H  N N 192 
HEM HAB  H  N N 193 
HEM HBB  H  N N 194 
HEM HBBA H  N N 195 
HEM HMC  H  N N 196 
HEM HMCA H  N N 197 
HEM HMCB H  N N 198 
HEM HAC  H  N N 199 
HEM HBC  H  N N 200 
HEM HBCA H  N N 201 
HEM HMD  H  N N 202 
HEM HMDA H  N N 203 
HEM HMDB H  N N 204 
HEM HAD  H  N N 205 
HEM HADA H  N N 206 
HEM HBD  H  N N 207 
HEM HBDA H  N N 208 
HEM H2A  H  N N 209 
HEM H2D  H  N N 210 
HEM HHA  H  N N 211 
HIS N    N  N N 212 
HIS CA   C  N S 213 
HIS C    C  N N 214 
HIS O    O  N N 215 
HIS CB   C  N N 216 
HIS CG   C  Y N 217 
HIS ND1  N  Y N 218 
HIS CD2  C  Y N 219 
HIS CE1  C  Y N 220 
HIS NE2  N  Y N 221 
HIS OXT  O  N N 222 
HIS H    H  N N 223 
HIS H2   H  N N 224 
HIS HA   H  N N 225 
HIS HB2  H  N N 226 
HIS HB3  H  N N 227 
HIS HD1  H  N N 228 
HIS HD2  H  N N 229 
HIS HE1  H  N N 230 
HIS HE2  H  N N 231 
HIS HXT  H  N N 232 
HOH O    O  N N 233 
HOH H1   H  N N 234 
HOH H2   H  N N 235 
ILE N    N  N N 236 
ILE CA   C  N S 237 
ILE C    C  N N 238 
ILE O    O  N N 239 
ILE CB   C  N S 240 
ILE CG1  C  N N 241 
ILE CG2  C  N N 242 
ILE CD1  C  N N 243 
ILE OXT  O  N N 244 
ILE H    H  N N 245 
ILE H2   H  N N 246 
ILE HA   H  N N 247 
ILE HB   H  N N 248 
ILE HG12 H  N N 249 
ILE HG13 H  N N 250 
ILE HG21 H  N N 251 
ILE HG22 H  N N 252 
ILE HG23 H  N N 253 
ILE HD11 H  N N 254 
ILE HD12 H  N N 255 
ILE HD13 H  N N 256 
ILE HXT  H  N N 257 
LEU N    N  N N 258 
LEU CA   C  N S 259 
LEU C    C  N N 260 
LEU O    O  N N 261 
LEU CB   C  N N 262 
LEU CG   C  N N 263 
LEU CD1  C  N N 264 
LEU CD2  C  N N 265 
LEU OXT  O  N N 266 
LEU H    H  N N 267 
LEU H2   H  N N 268 
LEU HA   H  N N 269 
LEU HB2  H  N N 270 
LEU HB3  H  N N 271 
LEU HG   H  N N 272 
LEU HD11 H  N N 273 
LEU HD12 H  N N 274 
LEU HD13 H  N N 275 
LEU HD21 H  N N 276 
LEU HD22 H  N N 277 
LEU HD23 H  N N 278 
LEU HXT  H  N N 279 
LYS N    N  N N 280 
LYS CA   C  N S 281 
LYS C    C  N N 282 
LYS O    O  N N 283 
LYS CB   C  N N 284 
LYS CG   C  N N 285 
LYS CD   C  N N 286 
LYS CE   C  N N 287 
LYS NZ   N  N N 288 
LYS OXT  O  N N 289 
LYS H    H  N N 290 
LYS H2   H  N N 291 
LYS HA   H  N N 292 
LYS HB2  H  N N 293 
LYS HB3  H  N N 294 
LYS HG2  H  N N 295 
LYS HG3  H  N N 296 
LYS HD2  H  N N 297 
LYS HD3  H  N N 298 
LYS HE2  H  N N 299 
LYS HE3  H  N N 300 
LYS HZ1  H  N N 301 
LYS HZ2  H  N N 302 
LYS HZ3  H  N N 303 
LYS HXT  H  N N 304 
MET N    N  N N 305 
MET CA   C  N S 306 
MET C    C  N N 307 
MET O    O  N N 308 
MET CB   C  N N 309 
MET CG   C  N N 310 
MET SD   S  N N 311 
MET CE   C  N N 312 
MET OXT  O  N N 313 
MET H    H  N N 314 
MET H2   H  N N 315 
MET HA   H  N N 316 
MET HB2  H  N N 317 
MET HB3  H  N N 318 
MET HG2  H  N N 319 
MET HG3  H  N N 320 
MET HE1  H  N N 321 
MET HE2  H  N N 322 
MET HE3  H  N N 323 
MET HXT  H  N N 324 
PEO O1   O  N N 325 
PEO O2   O  N N 326 
PEO HO1  H  N N 327 
PEO HO2  H  N N 328 
PER O1   O  N N 329 
PER O2   O  N N 330 
PHE N    N  N N 331 
PHE CA   C  N S 332 
PHE C    C  N N 333 
PHE O    O  N N 334 
PHE CB   C  N N 335 
PHE CG   C  Y N 336 
PHE CD1  C  Y N 337 
PHE CD2  C  Y N 338 
PHE CE1  C  Y N 339 
PHE CE2  C  Y N 340 
PHE CZ   C  Y N 341 
PHE OXT  O  N N 342 
PHE H    H  N N 343 
PHE H2   H  N N 344 
PHE HA   H  N N 345 
PHE HB2  H  N N 346 
PHE HB3  H  N N 347 
PHE HD1  H  N N 348 
PHE HD2  H  N N 349 
PHE HE1  H  N N 350 
PHE HE2  H  N N 351 
PHE HZ   H  N N 352 
PHE HXT  H  N N 353 
PRO N    N  N N 354 
PRO CA   C  N S 355 
PRO C    C  N N 356 
PRO O    O  N N 357 
PRO CB   C  N N 358 
PRO CG   C  N N 359 
PRO CD   C  N N 360 
PRO OXT  O  N N 361 
PRO H    H  N N 362 
PRO HA   H  N N 363 
PRO HB2  H  N N 364 
PRO HB3  H  N N 365 
PRO HG2  H  N N 366 
PRO HG3  H  N N 367 
PRO HD2  H  N N 368 
PRO HD3  H  N N 369 
PRO HXT  H  N N 370 
SER N    N  N N 371 
SER CA   C  N S 372 
SER C    C  N N 373 
SER O    O  N N 374 
SER CB   C  N N 375 
SER OG   O  N N 376 
SER OXT  O  N N 377 
SER H    H  N N 378 
SER H2   H  N N 379 
SER HA   H  N N 380 
SER HB2  H  N N 381 
SER HB3  H  N N 382 
SER HG   H  N N 383 
SER HXT  H  N N 384 
SO4 S    S  N N 385 
SO4 O1   O  N N 386 
SO4 O2   O  N N 387 
SO4 O3   O  N N 388 
SO4 O4   O  N N 389 
THR N    N  N N 390 
THR CA   C  N S 391 
THR C    C  N N 392 
THR O    O  N N 393 
THR CB   C  N R 394 
THR OG1  O  N N 395 
THR CG2  C  N N 396 
THR OXT  O  N N 397 
THR H    H  N N 398 
THR H2   H  N N 399 
THR HA   H  N N 400 
THR HB   H  N N 401 
THR HG1  H  N N 402 
THR HG21 H  N N 403 
THR HG22 H  N N 404 
THR HG23 H  N N 405 
THR HXT  H  N N 406 
TRP N    N  N N 407 
TRP CA   C  N S 408 
TRP C    C  N N 409 
TRP O    O  N N 410 
TRP CB   C  N N 411 
TRP CG   C  Y N 412 
TRP CD1  C  Y N 413 
TRP CD2  C  Y N 414 
TRP NE1  N  Y N 415 
TRP CE2  C  Y N 416 
TRP CE3  C  Y N 417 
TRP CZ2  C  Y N 418 
TRP CZ3  C  Y N 419 
TRP CH2  C  Y N 420 
TRP OXT  O  N N 421 
TRP H    H  N N 422 
TRP H2   H  N N 423 
TRP HA   H  N N 424 
TRP HB2  H  N N 425 
TRP HB3  H  N N 426 
TRP HD1  H  N N 427 
TRP HE1  H  N N 428 
TRP HE3  H  N N 429 
TRP HZ2  H  N N 430 
TRP HZ3  H  N N 431 
TRP HH2  H  N N 432 
TRP HXT  H  N N 433 
TYR N    N  N N 434 
TYR CA   C  N S 435 
TYR C    C  N N 436 
TYR O    O  N N 437 
TYR CB   C  N N 438 
TYR CG   C  Y N 439 
TYR CD1  C  Y N 440 
TYR CD2  C  Y N 441 
TYR CE1  C  Y N 442 
TYR CE2  C  Y N 443 
TYR CZ   C  Y N 444 
TYR OH   O  N N 445 
TYR OXT  O  N N 446 
TYR H    H  N N 447 
TYR H2   H  N N 448 
TYR HA   H  N N 449 
TYR HB2  H  N N 450 
TYR HB3  H  N N 451 
TYR HD1  H  N N 452 
TYR HD2  H  N N 453 
TYR HE1  H  N N 454 
TYR HE2  H  N N 455 
TYR HH   H  N N 456 
TYR HXT  H  N N 457 
VAL N    N  N N 458 
VAL CA   C  N S 459 
VAL C    C  N N 460 
VAL O    O  N N 461 
VAL CB   C  N N 462 
VAL CG1  C  N N 463 
VAL CG2  C  N N 464 
VAL OXT  O  N N 465 
VAL H    H  N N 466 
VAL H2   H  N N 467 
VAL HA   H  N N 468 
VAL HB   H  N N 469 
VAL HG11 H  N N 470 
VAL HG12 H  N N 471 
VAL HG13 H  N N 472 
VAL HG21 H  N N 473 
VAL HG22 H  N N 474 
VAL HG23 H  N N 475 
VAL HXT  H  N N 476 
# 
loop_
_chem_comp_bond.comp_id 
_chem_comp_bond.atom_id_1 
_chem_comp_bond.atom_id_2 
_chem_comp_bond.value_order 
_chem_comp_bond.pdbx_aromatic_flag 
_chem_comp_bond.pdbx_stereo_config 
_chem_comp_bond.pdbx_ordinal 
ALA N   CA   sing N N 1   
ALA N   H    sing N N 2   
ALA N   H2   sing N N 3   
ALA CA  C    sing N N 4   
ALA CA  CB   sing N N 5   
ALA CA  HA   sing N N 6   
ALA C   O    doub N N 7   
ALA C   OXT  sing N N 8   
ALA CB  HB1  sing N N 9   
ALA CB  HB2  sing N N 10  
ALA CB  HB3  sing N N 11  
ALA OXT HXT  sing N N 12  
ARG N   CA   sing N N 13  
ARG N   H    sing N N 14  
ARG N   H2   sing N N 15  
ARG CA  C    sing N N 16  
ARG CA  CB   sing N N 17  
ARG CA  HA   sing N N 18  
ARG C   O    doub N N 19  
ARG C   OXT  sing N N 20  
ARG CB  CG   sing N N 21  
ARG CB  HB2  sing N N 22  
ARG CB  HB3  sing N N 23  
ARG CG  CD   sing N N 24  
ARG CG  HG2  sing N N 25  
ARG CG  HG3  sing N N 26  
ARG CD  NE   sing N N 27  
ARG CD  HD2  sing N N 28  
ARG CD  HD3  sing N N 29  
ARG NE  CZ   sing N N 30  
ARG NE  HE   sing N N 31  
ARG CZ  NH1  sing N N 32  
ARG CZ  NH2  doub N N 33  
ARG NH1 HH11 sing N N 34  
ARG NH1 HH12 sing N N 35  
ARG NH2 HH21 sing N N 36  
ARG NH2 HH22 sing N N 37  
ARG OXT HXT  sing N N 38  
ASN N   CA   sing N N 39  
ASN N   H    sing N N 40  
ASN N   H2   sing N N 41  
ASN CA  C    sing N N 42  
ASN CA  CB   sing N N 43  
ASN CA  HA   sing N N 44  
ASN C   O    doub N N 45  
ASN C   OXT  sing N N 46  
ASN CB  CG   sing N N 47  
ASN CB  HB2  sing N N 48  
ASN CB  HB3  sing N N 49  
ASN CG  OD1  doub N N 50  
ASN CG  ND2  sing N N 51  
ASN ND2 HD21 sing N N 52  
ASN ND2 HD22 sing N N 53  
ASN OXT HXT  sing N N 54  
ASP N   CA   sing N N 55  
ASP N   H    sing N N 56  
ASP N   H2   sing N N 57  
ASP CA  C    sing N N 58  
ASP CA  CB   sing N N 59  
ASP CA  HA   sing N N 60  
ASP C   O    doub N N 61  
ASP C   OXT  sing N N 62  
ASP CB  CG   sing N N 63  
ASP CB  HB2  sing N N 64  
ASP CB  HB3  sing N N 65  
ASP CG  OD1  doub N N 66  
ASP CG  OD2  sing N N 67  
ASP OD2 HD2  sing N N 68  
ASP OXT HXT  sing N N 69  
GLN N   CA   sing N N 70  
GLN N   H    sing N N 71  
GLN N   H2   sing N N 72  
GLN CA  C    sing N N 73  
GLN CA  CB   sing N N 74  
GLN CA  HA   sing N N 75  
GLN C   O    doub N N 76  
GLN C   OXT  sing N N 77  
GLN CB  CG   sing N N 78  
GLN CB  HB2  sing N N 79  
GLN CB  HB3  sing N N 80  
GLN CG  CD   sing N N 81  
GLN CG  HG2  sing N N 82  
GLN CG  HG3  sing N N 83  
GLN CD  OE1  doub N N 84  
GLN CD  NE2  sing N N 85  
GLN NE2 HE21 sing N N 86  
GLN NE2 HE22 sing N N 87  
GLN OXT HXT  sing N N 88  
GLU N   CA   sing N N 89  
GLU N   H    sing N N 90  
GLU N   H2   sing N N 91  
GLU CA  C    sing N N 92  
GLU CA  CB   sing N N 93  
GLU CA  HA   sing N N 94  
GLU C   O    doub N N 95  
GLU C   OXT  sing N N 96  
GLU CB  CG   sing N N 97  
GLU CB  HB2  sing N N 98  
GLU CB  HB3  sing N N 99  
GLU CG  CD   sing N N 100 
GLU CG  HG2  sing N N 101 
GLU CG  HG3  sing N N 102 
GLU CD  OE1  doub N N 103 
GLU CD  OE2  sing N N 104 
GLU OE2 HE2  sing N N 105 
GLU OXT HXT  sing N N 106 
GLY N   CA   sing N N 107 
GLY N   H    sing N N 108 
GLY N   H2   sing N N 109 
GLY CA  C    sing N N 110 
GLY CA  HA2  sing N N 111 
GLY CA  HA3  sing N N 112 
GLY C   O    doub N N 113 
GLY C   OXT  sing N N 114 
GLY OXT HXT  sing N N 115 
GOL C1  O1   sing N N 116 
GOL C1  C2   sing N N 117 
GOL C1  H11  sing N N 118 
GOL C1  H12  sing N N 119 
GOL O1  HO1  sing N N 120 
GOL C2  O2   sing N N 121 
GOL C2  C3   sing N N 122 
GOL C2  H2   sing N N 123 
GOL O2  HO2  sing N N 124 
GOL C3  O3   sing N N 125 
GOL C3  H31  sing N N 126 
GOL C3  H32  sing N N 127 
GOL O3  HO3  sing N N 128 
HEM CHA C1A  sing N N 129 
HEM CHA C4D  doub N N 130 
HEM CHA HHA  sing N N 131 
HEM CHB C4A  sing N N 132 
HEM CHB C1B  doub N N 133 
HEM CHB HHB  sing N N 134 
HEM CHC C4B  sing N N 135 
HEM CHC C1C  doub N N 136 
HEM CHC HHC  sing N N 137 
HEM CHD C4C  doub N N 138 
HEM CHD C1D  sing N N 139 
HEM CHD HHD  sing N N 140 
HEM C1A C2A  doub Y N 141 
HEM C1A NA   sing Y N 142 
HEM C2A C3A  sing Y N 143 
HEM C2A CAA  sing N N 144 
HEM C3A C4A  doub Y N 145 
HEM C3A CMA  sing N N 146 
HEM C4A NA   sing Y N 147 
HEM CMA HMA  sing N N 148 
HEM CMA HMAA sing N N 149 
HEM CMA HMAB sing N N 150 
HEM CAA CBA  sing N N 151 
HEM CAA HAA  sing N N 152 
HEM CAA HAAA sing N N 153 
HEM CBA CGA  sing N N 154 
HEM CBA HBA  sing N N 155 
HEM CBA HBAA sing N N 156 
HEM CGA O1A  doub N N 157 
HEM CGA O2A  sing N N 158 
HEM C1B C2B  sing N N 159 
HEM C1B NB   sing N N 160 
HEM C2B C3B  doub N N 161 
HEM C2B CMB  sing N N 162 
HEM C3B C4B  sing N N 163 
HEM C3B CAB  sing N N 164 
HEM C4B NB   doub N N 165 
HEM CMB HMB  sing N N 166 
HEM CMB HMBA sing N N 167 
HEM CMB HMBB sing N N 168 
HEM CAB CBB  doub N N 169 
HEM CAB HAB  sing N N 170 
HEM CBB HBB  sing N N 171 
HEM CBB HBBA sing N N 172 
HEM C1C C2C  sing Y N 173 
HEM C1C NC   sing Y N 174 
HEM C2C C3C  doub Y N 175 
HEM C2C CMC  sing N N 176 
HEM C3C C4C  sing Y N 177 
HEM C3C CAC  sing N N 178 
HEM C4C NC   sing Y N 179 
HEM CMC HMC  sing N N 180 
HEM CMC HMCA sing N N 181 
HEM CMC HMCB sing N N 182 
HEM CAC CBC  doub N N 183 
HEM CAC HAC  sing N N 184 
HEM CBC HBC  sing N N 185 
HEM CBC HBCA sing N N 186 
HEM C1D C2D  sing N N 187 
HEM C1D ND   doub N N 188 
HEM C2D C3D  doub N N 189 
HEM C2D CMD  sing N N 190 
HEM C3D C4D  sing N N 191 
HEM C3D CAD  sing N N 192 
HEM C4D ND   sing N N 193 
HEM CMD HMD  sing N N 194 
HEM CMD HMDA sing N N 195 
HEM CMD HMDB sing N N 196 
HEM CAD CBD  sing N N 197 
HEM CAD HAD  sing N N 198 
HEM CAD HADA sing N N 199 
HEM CBD CGD  sing N N 200 
HEM CBD HBD  sing N N 201 
HEM CBD HBDA sing N N 202 
HEM CGD O1D  doub N N 203 
HEM CGD O2D  sing N N 204 
HEM O2A H2A  sing N N 205 
HEM O2D H2D  sing N N 206 
HEM FE  NA   sing N N 207 
HEM FE  NB   sing N N 208 
HEM FE  NC   sing N N 209 
HEM FE  ND   sing N N 210 
HIS N   CA   sing N N 211 
HIS N   H    sing N N 212 
HIS N   H2   sing N N 213 
HIS CA  C    sing N N 214 
HIS CA  CB   sing N N 215 
HIS CA  HA   sing N N 216 
HIS C   O    doub N N 217 
HIS C   OXT  sing N N 218 
HIS CB  CG   sing N N 219 
HIS CB  HB2  sing N N 220 
HIS CB  HB3  sing N N 221 
HIS CG  ND1  sing Y N 222 
HIS CG  CD2  doub Y N 223 
HIS ND1 CE1  doub Y N 224 
HIS ND1 HD1  sing N N 225 
HIS CD2 NE2  sing Y N 226 
HIS CD2 HD2  sing N N 227 
HIS CE1 NE2  sing Y N 228 
HIS CE1 HE1  sing N N 229 
HIS NE2 HE2  sing N N 230 
HIS OXT HXT  sing N N 231 
HOH O   H1   sing N N 232 
HOH O   H2   sing N N 233 
ILE N   CA   sing N N 234 
ILE N   H    sing N N 235 
ILE N   H2   sing N N 236 
ILE CA  C    sing N N 237 
ILE CA  CB   sing N N 238 
ILE CA  HA   sing N N 239 
ILE C   O    doub N N 240 
ILE C   OXT  sing N N 241 
ILE CB  CG1  sing N N 242 
ILE CB  CG2  sing N N 243 
ILE CB  HB   sing N N 244 
ILE CG1 CD1  sing N N 245 
ILE CG1 HG12 sing N N 246 
ILE CG1 HG13 sing N N 247 
ILE CG2 HG21 sing N N 248 
ILE CG2 HG22 sing N N 249 
ILE CG2 HG23 sing N N 250 
ILE CD1 HD11 sing N N 251 
ILE CD1 HD12 sing N N 252 
ILE CD1 HD13 sing N N 253 
ILE OXT HXT  sing N N 254 
LEU N   CA   sing N N 255 
LEU N   H    sing N N 256 
LEU N   H2   sing N N 257 
LEU CA  C    sing N N 258 
LEU CA  CB   sing N N 259 
LEU CA  HA   sing N N 260 
LEU C   O    doub N N 261 
LEU C   OXT  sing N N 262 
LEU CB  CG   sing N N 263 
LEU CB  HB2  sing N N 264 
LEU CB  HB3  sing N N 265 
LEU CG  CD1  sing N N 266 
LEU CG  CD2  sing N N 267 
LEU CG  HG   sing N N 268 
LEU CD1 HD11 sing N N 269 
LEU CD1 HD12 sing N N 270 
LEU CD1 HD13 sing N N 271 
LEU CD2 HD21 sing N N 272 
LEU CD2 HD22 sing N N 273 
LEU CD2 HD23 sing N N 274 
LEU OXT HXT  sing N N 275 
LYS N   CA   sing N N 276 
LYS N   H    sing N N 277 
LYS N   H2   sing N N 278 
LYS CA  C    sing N N 279 
LYS CA  CB   sing N N 280 
LYS CA  HA   sing N N 281 
LYS C   O    doub N N 282 
LYS C   OXT  sing N N 283 
LYS CB  CG   sing N N 284 
LYS CB  HB2  sing N N 285 
LYS CB  HB3  sing N N 286 
LYS CG  CD   sing N N 287 
LYS CG  HG2  sing N N 288 
LYS CG  HG3  sing N N 289 
LYS CD  CE   sing N N 290 
LYS CD  HD2  sing N N 291 
LYS CD  HD3  sing N N 292 
LYS CE  NZ   sing N N 293 
LYS CE  HE2  sing N N 294 
LYS CE  HE3  sing N N 295 
LYS NZ  HZ1  sing N N 296 
LYS NZ  HZ2  sing N N 297 
LYS NZ  HZ3  sing N N 298 
LYS OXT HXT  sing N N 299 
MET N   CA   sing N N 300 
MET N   H    sing N N 301 
MET N   H2   sing N N 302 
MET CA  C    sing N N 303 
MET CA  CB   sing N N 304 
MET CA  HA   sing N N 305 
MET C   O    doub N N 306 
MET C   OXT  sing N N 307 
MET CB  CG   sing N N 308 
MET CB  HB2  sing N N 309 
MET CB  HB3  sing N N 310 
MET CG  SD   sing N N 311 
MET CG  HG2  sing N N 312 
MET CG  HG3  sing N N 313 
MET SD  CE   sing N N 314 
MET CE  HE1  sing N N 315 
MET CE  HE2  sing N N 316 
MET CE  HE3  sing N N 317 
MET OXT HXT  sing N N 318 
PEO O1  O2   sing N N 319 
PEO O1  HO1  sing N N 320 
PEO O2  HO2  sing N N 321 
PER O1  O2   sing N N 322 
PHE N   CA   sing N N 323 
PHE N   H    sing N N 324 
PHE N   H2   sing N N 325 
PHE CA  C    sing N N 326 
PHE CA  CB   sing N N 327 
PHE CA  HA   sing N N 328 
PHE C   O    doub N N 329 
PHE C   OXT  sing N N 330 
PHE CB  CG   sing N N 331 
PHE CB  HB2  sing N N 332 
PHE CB  HB3  sing N N 333 
PHE CG  CD1  doub Y N 334 
PHE CG  CD2  sing Y N 335 
PHE CD1 CE1  sing Y N 336 
PHE CD1 HD1  sing N N 337 
PHE CD2 CE2  doub Y N 338 
PHE CD2 HD2  sing N N 339 
PHE CE1 CZ   doub Y N 340 
PHE CE1 HE1  sing N N 341 
PHE CE2 CZ   sing Y N 342 
PHE CE2 HE2  sing N N 343 
PHE CZ  HZ   sing N N 344 
PHE OXT HXT  sing N N 345 
PRO N   CA   sing N N 346 
PRO N   CD   sing N N 347 
PRO N   H    sing N N 348 
PRO CA  C    sing N N 349 
PRO CA  CB   sing N N 350 
PRO CA  HA   sing N N 351 
PRO C   O    doub N N 352 
PRO C   OXT  sing N N 353 
PRO CB  CG   sing N N 354 
PRO CB  HB2  sing N N 355 
PRO CB  HB3  sing N N 356 
PRO CG  CD   sing N N 357 
PRO CG  HG2  sing N N 358 
PRO CG  HG3  sing N N 359 
PRO CD  HD2  sing N N 360 
PRO CD  HD3  sing N N 361 
PRO OXT HXT  sing N N 362 
SER N   CA   sing N N 363 
SER N   H    sing N N 364 
SER N   H2   sing N N 365 
SER CA  C    sing N N 366 
SER CA  CB   sing N N 367 
SER CA  HA   sing N N 368 
SER C   O    doub N N 369 
SER C   OXT  sing N N 370 
SER CB  OG   sing N N 371 
SER CB  HB2  sing N N 372 
SER CB  HB3  sing N N 373 
SER OG  HG   sing N N 374 
SER OXT HXT  sing N N 375 
SO4 S   O1   doub N N 376 
SO4 S   O2   doub N N 377 
SO4 S   O3   sing N N 378 
SO4 S   O4   sing N N 379 
THR N   CA   sing N N 380 
THR N   H    sing N N 381 
THR N   H2   sing N N 382 
THR CA  C    sing N N 383 
THR CA  CB   sing N N 384 
THR CA  HA   sing N N 385 
THR C   O    doub N N 386 
THR C   OXT  sing N N 387 
THR CB  OG1  sing N N 388 
THR CB  CG2  sing N N 389 
THR CB  HB   sing N N 390 
THR OG1 HG1  sing N N 391 
THR CG2 HG21 sing N N 392 
THR CG2 HG22 sing N N 393 
THR CG2 HG23 sing N N 394 
THR OXT HXT  sing N N 395 
TRP N   CA   sing N N 396 
TRP N   H    sing N N 397 
TRP N   H2   sing N N 398 
TRP CA  C    sing N N 399 
TRP CA  CB   sing N N 400 
TRP CA  HA   sing N N 401 
TRP C   O    doub N N 402 
TRP C   OXT  sing N N 403 
TRP CB  CG   sing N N 404 
TRP CB  HB2  sing N N 405 
TRP CB  HB3  sing N N 406 
TRP CG  CD1  doub Y N 407 
TRP CG  CD2  sing Y N 408 
TRP CD1 NE1  sing Y N 409 
TRP CD1 HD1  sing N N 410 
TRP CD2 CE2  doub Y N 411 
TRP CD2 CE3  sing Y N 412 
TRP NE1 CE2  sing Y N 413 
TRP NE1 HE1  sing N N 414 
TRP CE2 CZ2  sing Y N 415 
TRP CE3 CZ3  doub Y N 416 
TRP CE3 HE3  sing N N 417 
TRP CZ2 CH2  doub Y N 418 
TRP CZ2 HZ2  sing N N 419 
TRP CZ3 CH2  sing Y N 420 
TRP CZ3 HZ3  sing N N 421 
TRP CH2 HH2  sing N N 422 
TRP OXT HXT  sing N N 423 
TYR N   CA   sing N N 424 
TYR N   H    sing N N 425 
TYR N   H2   sing N N 426 
TYR CA  C    sing N N 427 
TYR CA  CB   sing N N 428 
TYR CA  HA   sing N N 429 
TYR C   O    doub N N 430 
TYR C   OXT  sing N N 431 
TYR CB  CG   sing N N 432 
TYR CB  HB2  sing N N 433 
TYR CB  HB3  sing N N 434 
TYR CG  CD1  doub Y N 435 
TYR CG  CD2  sing Y N 436 
TYR CD1 CE1  sing Y N 437 
TYR CD1 HD1  sing N N 438 
TYR CD2 CE2  doub Y N 439 
TYR CD2 HD2  sing N N 440 
TYR CE1 CZ   doub Y N 441 
TYR CE1 HE1  sing N N 442 
TYR CE2 CZ   sing Y N 443 
TYR CE2 HE2  sing N N 444 
TYR CZ  OH   sing N N 445 
TYR OH  HH   sing N N 446 
TYR OXT HXT  sing N N 447 
VAL N   CA   sing N N 448 
VAL N   H    sing N N 449 
VAL N   H2   sing N N 450 
VAL CA  C    sing N N 451 
VAL CA  CB   sing N N 452 
VAL CA  HA   sing N N 453 
VAL C   O    doub N N 454 
VAL C   OXT  sing N N 455 
VAL CB  CG1  sing N N 456 
VAL CB  CG2  sing N N 457 
VAL CB  HB   sing N N 458 
VAL CG1 HG11 sing N N 459 
VAL CG1 HG12 sing N N 460 
VAL CG1 HG13 sing N N 461 
VAL CG2 HG21 sing N N 462 
VAL CG2 HG22 sing N N 463 
VAL CG2 HG23 sing N N 464 
VAL OXT HXT  sing N N 465 
# 
loop_
_pdbx_entity_nonpoly.entity_id 
_pdbx_entity_nonpoly.name 
_pdbx_entity_nonpoly.comp_id 
2 'PROTOPORPHYRIN IX CONTAINING FE' HEM 
3 'PEROXIDE ION'                    PER 
4 'SULFATE ION'                     SO4 
5 GLYCEROL                          GOL 
6 'HYDROGEN PEROXIDE'               PEO 
7 water                             HOH 
# 
_pdbx_initial_refinement_model.id               1 
_pdbx_initial_refinement_model.entity_id_list   ? 
_pdbx_initial_refinement_model.type             'experimental model' 
_pdbx_initial_refinement_model.source_name      PDB 
_pdbx_initial_refinement_model.accession_code   1GJN 
_pdbx_initial_refinement_model.details          'PDB ENTRY 1GJN' 
# 
